data_5I9Q
#
_entry.id   5I9Q
#
_cell.length_a   122.850
_cell.length_b   122.850
_cell.length_c   264.960
_cell.angle_alpha   90.00
_cell.angle_beta   90.00
_cell.angle_gamma   120.00
#
_symmetry.space_group_name_H-M   'P 31 2 1'
#
loop_
_entity.id
_entity.type
_entity.pdbx_description
1 polymer '426c.TM4dV1-3 p120'
2 polymer '3BNC55 Fab heavy chain'
3 polymer '3BNC55 light chain'
4 branched alpha-D-mannopyranose-(1-2)-alpha-D-mannopyranose-(1-3)-[alpha-D-mannopyranose-(1-6)]beta-D-mannopyranose-(1-4)-2-acetamido-2-deoxy-beta-D-glucopyranose-(1-4)-2-acetamido-2-deoxy-beta-D-glucopyranose
5 branched alpha-D-mannopyranose-(1-3)-beta-D-mannopyranose-(1-4)-2-acetamido-2-deoxy-beta-D-glucopyranose-(1-4)-2-acetamido-2-deoxy-beta-D-glucopyranose
6 non-polymer 2-acetamido-2-deoxy-beta-D-glucopyranose
7 non-polymer 1,2-ETHANEDIOL
8 non-polymer 'TRIETHYLENE GLYCOL'
#
loop_
_entity_poly.entity_id
_entity_poly.type
_entity_poly.pdbx_seq_one_letter_code
_entity_poly.pdbx_strand_id
1 'polypeptide(L)'
;VWKEAKTTLFCASDAKAYEKECHNVWATHACVPTDPNPQEVVLEQVTENFNMWKNDMVDQMQEDVISIWDQCLKPCVKLT
NTSTLTQACPKVTFDPIPIHYCAPAGYAILKCNNKTFNGKGPCNNVSTVQCTHGIKPVVSTQLLLNGSLAEEEIVIRSKN
LRDNAKIIIVQLQKSVEIVCTRPNNGGSGSGGDIRQAYCQISGRNWSEAVNQVKKKLKEHFPHKNISFQSSSGGDLEITT
HSFNCGGEFFYCNTSGLFQDTISNATIMLPCRIKQIINMWQEVGKAIYAPPIKGQITCKSDITGLLLLRDGGDTTDNTEI
FRPSGGDMRDNWRSELYKYKVVEIKPLHHHHHH
;
A,G
2 'polypeptide(L)'
;QVQLVQSGTAVKRPGASVRVSCQASGYTFTDYFIYWWRQAPGQGLEWLGWINPLTSQPSYPSRFQGRLTLTRDTFDEMLY
MDLRGLRSDDTGIYFCARRHSDYCDFDIWGSGTQIIVSSASTKGPSVFPLAPSSKSTSGGTAALGCLVKDYFPEPVTVSW
NSGALTSGVHTFPAVLQSSGLYSLSSVVTVPSSSLGTQTYICNVNHKPSNTKVDKRVEPKSCDKT
;
B,H
3 'polypeptide(L)'
;DIQMTQSPSSLSASVGDKVTITCQTSAGYLNWYQQRRGRAPKLLMYDGSRLVTGVPSRFSGRRWGTQYNLTIGSLQPEDI
ATYYCQVYEFFGPGTRLDLKRTVAAPSVFIFPPSDEQLKSGTASVVCLLNNFYPREAKVQWKVDNALQSGNSQESVTEQD
SKDSTYSLSSTLTLSKADYEKHKVYACEVTHQGLSSPVTKSFNRGEC
;
C,L
#
loop_
_chem_comp.id
_chem_comp.type
_chem_comp.name
_chem_comp.formula
BMA D-saccharide, beta linking beta-D-mannopyranose 'C6 H12 O6'
EDO non-polymer 1,2-ETHANEDIOL 'C2 H6 O2'
MAN D-saccharide, alpha linking alpha-D-mannopyranose 'C6 H12 O6'
NAG D-saccharide, beta linking 2-acetamido-2-deoxy-beta-D-glucopyranose 'C8 H15 N O6'
PGE non-polymer 'TRIETHYLENE GLYCOL' 'C6 H14 O4'
#
# COMPACT_ATOMS: atom_id res chain seq x y z
N TRP A 2 -2.46 47.85 22.07
CA TRP A 2 -1.37 48.53 21.37
C TRP A 2 -0.01 47.96 21.78
N LYS A 3 -0.03 46.90 22.56
CA LYS A 3 1.20 46.27 23.02
C LYS A 3 1.27 44.83 22.54
N GLU A 4 2.44 44.39 22.10
CA GLU A 4 2.58 43.03 21.63
C GLU A 4 2.25 42.15 22.84
N ALA A 5 1.46 41.11 22.61
CA ALA A 5 1.06 40.24 23.70
C ALA A 5 1.07 38.76 23.34
N LYS A 6 1.18 37.92 24.35
CA LYS A 6 1.20 36.49 24.17
C LYS A 6 0.46 35.80 25.29
N THR A 7 -0.68 35.20 24.99
CA THR A 7 -1.47 34.51 26.01
C THR A 7 -2.30 33.43 25.34
N THR A 8 -2.83 32.53 26.17
CA THR A 8 -3.70 31.47 25.67
C THR A 8 -5.04 32.05 25.25
N LEU A 9 -5.57 31.55 24.13
CA LEU A 9 -6.82 32.00 23.56
C LEU A 9 -7.86 30.89 23.64
N PHE A 10 -9.08 31.20 23.22
CA PHE A 10 -10.15 30.23 23.17
C PHE A 10 -10.78 30.22 21.78
N CYS A 11 -11.41 29.11 21.46
CA CYS A 11 -12.04 28.90 20.16
C CYS A 11 -13.55 29.04 20.30
N ALA A 12 -14.18 29.61 19.27
CA ALA A 12 -15.62 29.67 19.17
C ALA A 12 -16.06 29.01 17.88
N SER A 13 -17.04 28.11 17.97
CA SER A 13 -17.49 27.32 16.84
C SER A 13 -19.02 27.35 16.80
N ASP A 14 -19.57 26.76 15.74
CA ASP A 14 -20.99 26.44 15.66
C ASP A 14 -21.25 24.98 16.00
N ALA A 15 -20.35 24.37 16.77
CA ALA A 15 -20.43 22.94 17.06
C ALA A 15 -21.75 22.58 17.73
N LYS A 16 -22.43 21.59 17.16
CA LYS A 16 -23.73 21.13 17.67
C LYS A 16 -23.52 19.88 18.50
N ALA A 17 -24.13 19.84 19.69
CA ALA A 17 -23.92 18.72 20.60
C ALA A 17 -24.53 17.43 20.07
N TYR A 18 -25.60 17.53 19.27
CA TYR A 18 -26.28 16.36 18.72
C TYR A 18 -25.55 15.76 17.52
N GLU A 19 -24.31 16.17 17.26
CA GLU A 19 -23.60 15.79 16.05
C GLU A 19 -22.56 14.73 16.37
N LYS A 20 -22.55 13.65 15.60
CA LYS A 20 -21.56 12.59 15.74
C LYS A 20 -20.28 12.87 14.97
N GLU A 21 -20.28 13.89 14.10
CA GLU A 21 -19.07 14.28 13.40
C GLU A 21 -17.99 14.68 14.40
N CYS A 22 -16.76 14.25 14.14
CA CYS A 22 -15.73 14.30 15.18
C CYS A 22 -15.28 15.73 15.47
N HIS A 23 -15.13 16.56 14.43
CA HIS A 23 -14.74 17.95 14.68
C HIS A 23 -15.71 18.63 15.65
N ASN A 24 -17.01 18.42 15.46
CA ASN A 24 -17.99 18.98 16.38
C ASN A 24 -17.80 18.41 17.78
N VAL A 25 -17.71 17.09 17.90
CA VAL A 25 -17.49 16.45 19.20
C VAL A 25 -16.35 17.13 19.93
N TRP A 26 -15.23 17.34 19.23
CA TRP A 26 -14.09 18.03 19.84
C TRP A 26 -14.40 19.51 20.04
N ALA A 27 -15.16 20.11 19.12
CA ALA A 27 -15.43 21.54 19.20
C ALA A 27 -16.50 21.86 20.23
N THR A 28 -17.58 21.07 20.28
CA THR A 28 -18.58 21.26 21.34
C THR A 28 -17.93 21.23 22.71
N HIS A 29 -16.98 20.32 22.90
CA HIS A 29 -16.38 20.09 24.21
C HIS A 29 -15.29 21.10 24.54
N ALA A 30 -14.66 21.70 23.53
CA ALA A 30 -13.50 22.55 23.74
C ALA A 30 -13.69 24.00 23.32
N CYS A 31 -14.82 24.37 22.72
CA CYS A 31 -15.03 25.72 22.22
C CYS A 31 -16.37 26.25 22.72
N VAL A 32 -16.47 27.58 22.79
CA VAL A 32 -17.69 28.25 23.23
C VAL A 32 -18.43 28.76 22.01
N PRO A 33 -19.76 28.88 22.04
CA PRO A 33 -20.50 29.26 20.83
C PRO A 33 -19.99 30.56 20.22
N THR A 34 -20.15 30.68 18.90
CA THR A 34 -19.76 31.90 18.20
C THR A 34 -20.51 33.09 18.77
N ASP A 35 -19.79 34.18 19.00
CA ASP A 35 -20.41 35.38 19.53
C ASP A 35 -21.50 35.85 18.55
N PRO A 36 -22.73 36.08 19.02
CA PRO A 36 -23.82 36.36 18.07
C PRO A 36 -23.57 37.57 17.19
N ASN A 37 -23.01 38.63 17.76
CA ASN A 37 -22.79 39.88 17.02
C ASN A 37 -21.31 40.19 16.97
N PRO A 38 -20.66 40.11 15.79
CA PRO A 38 -19.22 40.43 15.73
C PRO A 38 -18.96 41.93 15.82
N GLN A 39 -18.32 42.37 16.90
CA GLN A 39 -18.01 43.78 17.10
C GLN A 39 -16.60 44.07 16.58
N GLU A 40 -16.52 44.96 15.59
CA GLU A 40 -15.26 45.35 14.98
C GLU A 40 -15.15 46.86 15.01
N VAL A 41 -14.00 47.38 15.43
CA VAL A 41 -13.76 48.81 15.57
C VAL A 41 -12.59 49.18 14.68
N VAL A 42 -12.86 49.98 13.66
CA VAL A 42 -11.82 50.52 12.79
C VAL A 42 -11.17 51.71 13.48
N LEU A 43 -9.86 51.84 13.33
CA LEU A 43 -9.11 52.99 13.83
C LEU A 43 -8.75 53.86 12.65
N GLU A 44 -9.23 55.11 12.66
CA GLU A 44 -9.18 55.93 11.45
C GLU A 44 -7.76 56.34 11.07
N GLN A 45 -6.87 56.54 12.04
CA GLN A 45 -5.49 56.93 11.77
C GLN A 45 -4.56 56.09 12.65
N VAL A 46 -3.93 55.07 12.06
CA VAL A 46 -3.14 54.11 12.83
C VAL A 46 -2.08 53.44 11.97
N THR A 47 -1.20 52.68 12.64
CA THR A 47 -0.21 51.83 11.98
C THR A 47 0.40 50.89 13.02
N GLU A 48 0.60 49.64 12.62
CA GLU A 48 1.27 48.65 13.45
C GLU A 48 2.00 47.69 12.53
N ASN A 49 3.04 47.04 13.06
CA ASN A 49 3.86 46.12 12.29
C ASN A 49 3.43 44.67 12.56
N PHE A 50 3.12 43.96 11.48
CA PHE A 50 2.68 42.58 11.55
C PHE A 50 3.78 41.64 11.07
N ASN A 51 3.87 40.48 11.70
CA ASN A 51 4.78 39.41 11.26
C ASN A 51 3.97 38.11 11.25
N MET A 52 3.54 37.69 10.06
CA MET A 52 2.80 36.44 9.93
C MET A 52 3.68 35.23 10.18
N TRP A 53 5.00 35.35 10.01
CA TRP A 53 5.89 34.21 10.12
C TRP A 53 6.31 33.92 11.55
N LYS A 54 6.13 34.88 12.47
CA LYS A 54 6.46 34.70 13.88
C LYS A 54 5.22 35.10 14.70
N ASN A 55 4.21 34.22 14.70
CA ASN A 55 2.94 34.47 15.37
C ASN A 55 2.59 33.27 16.23
N ASP A 56 2.32 33.52 17.51
CA ASP A 56 1.94 32.44 18.42
C ASP A 56 0.55 31.90 18.11
N MET A 57 -0.30 32.68 17.43
CA MET A 57 -1.62 32.19 17.06
C MET A 57 -1.51 30.92 16.22
N VAL A 58 -0.60 30.92 15.26
CA VAL A 58 -0.39 29.75 14.41
C VAL A 58 0.00 28.55 15.25
N ASP A 59 1.05 28.71 16.08
CA ASP A 59 1.48 27.62 16.94
C ASP A 59 0.37 27.17 17.88
N GLN A 60 -0.59 28.04 18.19
CA GLN A 60 -1.70 27.65 19.04
C GLN A 60 -2.67 26.75 18.29
N MET A 61 -3.08 27.15 17.09
CA MET A 61 -3.93 26.29 16.28
C MET A 61 -3.23 24.99 15.94
N GLN A 62 -1.92 25.04 15.74
CA GLN A 62 -1.15 23.81 15.55
C GLN A 62 -1.42 22.82 16.68
N GLU A 63 -1.27 23.28 17.92
CA GLU A 63 -1.57 22.42 19.07
C GLU A 63 -3.02 21.96 19.06
N ASP A 64 -3.93 22.80 18.54
CA ASP A 64 -5.33 22.43 18.51
C ASP A 64 -5.62 21.41 17.41
N VAL A 65 -5.19 21.70 16.17
CA VAL A 65 -5.47 20.78 15.07
C VAL A 65 -4.79 19.44 15.33
N ILE A 66 -3.63 19.43 15.98
CA ILE A 66 -3.01 18.17 16.39
C ILE A 66 -3.91 17.42 17.36
N SER A 67 -4.49 18.14 18.32
CA SER A 67 -5.37 17.50 19.29
C SER A 67 -6.58 16.89 18.61
N ILE A 68 -7.20 17.64 17.69
CA ILE A 68 -8.37 17.14 16.98
C ILE A 68 -8.06 15.79 16.34
N TRP A 69 -6.99 15.73 15.56
CA TRP A 69 -6.64 14.50 14.86
C TRP A 69 -6.35 13.36 15.82
N ASP A 70 -6.04 13.66 17.08
CA ASP A 70 -5.83 12.60 18.05
C ASP A 70 -7.15 11.96 18.48
N GLN A 71 -8.23 12.73 18.53
CA GLN A 71 -9.54 12.17 18.82
C GLN A 71 -10.16 11.52 17.60
N CYS A 72 -9.98 12.11 16.42
CA CYS A 72 -10.67 11.65 15.22
C CYS A 72 -9.95 10.47 14.57
N LEU A 73 -8.71 10.69 14.14
CA LEU A 73 -8.01 9.74 13.28
C LEU A 73 -6.93 9.04 14.11
N LYS A 74 -7.33 7.95 14.77
CA LYS A 74 -6.41 7.17 15.56
C LYS A 74 -5.79 6.08 14.69
N PRO A 75 -4.47 6.05 14.52
CA PRO A 75 -3.87 4.99 13.72
C PRO A 75 -3.93 3.64 14.41
N CYS A 76 -3.97 2.58 13.59
CA CYS A 76 -3.84 1.23 14.13
C CYS A 76 -2.46 1.02 14.73
N VAL A 77 -1.44 1.64 14.14
CA VAL A 77 -0.05 1.48 14.58
C VAL A 77 0.65 2.83 14.40
N LYS A 78 1.40 3.26 15.42
CA LYS A 78 2.11 4.53 15.40
C LYS A 78 3.57 4.27 15.76
N LEU A 79 4.48 4.48 14.80
CA LEU A 79 5.91 4.32 15.02
C LEU A 79 6.55 5.70 15.06
N THR A 80 7.24 6.00 16.16
CA THR A 80 8.07 7.18 16.28
C THR A 80 9.48 6.73 16.65
N ASN A 81 10.36 7.70 16.92
CA ASN A 81 11.76 7.37 17.17
C ASN A 81 11.94 6.62 18.48
N THR A 82 11.08 6.86 19.47
CA THR A 82 11.21 6.24 20.79
C THR A 82 10.11 5.26 21.14
N SER A 83 8.97 5.25 20.42
CA SER A 83 7.80 4.52 20.89
C SER A 83 7.19 3.72 19.75
N THR A 84 6.53 2.62 20.14
CA THR A 84 5.75 1.79 19.24
C THR A 84 4.36 1.62 19.84
N LEU A 85 3.32 1.89 19.05
CA LEU A 85 1.95 1.82 19.54
C LEU A 85 1.13 0.91 18.64
N THR A 86 0.32 0.06 19.26
CA THR A 86 -0.74 -0.69 18.60
C THR A 86 -2.02 -0.44 19.37
N GLN A 87 -3.11 -0.12 18.67
CA GLN A 87 -4.35 0.24 19.34
C GLN A 87 -5.51 0.07 18.36
N ALA A 88 -6.71 0.32 18.87
CA ALA A 88 -7.92 0.27 18.05
C ALA A 88 -7.98 1.49 17.14
N CYS A 89 -8.33 1.27 15.88
CA CYS A 89 -8.38 2.32 14.86
C CYS A 89 -9.78 2.36 14.24
N PRO A 90 -10.76 2.86 14.98
CA PRO A 90 -12.13 2.93 14.44
C PRO A 90 -12.29 4.05 13.43
N LYS A 91 -13.13 3.81 12.44
CA LYS A 91 -13.45 4.82 11.44
C LYS A 91 -14.40 5.87 12.03
N VAL A 92 -14.40 7.05 11.41
CA VAL A 92 -15.12 8.19 11.94
C VAL A 92 -15.65 9.04 10.79
N THR A 93 -16.73 9.78 11.05
CA THR A 93 -17.25 10.75 10.10
C THR A 93 -16.45 12.05 10.20
N PHE A 94 -15.79 12.43 9.12
CA PHE A 94 -14.79 13.49 9.13
C PHE A 94 -15.25 14.66 8.26
N ASP A 95 -15.25 15.86 8.85
CA ASP A 95 -15.54 17.08 8.10
C ASP A 95 -14.92 18.26 8.83
N PRO A 96 -14.14 19.11 8.16
CA PRO A 96 -13.68 20.35 8.80
C PRO A 96 -14.84 21.31 9.05
N ILE A 97 -14.90 21.87 10.25
CA ILE A 97 -15.86 22.92 10.56
C ILE A 97 -15.09 24.21 10.86
N PRO A 98 -15.61 25.38 10.51
CA PRO A 98 -14.87 26.62 10.78
C PRO A 98 -14.60 26.82 12.27
N ILE A 99 -13.38 27.23 12.57
CA ILE A 99 -12.97 27.56 13.93
C ILE A 99 -12.69 29.05 14.00
N HIS A 100 -13.28 29.72 14.98
CA HIS A 100 -12.99 31.11 15.28
C HIS A 100 -12.03 31.18 16.46
N TYR A 101 -11.04 32.06 16.36
CA TYR A 101 -10.06 32.26 17.43
C TYR A 101 -10.24 33.63 18.03
N CYS A 102 -10.39 33.67 19.35
CA CYS A 102 -10.77 34.88 20.07
C CYS A 102 -9.77 35.18 21.16
N ALA A 103 -9.76 36.44 21.63
CA ALA A 103 -8.85 36.82 22.69
C ALA A 103 -9.56 36.85 24.04
N PRO A 104 -8.91 36.38 25.12
CA PRO A 104 -9.57 36.39 26.43
C PRO A 104 -9.70 37.78 27.01
N ALA A 105 -10.20 37.87 28.24
CA ALA A 105 -10.34 39.17 28.90
C ALA A 105 -8.97 39.83 29.06
N GLY A 106 -8.93 41.14 28.84
CA GLY A 106 -7.71 41.90 28.91
C GLY A 106 -6.90 41.91 27.64
N TYR A 107 -7.36 41.23 26.58
CA TYR A 107 -6.64 41.15 25.33
C TYR A 107 -7.60 41.38 24.18
N ALA A 108 -7.04 41.80 23.04
CA ALA A 108 -7.80 42.03 21.83
C ALA A 108 -6.95 41.63 20.64
N ILE A 109 -7.57 41.61 19.46
CA ILE A 109 -6.92 41.16 18.23
C ILE A 109 -6.92 42.29 17.22
N LEU A 110 -5.79 42.46 16.53
CA LEU A 110 -5.66 43.43 15.46
C LEU A 110 -5.72 42.71 14.11
N LYS A 111 -6.57 43.22 13.21
CA LYS A 111 -6.79 42.60 11.91
C LYS A 111 -6.48 43.62 10.83
N CYS A 112 -5.56 43.27 9.94
CA CYS A 112 -5.25 44.13 8.81
C CYS A 112 -6.36 44.04 7.76
N ASN A 113 -6.97 45.18 7.45
CA ASN A 113 -8.00 45.25 6.43
C ASN A 113 -7.48 45.77 5.09
N ASN A 114 -6.19 46.08 5.01
CA ASN A 114 -5.58 46.43 3.73
C ASN A 114 -5.61 45.22 2.81
N LYS A 115 -6.28 45.38 1.65
CA LYS A 115 -6.60 44.24 0.81
C LYS A 115 -5.38 43.55 0.22
N THR A 116 -4.23 44.23 0.17
CA THR A 116 -3.04 43.69 -0.49
C THR A 116 -1.86 43.57 0.47
N PHE A 117 -2.13 43.26 1.73
CA PHE A 117 -1.05 43.13 2.70
C PHE A 117 -0.31 41.82 2.49
N ASN A 118 1.02 41.91 2.47
CA ASN A 118 1.85 40.74 2.23
C ASN A 118 2.25 40.02 3.51
N GLY A 119 1.80 40.50 4.68
CA GLY A 119 1.94 39.76 5.91
C GLY A 119 3.12 40.16 6.78
N LYS A 120 4.05 40.96 6.26
CA LYS A 120 5.22 41.36 7.04
C LYS A 120 5.42 42.86 6.88
N GLY A 121 5.49 43.57 8.02
CA GLY A 121 5.75 44.98 8.04
C GLY A 121 4.52 45.79 8.42
N PRO A 122 4.55 47.08 8.10
CA PRO A 122 3.44 47.95 8.50
C PRO A 122 2.23 47.85 7.57
N CYS A 123 1.06 48.01 8.17
CA CYS A 123 -0.18 48.19 7.44
C CYS A 123 -0.83 49.49 7.91
N ASN A 124 -1.11 50.40 6.98
CA ASN A 124 -1.59 51.72 7.35
C ASN A 124 -3.00 51.69 7.94
N ASN A 125 -3.74 50.61 7.73
CA ASN A 125 -5.14 50.51 8.10
C ASN A 125 -5.33 49.30 9.02
N VAL A 126 -5.99 49.52 10.15
CA VAL A 126 -6.06 48.54 11.23
C VAL A 126 -7.47 48.48 11.77
N SER A 127 -7.81 47.35 12.38
CA SER A 127 -9.10 47.16 13.02
C SER A 127 -8.92 46.24 14.23
N THR A 128 -9.96 46.15 15.05
CA THR A 128 -9.91 45.33 16.25
C THR A 128 -11.22 44.55 16.39
N VAL A 129 -11.09 43.22 16.55
CA VAL A 129 -12.23 42.34 16.79
C VAL A 129 -11.86 41.38 17.90
N GLN A 130 -12.89 40.84 18.55
CA GLN A 130 -12.66 39.85 19.60
C GLN A 130 -12.35 38.48 18.98
N CYS A 131 -12.98 38.13 17.87
CA CYS A 131 -12.90 36.80 17.29
C CYS A 131 -12.53 36.87 15.82
N THR A 132 -11.68 35.94 15.39
CA THR A 132 -11.28 35.78 14.01
C THR A 132 -12.39 35.09 13.21
N HIS A 133 -12.36 35.31 11.89
CA HIS A 133 -13.29 34.63 11.00
C HIS A 133 -13.09 33.13 11.09
N GLY A 134 -14.14 32.39 10.76
CA GLY A 134 -14.09 30.94 10.82
C GLY A 134 -13.06 30.38 9.87
N ILE A 135 -12.15 29.56 10.39
CA ILE A 135 -11.10 28.93 9.61
C ILE A 135 -11.25 27.43 9.73
N LYS A 136 -11.49 26.76 8.62
CA LYS A 136 -11.45 25.31 8.60
C LYS A 136 -10.01 24.86 8.74
N PRO A 137 -9.67 23.89 9.72
CA PRO A 137 -8.30 23.39 9.83
C PRO A 137 -7.98 22.32 8.78
N VAL A 138 -8.10 22.71 7.51
CA VAL A 138 -7.90 21.75 6.43
C VAL A 138 -6.41 21.44 6.33
N VAL A 139 -6.07 20.16 6.45
CA VAL A 139 -4.70 19.69 6.38
C VAL A 139 -4.46 19.24 4.95
N SER A 140 -3.49 19.87 4.28
CA SER A 140 -3.18 19.52 2.91
C SER A 140 -1.78 19.98 2.57
N THR A 141 -1.29 19.51 1.42
CA THR A 141 -0.02 19.92 0.87
C THR A 141 -0.22 20.46 -0.54
N GLN A 142 0.74 21.26 -0.99
CA GLN A 142 0.73 21.80 -2.34
C GLN A 142 -0.44 22.77 -2.55
N LEU A 143 -1.67 22.27 -2.46
CA LEU A 143 -2.85 23.09 -2.67
C LEU A 143 -3.50 23.45 -1.34
N LEU A 144 -3.87 24.72 -1.20
CA LEU A 144 -4.61 25.19 -0.03
C LEU A 144 -6.10 25.12 -0.33
N LEU A 145 -6.85 24.46 0.55
CA LEU A 145 -8.25 24.15 0.32
C LEU A 145 -9.12 24.82 1.37
N ASN A 146 -10.26 25.35 0.91
CA ASN A 146 -11.33 25.80 1.81
C ASN A 146 -10.86 26.89 2.75
N GLY A 147 -10.10 27.84 2.22
CA GLY A 147 -9.66 28.98 2.99
C GLY A 147 -10.31 30.25 2.49
N SER A 148 -10.02 31.33 3.20
CA SER A 148 -10.49 32.64 2.77
C SER A 148 -9.70 33.09 1.55
N LEU A 149 -10.36 33.88 0.71
CA LEU A 149 -9.85 34.26 -0.60
C LEU A 149 -9.53 35.76 -0.61
N ALA A 150 -8.58 36.14 -1.46
CA ALA A 150 -8.10 37.51 -1.50
C ALA A 150 -9.11 38.42 -2.19
N GLU A 151 -9.25 39.64 -1.65
CA GLU A 151 -10.32 40.53 -2.10
C GLU A 151 -10.01 41.11 -3.49
N GLU A 152 -8.85 41.74 -3.64
CA GLU A 152 -8.54 42.52 -4.83
C GLU A 152 -7.66 41.79 -5.83
N GLU A 153 -6.54 41.23 -5.37
CA GLU A 153 -5.57 40.64 -6.29
C GLU A 153 -4.79 39.54 -5.57
N ILE A 154 -4.17 38.68 -6.37
CA ILE A 154 -3.32 37.64 -5.81
C ILE A 154 -2.25 38.28 -4.93
N VAL A 155 -1.89 37.58 -3.86
CA VAL A 155 -0.88 38.03 -2.91
C VAL A 155 0.21 36.97 -2.84
N ILE A 156 1.45 37.43 -2.73
CA ILE A 156 2.62 36.56 -2.59
C ILE A 156 3.15 36.73 -1.18
N ARG A 157 3.19 35.66 -0.41
CA ARG A 157 3.70 35.78 0.94
C ARG A 157 4.97 34.95 1.06
N SER A 158 6.01 35.62 1.53
CA SER A 158 7.33 35.03 1.72
C SER A 158 8.08 35.84 2.75
N LYS A 159 8.66 35.15 3.75
CA LYS A 159 9.53 35.84 4.69
C LYS A 159 10.72 36.45 3.98
N ASN A 160 11.25 35.75 2.97
CA ASN A 160 12.32 36.30 2.14
C ASN A 160 12.30 35.54 0.82
N LEU A 161 11.95 36.23 -0.27
CA LEU A 161 11.91 35.58 -1.57
C LEU A 161 13.32 35.22 -2.06
N ARG A 162 14.31 36.06 -1.76
CA ARG A 162 15.69 35.74 -2.13
C ARG A 162 16.19 34.51 -1.39
N ASP A 163 15.53 34.12 -0.31
CA ASP A 163 15.83 32.89 0.41
C ASP A 163 15.02 31.77 -0.22
N ASN A 164 15.66 30.98 -1.09
CA ASN A 164 14.95 29.92 -1.80
C ASN A 164 14.39 28.87 -0.85
N ALA A 165 14.95 28.76 0.35
CA ALA A 165 14.46 27.79 1.33
C ALA A 165 13.21 28.27 2.06
N LYS A 166 12.75 29.48 1.81
CA LYS A 166 11.56 30.01 2.45
C LYS A 166 10.33 29.66 1.62
N ILE A 167 9.40 28.94 2.24
CA ILE A 167 8.17 28.59 1.56
C ILE A 167 7.48 29.85 1.07
N ILE A 168 6.72 29.71 -0.02
CA ILE A 168 6.02 30.83 -0.63
C ILE A 168 4.54 30.50 -0.63
N ILE A 169 3.78 31.17 0.23
CA ILE A 169 2.34 31.01 0.30
C ILE A 169 1.70 31.96 -0.70
N VAL A 170 0.77 31.45 -1.50
CA VAL A 170 0.06 32.23 -2.51
C VAL A 170 -1.42 32.23 -2.14
N GLN A 171 -2.03 33.42 -2.13
CA GLN A 171 -3.44 33.58 -1.87
C GLN A 171 -4.12 34.04 -3.15
N LEU A 172 -5.12 33.28 -3.59
CA LEU A 172 -5.73 33.51 -4.89
C LEU A 172 -6.87 34.51 -4.80
N GLN A 173 -7.23 35.07 -5.96
CA GLN A 173 -8.46 35.82 -6.11
C GLN A 173 -9.52 35.06 -6.90
N LYS A 174 -9.17 33.91 -7.48
CA LYS A 174 -10.10 33.10 -8.26
C LYS A 174 -10.04 31.66 -7.74
N SER A 175 -11.02 31.30 -6.93
CA SER A 175 -11.12 29.92 -6.46
C SER A 175 -11.31 28.98 -7.64
N VAL A 176 -10.60 27.85 -7.62
CA VAL A 176 -10.69 26.84 -8.66
C VAL A 176 -11.22 25.57 -8.02
N GLU A 177 -12.33 25.07 -8.53
CA GLU A 177 -12.97 23.90 -7.96
C GLU A 177 -12.15 22.65 -8.28
N ILE A 178 -11.94 21.82 -7.26
CA ILE A 178 -11.29 20.52 -7.39
C ILE A 178 -12.21 19.48 -6.78
N VAL A 179 -12.46 18.40 -7.51
CA VAL A 179 -13.24 17.28 -7.02
C VAL A 179 -12.36 16.05 -7.04
N CYS A 180 -12.24 15.39 -5.88
CA CYS A 180 -11.49 14.14 -5.76
C CYS A 180 -12.46 13.05 -5.30
N THR A 181 -12.55 11.99 -6.06
CA THR A 181 -13.48 10.94 -5.69
C THR A 181 -12.86 9.58 -5.67
N ARG A 182 -13.44 8.70 -4.88
CA ARG A 182 -12.99 7.34 -4.87
C ARG A 182 -14.30 6.75 -5.32
N PRO A 183 -14.30 6.15 -6.57
CA PRO A 183 -15.62 5.65 -6.99
C PRO A 183 -16.16 4.45 -6.22
N ASN A 184 -17.48 4.37 -6.13
CA ASN A 184 -18.11 3.29 -5.39
C ASN A 184 -17.86 1.95 -6.07
N ASN A 185 -17.61 0.94 -5.24
CA ASN A 185 -17.44 -0.43 -5.72
C ASN A 185 -17.74 -1.38 -4.56
N GLY A 186 -18.12 -2.59 -4.91
CA GLY A 186 -18.63 -3.52 -3.91
C GLY A 186 -17.59 -4.28 -3.13
N GLY A 187 -17.32 -3.83 -1.91
CA GLY A 187 -16.62 -4.61 -0.92
C GLY A 187 -15.11 -4.60 -1.09
N SER A 188 -14.42 -5.01 -0.02
CA SER A 188 -12.97 -5.18 -0.03
C SER A 188 -12.56 -6.59 -0.44
N GLY A 189 -13.44 -7.58 -0.25
CA GLY A 189 -13.11 -8.94 -0.62
C GLY A 189 -13.16 -9.20 -2.11
N SER A 190 -14.01 -8.47 -2.83
CA SER A 190 -14.13 -8.66 -4.27
C SER A 190 -12.81 -8.29 -4.95
N GLY A 191 -12.79 -8.44 -6.28
CA GLY A 191 -11.58 -8.20 -7.06
C GLY A 191 -11.21 -6.75 -7.23
N GLY A 192 -12.08 -5.82 -6.80
CA GLY A 192 -11.85 -4.42 -7.07
C GLY A 192 -10.73 -3.83 -6.23
N ASP A 193 -10.03 -2.86 -6.81
CA ASP A 193 -8.99 -2.10 -6.10
C ASP A 193 -9.69 -0.95 -5.39
N ILE A 194 -9.91 -1.10 -4.08
CA ILE A 194 -10.65 -0.10 -3.31
C ILE A 194 -9.82 1.10 -2.93
N ARG A 195 -8.57 1.18 -3.38
CA ARG A 195 -7.71 2.33 -3.10
C ARG A 195 -7.45 3.17 -4.34
N GLN A 196 -7.99 2.80 -5.49
CA GLN A 196 -7.88 3.61 -6.69
C GLN A 196 -8.79 4.83 -6.57
N ALA A 197 -8.26 6.00 -6.94
CA ALA A 197 -9.03 7.24 -6.83
C ALA A 197 -8.55 8.20 -7.91
N TYR A 198 -9.30 9.30 -8.07
CA TYR A 198 -8.99 10.29 -9.08
C TYR A 198 -9.60 11.62 -8.66
N CYS A 199 -9.04 12.71 -9.21
CA CYS A 199 -9.64 14.02 -9.10
C CYS A 199 -9.93 14.57 -10.49
N GLN A 200 -10.80 15.58 -10.55
CA GLN A 200 -11.13 16.28 -11.78
C GLN A 200 -11.08 17.78 -11.52
N ILE A 201 -10.15 18.47 -12.18
CA ILE A 201 -10.04 19.91 -12.12
C ILE A 201 -10.19 20.46 -13.54
N SER A 202 -11.01 21.49 -13.69
CA SER A 202 -11.19 22.10 -15.00
C SER A 202 -9.88 22.67 -15.52
N GLY A 203 -9.51 22.28 -16.73
CA GLY A 203 -8.21 22.67 -17.26
C GLY A 203 -8.10 24.16 -17.50
N ARG A 204 -9.12 24.76 -18.12
CA ARG A 204 -9.05 26.18 -18.47
C ARG A 204 -8.98 27.06 -17.22
N ASN A 205 -9.79 26.72 -16.21
CA ASN A 205 -9.80 27.49 -14.97
C ASN A 205 -8.41 27.53 -14.32
N TRP A 206 -7.85 26.35 -14.07
CA TRP A 206 -6.55 26.26 -13.43
C TRP A 206 -5.46 26.88 -14.30
N SER A 207 -5.47 26.55 -15.60
CA SER A 207 -4.44 27.06 -16.50
C SER A 207 -4.42 28.58 -16.52
N GLU A 208 -5.60 29.21 -16.46
CA GLU A 208 -5.66 30.66 -16.44
C GLU A 208 -5.36 31.22 -15.06
N ALA A 209 -5.77 30.52 -14.00
CA ALA A 209 -5.38 30.92 -12.65
C ALA A 209 -3.87 30.89 -12.49
N VAL A 210 -3.22 29.85 -13.01
CA VAL A 210 -1.75 29.76 -12.95
C VAL A 210 -1.13 30.96 -13.65
N ASN A 211 -1.67 31.35 -14.81
CA ASN A 211 -1.13 32.49 -15.53
C ASN A 211 -1.19 33.76 -14.67
N GLN A 212 -2.24 33.90 -13.87
CA GLN A 212 -2.33 35.06 -12.98
C GLN A 212 -1.35 34.95 -11.83
N VAL A 213 -1.13 33.74 -11.31
CA VAL A 213 -0.09 33.54 -10.30
C VAL A 213 1.28 33.82 -10.91
N LYS A 214 1.52 33.27 -12.11
CA LYS A 214 2.78 33.55 -12.81
C LYS A 214 2.96 35.05 -13.03
N LYS A 215 1.88 35.76 -13.30
CA LYS A 215 1.98 37.21 -13.52
C LYS A 215 2.37 37.92 -12.23
N LYS A 216 1.72 37.59 -11.12
CA LYS A 216 2.03 38.25 -9.85
C LYS A 216 3.45 37.94 -9.39
N LEU A 217 3.98 36.77 -9.77
CA LEU A 217 5.34 36.43 -9.38
C LEU A 217 6.38 37.16 -10.22
N LYS A 218 6.07 37.45 -11.48
CA LYS A 218 7.00 38.22 -12.31
C LYS A 218 7.17 39.64 -11.80
N GLU A 219 6.27 40.13 -10.95
CA GLU A 219 6.41 41.46 -10.38
C GLU A 219 7.44 41.48 -9.27
N HIS A 220 7.62 40.38 -8.55
CA HIS A 220 8.67 40.26 -7.55
C HIS A 220 9.98 39.77 -8.13
N PHE A 221 9.95 39.10 -9.29
CA PHE A 221 11.15 38.70 -10.02
C PHE A 221 11.10 39.35 -11.40
N PRO A 222 11.61 40.58 -11.54
CA PRO A 222 11.58 41.23 -12.84
C PRO A 222 12.58 40.60 -13.79
N HIS A 223 12.29 40.73 -15.09
CA HIS A 223 13.22 40.31 -16.15
C HIS A 223 13.48 38.81 -16.14
N LYS A 224 12.54 38.03 -15.62
CA LYS A 224 12.71 36.58 -15.52
C LYS A 224 11.45 35.87 -16.00
N ASN A 225 11.64 34.65 -16.49
CA ASN A 225 10.54 33.78 -16.87
C ASN A 225 10.12 32.94 -15.68
N ILE A 226 8.83 32.67 -15.59
CA ILE A 226 8.24 31.94 -14.46
C ILE A 226 7.81 30.57 -14.95
N SER A 227 8.30 29.53 -14.30
CA SER A 227 8.02 28.15 -14.69
C SER A 227 7.49 27.37 -13.49
N PHE A 228 6.50 26.52 -13.77
CA PHE A 228 5.93 25.61 -12.77
C PHE A 228 6.23 24.19 -13.21
N GLN A 229 6.96 23.45 -12.38
CA GLN A 229 7.31 22.06 -12.65
C GLN A 229 6.97 21.23 -11.42
N SER A 230 6.87 19.92 -11.63
CA SER A 230 6.49 19.02 -10.55
C SER A 230 7.52 19.08 -9.42
N SER A 231 7.16 18.46 -8.29
CA SER A 231 8.02 18.50 -7.11
C SER A 231 9.37 17.85 -7.40
N SER A 232 10.44 18.49 -6.93
CA SER A 232 11.78 17.96 -7.10
C SER A 232 12.01 16.69 -6.30
N GLY A 233 11.14 16.36 -5.36
CA GLY A 233 11.22 15.12 -4.61
C GLY A 233 10.80 15.33 -3.18
N GLY A 234 11.01 14.29 -2.38
CA GLY A 234 10.64 14.27 -0.98
C GLY A 234 9.64 13.18 -0.68
N ASP A 235 9.08 13.24 0.53
CA ASP A 235 8.06 12.29 0.92
C ASP A 235 6.84 12.38 0.00
N LEU A 236 6.08 11.29 -0.05
CA LEU A 236 4.90 11.25 -0.91
C LEU A 236 3.90 12.36 -0.55
N GLU A 237 3.86 12.76 0.71
CA GLU A 237 2.90 13.78 1.13
C GLU A 237 3.16 15.11 0.43
N ILE A 238 4.42 15.39 0.10
CA ILE A 238 4.76 16.65 -0.57
C ILE A 238 4.59 16.52 -2.07
N THR A 239 5.29 15.55 -2.67
CA THR A 239 5.28 15.39 -4.12
C THR A 239 3.89 15.12 -4.69
N THR A 240 2.90 14.88 -3.84
CA THR A 240 1.53 14.72 -4.27
C THR A 240 0.66 15.67 -3.45
N HIS A 241 -0.50 16.03 -4.02
CA HIS A 241 -1.49 16.78 -3.26
C HIS A 241 -2.09 15.86 -2.20
N SER A 242 -1.52 15.88 -1.01
CA SER A 242 -1.97 15.01 0.07
C SER A 242 -2.91 15.79 0.99
N PHE A 243 -3.96 15.12 1.43
CA PHE A 243 -5.02 15.72 2.23
C PHE A 243 -5.91 14.58 2.71
N ASN A 244 -6.85 14.90 3.59
CA ASN A 244 -7.78 13.91 4.12
C ASN A 244 -9.20 14.30 3.73
N CYS A 245 -9.89 13.40 3.03
CA CYS A 245 -11.28 13.57 2.63
C CYS A 245 -12.11 12.47 3.27
N GLY A 246 -12.96 12.84 4.22
CA GLY A 246 -13.85 11.88 4.83
C GLY A 246 -13.15 10.80 5.64
N GLY A 247 -12.09 11.17 6.36
CA GLY A 247 -11.38 10.23 7.19
C GLY A 247 -10.39 9.35 6.47
N GLU A 248 -10.36 9.39 5.14
CA GLU A 248 -9.40 8.63 4.35
C GLU A 248 -8.32 9.55 3.81
N PHE A 249 -7.11 9.03 3.71
CA PHE A 249 -5.96 9.82 3.29
C PHE A 249 -5.80 9.72 1.77
N PHE A 250 -5.90 10.87 1.11
CA PHE A 250 -5.74 10.96 -0.34
C PHE A 250 -4.34 11.43 -0.69
N TYR A 251 -3.75 10.80 -1.69
CA TYR A 251 -2.47 11.22 -2.25
C TYR A 251 -2.67 11.38 -3.75
N CYS A 252 -2.74 12.63 -4.21
CA CYS A 252 -3.12 12.94 -5.58
C CYS A 252 -1.93 13.51 -6.32
N ASN A 253 -1.48 12.78 -7.34
CA ASN A 253 -0.29 13.14 -8.12
C ASN A 253 -0.61 14.34 -9.00
N THR A 254 0.15 15.42 -8.83
CA THR A 254 -0.16 16.71 -9.46
C THR A 254 0.79 17.05 -10.60
N SER A 255 1.28 16.05 -11.34
CA SER A 255 2.08 16.34 -12.52
C SER A 255 1.26 17.03 -13.60
N GLY A 256 -0.06 16.76 -13.63
CA GLY A 256 -0.91 17.39 -14.62
C GLY A 256 -1.24 18.84 -14.31
N LEU A 257 -1.05 19.27 -13.06
CA LEU A 257 -1.39 20.64 -12.67
C LEU A 257 -0.21 21.58 -12.75
N PHE A 258 0.96 21.16 -12.30
CA PHE A 258 2.13 22.03 -12.26
C PHE A 258 2.97 21.79 -13.52
N GLN A 259 2.43 22.31 -14.61
CA GLN A 259 2.99 22.19 -15.94
C GLN A 259 2.98 23.58 -16.56
N ASP A 260 3.96 23.86 -17.42
CA ASP A 260 4.04 25.19 -18.01
C ASP A 260 2.90 25.45 -18.98
N THR A 261 2.55 24.44 -19.79
CA THR A 261 1.42 24.53 -20.72
C THR A 261 0.36 23.55 -20.26
N ILE A 262 -0.79 24.06 -19.85
CA ILE A 262 -1.89 23.25 -19.37
C ILE A 262 -3.00 23.25 -20.41
N SER A 263 -3.55 22.07 -20.68
CA SER A 263 -4.58 21.93 -21.69
C SER A 263 -5.86 22.66 -21.30
N ASN A 264 -6.66 23.04 -22.31
CA ASN A 264 -7.98 23.60 -22.01
C ASN A 264 -8.89 22.56 -21.38
N ALA A 265 -8.89 21.35 -21.91
CA ALA A 265 -9.90 20.38 -21.53
C ALA A 265 -9.76 19.95 -20.07
N THR A 266 -10.83 19.35 -19.55
CA THR A 266 -10.88 18.95 -18.16
C THR A 266 -9.74 17.99 -17.83
N ILE A 267 -9.15 18.17 -16.65
CA ILE A 267 -7.98 17.41 -16.23
C ILE A 267 -8.43 16.30 -15.29
N MET A 268 -7.69 15.18 -15.32
CA MET A 268 -7.94 14.04 -14.45
C MET A 268 -6.64 13.67 -13.76
N LEU A 269 -6.63 13.75 -12.43
CA LEU A 269 -5.44 13.44 -11.64
C LEU A 269 -5.56 12.05 -11.03
N PRO A 270 -4.53 11.20 -11.12
CA PRO A 270 -4.57 9.91 -10.42
C PRO A 270 -4.24 10.08 -8.95
N CYS A 271 -5.03 9.40 -8.11
CA CYS A 271 -4.82 9.42 -6.67
C CYS A 271 -4.77 7.99 -6.13
N ARG A 272 -4.40 7.88 -4.87
CA ARG A 272 -4.31 6.62 -4.15
C ARG A 272 -4.60 6.88 -2.68
N ILE A 273 -5.48 6.07 -2.09
CA ILE A 273 -5.68 6.12 -0.65
C ILE A 273 -4.55 5.35 0.02
N LYS A 274 -3.82 6.02 0.90
CA LYS A 274 -2.68 5.40 1.58
C LYS A 274 -2.95 5.23 3.07
N GLN A 275 -3.06 3.97 3.51
CA GLN A 275 -2.89 3.60 4.90
C GLN A 275 -1.56 4.11 5.50
N ILE A 276 -0.41 3.84 4.87
CA ILE A 276 0.88 4.21 5.45
C ILE A 276 1.15 5.67 5.10
N ILE A 277 1.19 6.52 6.13
CA ILE A 277 1.35 7.96 5.94
C ILE A 277 2.43 8.45 6.89
N ASN A 278 3.13 9.50 6.48
CA ASN A 278 4.11 10.17 7.34
C ASN A 278 3.42 11.29 8.10
N MET A 279 3.53 11.25 9.43
CA MET A 279 2.79 12.18 10.27
C MET A 279 3.39 13.58 10.19
N TRP A 280 2.51 14.57 10.10
CA TRP A 280 2.90 15.97 10.16
C TRP A 280 2.84 16.52 11.58
N GLN A 281 2.10 15.86 12.46
CA GLN A 281 1.98 16.32 13.85
C GLN A 281 3.29 16.11 14.59
N GLU A 282 3.92 14.96 14.37
CA GLU A 282 5.24 14.66 14.91
C GLU A 282 5.96 13.80 13.87
N VAL A 283 7.28 13.73 13.99
CA VAL A 283 8.06 12.97 13.03
C VAL A 283 7.85 11.48 13.31
N GLY A 284 7.19 10.80 12.37
CA GLY A 284 6.94 9.39 12.52
C GLY A 284 5.95 8.91 11.48
N LYS A 285 5.70 7.60 11.52
CA LYS A 285 4.80 6.95 10.58
C LYS A 285 3.58 6.42 11.32
N ALA A 286 2.42 6.55 10.68
CA ALA A 286 1.16 6.07 11.21
C ALA A 286 0.45 5.26 10.13
N ILE A 287 -0.12 4.12 10.53
CA ILE A 287 -0.77 3.19 9.62
C ILE A 287 -2.25 3.13 9.97
N TYR A 288 -3.10 3.34 8.97
CA TYR A 288 -4.54 3.37 9.15
C TYR A 288 -5.20 2.20 8.43
N ALA A 289 -6.44 1.91 8.83
CA ALA A 289 -7.14 0.76 8.31
C ALA A 289 -7.65 1.02 6.89
N PRO A 290 -8.01 -0.02 6.15
CA PRO A 290 -8.36 0.14 4.73
C PRO A 290 -9.50 1.12 4.53
N PRO A 291 -9.75 1.55 3.29
CA PRO A 291 -10.80 2.54 3.06
C PRO A 291 -12.19 1.96 3.20
N ILE A 292 -13.15 2.85 3.48
CA ILE A 292 -14.53 2.44 3.69
C ILE A 292 -15.20 2.18 2.35
N LYS A 293 -16.30 1.45 2.39
CA LYS A 293 -17.08 1.16 1.19
C LYS A 293 -17.83 2.42 0.74
N GLY A 294 -18.27 2.40 -0.51
CA GLY A 294 -19.10 3.47 -1.05
C GLY A 294 -18.29 4.56 -1.73
N GLN A 295 -19.02 5.51 -2.29
CA GLN A 295 -18.40 6.64 -2.98
C GLN A 295 -17.85 7.64 -1.97
N ILE A 296 -16.63 8.08 -2.20
CA ILE A 296 -15.98 9.11 -1.38
C ILE A 296 -15.63 10.27 -2.30
N THR A 297 -16.21 11.44 -2.04
CA THR A 297 -16.00 12.60 -2.88
C THR A 297 -15.78 13.84 -2.02
N CYS A 298 -14.98 14.77 -2.54
CA CYS A 298 -14.74 16.05 -1.88
C CYS A 298 -14.63 17.14 -2.95
N LYS A 299 -15.72 17.89 -3.13
CA LYS A 299 -15.67 19.13 -3.90
C LYS A 299 -15.03 20.20 -3.02
N SER A 300 -13.81 20.60 -3.35
CA SER A 300 -13.08 21.61 -2.60
C SER A 300 -12.69 22.75 -3.53
N ASP A 301 -12.40 23.90 -2.93
CA ASP A 301 -12.01 25.11 -3.66
C ASP A 301 -10.56 25.42 -3.38
N ILE A 302 -9.75 25.47 -4.43
CA ILE A 302 -8.36 25.90 -4.32
C ILE A 302 -8.34 27.41 -4.11
N THR A 303 -7.86 27.85 -2.95
CA THR A 303 -7.75 29.26 -2.63
C THR A 303 -6.32 29.75 -2.46
N GLY A 304 -5.34 28.85 -2.47
CA GLY A 304 -3.95 29.26 -2.32
C GLY A 304 -3.02 28.12 -2.64
N LEU A 305 -1.73 28.44 -2.64
CA LEU A 305 -0.69 27.49 -3.01
C LEU A 305 0.46 27.56 -2.01
N LEU A 306 1.28 26.52 -2.02
CA LEU A 306 2.52 26.43 -1.25
C LEU A 306 3.63 26.11 -2.23
N LEU A 307 4.50 27.09 -2.50
CA LEU A 307 5.47 26.98 -3.57
C LEU A 307 6.89 27.10 -3.03
N LEU A 308 7.82 26.54 -3.80
CA LEU A 308 9.23 26.53 -3.47
C LEU A 308 10.04 26.76 -4.73
N ARG A 309 10.91 27.76 -4.68
CA ARG A 309 11.64 28.20 -5.86
C ARG A 309 12.94 27.44 -6.02
N ASP A 310 13.31 27.17 -7.27
CA ASP A 310 14.58 26.51 -7.57
C ASP A 310 15.73 27.46 -7.25
N GLY A 311 16.73 26.95 -6.51
CA GLY A 311 17.87 27.75 -6.14
C GLY A 311 19.04 27.58 -7.08
N GLY A 312 20.15 28.21 -6.72
CA GLY A 312 21.38 28.08 -7.47
C GLY A 312 21.45 29.02 -8.66
N ASP A 313 22.55 28.89 -9.40
CA ASP A 313 22.73 29.69 -10.60
C ASP A 313 21.63 29.39 -11.61
N THR A 314 21.12 30.44 -12.26
CA THR A 314 19.99 30.32 -13.16
C THR A 314 20.48 29.94 -14.56
N THR A 315 19.92 28.87 -15.11
CA THR A 315 20.40 28.34 -16.39
C THR A 315 19.89 29.15 -17.57
N ASP A 316 18.59 29.45 -17.59
CA ASP A 316 17.95 30.08 -18.74
C ASP A 316 17.27 31.40 -18.39
N ASN A 317 17.68 32.03 -17.28
CA ASN A 317 17.00 33.21 -16.77
C ASN A 317 15.53 32.90 -16.46
N THR A 318 15.24 31.64 -16.19
CA THR A 318 13.90 31.18 -15.85
C THR A 318 13.90 30.76 -14.39
N GLU A 319 13.01 31.39 -13.61
CA GLU A 319 12.84 31.04 -12.20
C GLU A 319 11.75 29.99 -12.09
N ILE A 320 12.11 28.81 -11.57
CA ILE A 320 11.21 27.67 -11.51
C ILE A 320 10.65 27.56 -10.10
N PHE A 321 9.32 27.49 -9.99
CA PHE A 321 8.64 27.26 -8.74
C PHE A 321 7.99 25.87 -8.78
N ARG A 322 8.07 25.15 -7.66
CA ARG A 322 7.51 23.81 -7.59
C ARG A 322 6.53 23.71 -6.43
N PRO A 323 5.72 22.66 -6.38
CA PRO A 323 4.80 22.48 -5.26
C PRO A 323 5.53 21.92 -4.05
N SER A 324 5.08 22.33 -2.87
CA SER A 324 5.71 21.88 -1.64
C SER A 324 4.72 22.02 -0.50
N GLY A 325 5.18 21.66 0.69
CA GLY A 325 4.36 21.69 1.89
C GLY A 325 4.97 20.77 2.95
N GLY A 326 4.09 20.29 3.84
CA GLY A 326 4.47 19.35 4.87
C GLY A 326 4.55 19.95 6.26
N ASP A 327 4.70 21.26 6.37
CA ASP A 327 4.65 21.96 7.65
C ASP A 327 3.29 22.65 7.73
N MET A 328 2.35 22.01 8.42
CA MET A 328 0.98 22.52 8.46
C MET A 328 0.88 23.90 9.10
N ARG A 329 1.90 24.31 9.85
CA ARG A 329 1.88 25.67 10.41
C ARG A 329 1.77 26.70 9.30
N ASP A 330 2.42 26.46 8.16
CA ASP A 330 2.29 27.36 7.02
C ASP A 330 0.86 27.39 6.51
N ASN A 331 0.13 26.26 6.58
CA ASN A 331 -1.27 26.26 6.21
C ASN A 331 -2.06 27.22 7.10
N TRP A 332 -1.77 27.21 8.40
CA TRP A 332 -2.48 28.11 9.31
C TRP A 332 -2.09 29.56 9.06
N ARG A 333 -0.80 29.81 8.81
CA ARG A 333 -0.34 31.16 8.51
C ARG A 333 -1.13 31.77 7.36
N SER A 334 -1.44 30.97 6.33
CA SER A 334 -2.15 31.49 5.17
C SER A 334 -3.46 32.16 5.55
N GLU A 335 -4.04 31.77 6.68
CA GLU A 335 -5.29 32.36 7.17
C GLU A 335 -5.07 33.39 8.27
N LEU A 336 -4.23 33.08 9.25
CA LEU A 336 -4.01 33.94 10.41
C LEU A 336 -2.96 35.02 10.15
N TYR A 337 -2.52 35.19 8.91
CA TYR A 337 -1.52 36.22 8.62
C TYR A 337 -2.02 37.61 9.01
N LYS A 338 -3.32 37.85 8.81
CA LYS A 338 -3.87 39.19 9.01
C LYS A 338 -4.12 39.53 10.48
N TYR A 339 -4.05 38.56 11.37
CA TYR A 339 -4.31 38.83 12.77
C TYR A 339 -3.07 38.82 13.67
N LYS A 340 -3.13 39.62 14.73
CA LYS A 340 -2.05 39.72 15.69
C LYS A 340 -2.62 40.01 17.06
N VAL A 341 -1.88 39.67 18.11
CA VAL A 341 -2.32 39.90 19.47
C VAL A 341 -1.21 40.53 20.31
N VAL B 1 11.26 -50.56 -3.09
CA VAL B 1 9.85 -50.14 -2.86
C VAL B 1 9.37 -50.67 -1.51
N TRP B 2 10.25 -50.64 -0.51
CA TRP B 2 9.94 -51.17 0.80
C TRP B 2 8.88 -50.30 1.48
N LYS B 3 8.55 -50.67 2.72
CA LYS B 3 7.42 -50.07 3.42
C LYS B 3 7.46 -48.55 3.37
N GLU B 4 6.29 -47.96 3.14
CA GLU B 4 6.16 -46.50 3.18
C GLU B 4 6.18 -46.02 4.62
N ALA B 5 7.02 -45.02 4.90
CA ALA B 5 7.17 -44.50 6.25
C ALA B 5 7.77 -43.11 6.15
N LYS B 6 7.63 -42.35 7.24
CA LYS B 6 7.96 -40.93 7.25
C LYS B 6 9.05 -40.66 8.30
N THR B 7 10.12 -39.99 7.87
CA THR B 7 11.16 -39.54 8.77
C THR B 7 11.56 -38.12 8.38
N THR B 8 12.29 -37.46 9.28
CA THR B 8 12.84 -36.15 8.96
C THR B 8 13.92 -36.31 7.89
N LEU B 9 13.79 -35.54 6.81
CA LEU B 9 14.79 -35.56 5.75
C LEU B 9 15.87 -34.52 6.03
N PHE B 10 16.95 -34.58 5.24
CA PHE B 10 18.00 -33.58 5.29
C PHE B 10 18.14 -32.94 3.92
N CYS B 11 18.30 -31.62 3.91
CA CYS B 11 18.35 -30.85 2.67
C CYS B 11 19.77 -30.79 2.13
N ALA B 12 19.88 -30.82 0.81
CA ALA B 12 21.16 -30.67 0.12
C ALA B 12 21.03 -29.56 -0.90
N SER B 13 22.05 -28.70 -0.97
CA SER B 13 22.03 -27.56 -1.88
C SER B 13 23.44 -27.33 -2.43
N ASP B 14 23.53 -26.40 -3.37
CA ASP B 14 24.80 -25.95 -3.93
C ASP B 14 25.21 -24.59 -3.36
N ALA B 15 24.73 -24.26 -2.17
CA ALA B 15 24.97 -22.94 -1.60
C ALA B 15 26.45 -22.66 -1.44
N LYS B 16 26.85 -21.43 -1.75
CA LYS B 16 28.23 -20.98 -1.61
C LYS B 16 28.38 -20.22 -0.31
N ALA B 17 29.43 -20.54 0.45
CA ALA B 17 29.65 -19.89 1.74
C ALA B 17 30.07 -18.43 1.58
N TYR B 18 30.74 -18.10 0.48
CA TYR B 18 31.23 -16.75 0.23
C TYR B 18 30.16 -15.83 -0.36
N GLU B 19 28.93 -16.32 -0.54
CA GLU B 19 27.86 -15.55 -1.16
C GLU B 19 26.91 -15.05 -0.09
N LYS B 20 26.53 -13.78 -0.19
CA LYS B 20 25.73 -13.12 0.83
C LYS B 20 24.22 -13.25 0.61
N GLU B 21 23.79 -13.73 -0.54
CA GLU B 21 22.37 -13.88 -0.81
C GLU B 21 21.75 -14.81 0.24
N CYS B 22 20.55 -14.46 0.69
CA CYS B 22 20.02 -15.04 1.91
C CYS B 22 19.79 -16.54 1.78
N HIS B 23 19.27 -17.00 0.63
CA HIS B 23 19.04 -18.43 0.46
C HIS B 23 20.33 -19.22 0.67
N ASN B 24 21.43 -18.73 0.10
CA ASN B 24 22.72 -19.38 0.34
C ASN B 24 23.07 -19.36 1.82
N VAL B 25 22.96 -18.19 2.46
CA VAL B 25 23.27 -18.10 3.89
C VAL B 25 22.47 -19.12 4.68
N TRP B 26 21.18 -19.22 4.39
CA TRP B 26 20.35 -20.22 5.08
C TRP B 26 20.80 -21.63 4.73
N ALA B 27 21.08 -21.88 3.45
CA ALA B 27 21.36 -23.23 2.99
C ALA B 27 22.66 -23.76 3.57
N THR B 28 23.68 -22.91 3.70
CA THR B 28 24.96 -23.36 4.24
C THR B 28 24.80 -23.91 5.66
N HIS B 29 23.98 -23.24 6.48
CA HIS B 29 23.82 -23.66 7.86
C HIS B 29 22.91 -24.86 8.01
N ALA B 30 21.92 -25.02 7.12
CA ALA B 30 20.89 -26.04 7.27
C ALA B 30 21.08 -27.26 6.38
N CYS B 31 21.92 -27.18 5.34
CA CYS B 31 22.00 -28.22 4.34
C CYS B 31 23.45 -28.69 4.18
N VAL B 32 23.61 -29.81 3.48
CA VAL B 32 24.92 -30.34 3.13
C VAL B 32 25.13 -30.11 1.64
N PRO B 33 26.37 -30.12 1.14
CA PRO B 33 26.57 -29.95 -0.30
C PRO B 33 25.99 -31.12 -1.09
N THR B 34 25.42 -30.81 -2.25
CA THR B 34 24.95 -31.85 -3.15
C THR B 34 26.11 -32.70 -3.62
N ASP B 35 26.05 -33.99 -3.33
CA ASP B 35 27.17 -34.86 -3.68
C ASP B 35 27.20 -35.06 -5.19
N PRO B 36 28.38 -34.98 -5.83
CA PRO B 36 28.42 -34.90 -7.30
C PRO B 36 27.90 -36.11 -8.03
N ASN B 37 27.90 -37.30 -7.42
CA ASN B 37 27.54 -38.54 -8.10
C ASN B 37 26.18 -39.04 -7.62
N PRO B 38 25.09 -38.68 -8.31
CA PRO B 38 23.77 -39.20 -7.93
C PRO B 38 23.52 -40.57 -8.56
N GLN B 39 23.27 -41.57 -7.71
CA GLN B 39 22.98 -42.92 -8.15
C GLN B 39 21.46 -43.15 -8.12
N GLU B 40 20.92 -43.64 -9.24
CA GLU B 40 19.49 -43.92 -9.37
C GLU B 40 19.33 -45.29 -9.99
N VAL B 41 18.43 -46.09 -9.43
CA VAL B 41 18.20 -47.47 -9.87
C VAL B 41 16.73 -47.59 -10.24
N VAL B 42 16.47 -48.01 -11.49
CA VAL B 42 15.10 -48.22 -11.94
C VAL B 42 14.60 -49.56 -11.41
N LEU B 43 13.34 -49.59 -11.01
CA LEU B 43 12.68 -50.80 -10.55
C LEU B 43 11.53 -51.12 -11.48
N GLU B 44 11.53 -52.33 -12.03
CA GLU B 44 10.58 -52.74 -13.05
C GLU B 44 9.77 -53.94 -12.57
N GLN B 45 8.56 -54.07 -13.08
CA GLN B 45 7.56 -55.04 -12.63
C GLN B 45 7.01 -54.69 -11.25
N VAL B 46 7.31 -53.50 -10.76
CA VAL B 46 6.87 -53.03 -9.45
C VAL B 46 5.98 -51.80 -9.68
N THR B 47 4.89 -51.72 -8.93
CA THR B 47 4.01 -50.57 -8.96
C THR B 47 3.75 -50.13 -7.54
N GLU B 48 3.91 -48.83 -7.28
CA GLU B 48 3.67 -48.25 -5.97
C GLU B 48 2.65 -47.14 -6.11
N ASN B 49 1.90 -46.91 -5.03
CA ASN B 49 0.84 -45.92 -5.03
C ASN B 49 1.33 -44.65 -4.37
N PHE B 50 1.40 -43.57 -5.13
CA PHE B 50 1.76 -42.26 -4.64
C PHE B 50 0.51 -41.44 -4.36
N ASN B 51 0.53 -40.70 -3.26
CA ASN B 51 -0.56 -39.79 -2.90
C ASN B 51 0.07 -38.43 -2.60
N MET B 52 0.08 -37.55 -3.61
CA MET B 52 0.70 -36.24 -3.43
C MET B 52 -0.03 -35.42 -2.37
N TRP B 53 -1.33 -35.67 -2.19
CA TRP B 53 -2.13 -34.86 -1.28
C TRP B 53 -1.97 -35.28 0.19
N LYS B 54 -1.25 -36.38 0.46
CA LYS B 54 -1.00 -36.84 1.82
C LYS B 54 0.48 -37.24 1.91
N ASN B 55 1.37 -36.24 1.88
CA ASN B 55 2.81 -36.46 1.86
C ASN B 55 3.45 -35.66 2.97
N ASP B 56 4.22 -36.35 3.83
CA ASP B 56 4.94 -35.66 4.89
C ASP B 56 6.06 -34.79 4.35
N MET B 57 6.61 -35.13 3.18
CA MET B 57 7.63 -34.28 2.58
C MET B 57 7.13 -32.87 2.38
N VAL B 58 5.87 -32.71 1.98
CA VAL B 58 5.31 -31.39 1.71
C VAL B 58 5.32 -30.55 2.97
N ASP B 59 4.68 -31.03 4.03
CA ASP B 59 4.69 -30.30 5.29
C ASP B 59 6.10 -30.00 5.78
N GLN B 60 7.09 -30.77 5.32
CA GLN B 60 8.46 -30.59 5.78
C GLN B 60 9.19 -29.51 4.99
N MET B 61 8.96 -29.44 3.68
CA MET B 61 9.46 -28.30 2.92
C MET B 61 8.83 -27.01 3.41
N GLN B 62 7.56 -27.06 3.79
CA GLN B 62 6.89 -25.87 4.34
C GLN B 62 7.65 -25.32 5.54
N GLU B 63 8.00 -26.20 6.49
CA GLU B 63 8.73 -25.75 7.67
C GLU B 63 10.06 -25.10 7.29
N ASP B 64 10.69 -25.57 6.22
CA ASP B 64 11.97 -24.98 5.81
C ASP B 64 11.77 -23.60 5.22
N VAL B 65 10.79 -23.44 4.30
CA VAL B 65 10.58 -22.16 3.66
C VAL B 65 10.22 -21.09 4.69
N ILE B 66 9.35 -21.44 5.64
CA ILE B 66 9.04 -20.51 6.73
C ILE B 66 10.30 -20.11 7.47
N SER B 67 11.17 -21.09 7.75
CA SER B 67 12.43 -20.78 8.42
C SER B 67 13.29 -19.85 7.59
N ILE B 68 13.36 -20.08 6.27
CA ILE B 68 14.12 -19.21 5.39
C ILE B 68 13.58 -17.79 5.48
N TRP B 69 12.29 -17.62 5.16
CA TRP B 69 11.68 -16.30 5.19
C TRP B 69 11.76 -15.68 6.57
N ASP B 70 11.83 -16.50 7.63
CA ASP B 70 12.01 -15.96 8.97
C ASP B 70 13.40 -15.34 9.12
N GLN B 71 14.40 -15.89 8.44
CA GLN B 71 15.75 -15.34 8.45
C GLN B 71 15.92 -14.25 7.39
N CYS B 72 15.28 -14.42 6.23
CA CYS B 72 15.50 -13.51 5.12
C CYS B 72 14.65 -12.25 5.25
N LEU B 73 13.34 -12.40 5.27
CA LEU B 73 12.41 -11.27 5.14
C LEU B 73 11.76 -11.01 6.49
N LYS B 74 12.48 -10.25 7.33
CA LYS B 74 11.96 -9.91 8.65
C LYS B 74 11.09 -8.67 8.57
N PRO B 75 9.86 -8.70 9.09
CA PRO B 75 8.99 -7.52 8.98
C PRO B 75 9.29 -6.47 10.03
N CYS B 76 8.95 -5.23 9.69
CA CYS B 76 8.98 -4.15 10.67
C CYS B 76 7.95 -4.39 11.76
N VAL B 77 6.76 -4.85 11.39
CA VAL B 77 5.67 -5.08 12.33
C VAL B 77 4.95 -6.36 11.92
N LYS B 78 4.70 -7.24 12.89
CA LYS B 78 4.02 -8.50 12.67
C LYS B 78 2.90 -8.61 13.69
N LEU B 79 1.66 -8.52 13.23
CA LEU B 79 0.49 -8.55 14.10
C LEU B 79 -0.19 -9.91 13.94
N THR B 80 -0.49 -10.54 15.07
CA THR B 80 -1.07 -11.86 15.11
C THR B 80 -2.29 -11.82 16.03
N ASN B 81 -3.14 -12.84 15.92
CA ASN B 81 -4.34 -12.89 16.73
C ASN B 81 -4.04 -12.64 18.21
N THR B 82 -2.88 -13.12 18.69
CA THR B 82 -2.47 -12.98 20.08
C THR B 82 -1.25 -12.09 20.31
N SER B 83 -0.46 -11.78 19.28
CA SER B 83 0.85 -11.17 19.51
C SER B 83 1.06 -9.94 18.63
N THR B 84 1.94 -9.06 19.09
CA THR B 84 2.35 -7.85 18.39
C THR B 84 3.87 -7.75 18.44
N LEU B 85 4.51 -7.60 17.28
CA LEU B 85 5.96 -7.59 17.19
C LEU B 85 6.44 -6.38 16.41
N THR B 86 7.48 -5.72 16.94
CA THR B 86 8.21 -4.67 16.24
C THR B 86 9.69 -5.01 16.33
N GLN B 87 10.40 -4.95 15.20
CA GLN B 87 11.80 -5.37 15.16
C GLN B 87 12.49 -4.68 13.99
N ALA B 88 13.75 -5.07 13.76
CA ALA B 88 14.53 -4.53 12.65
C ALA B 88 14.05 -5.13 11.32
N CYS B 89 14.22 -4.34 10.25
CA CYS B 89 13.62 -4.65 8.97
C CYS B 89 14.65 -4.80 7.84
N PRO B 90 15.91 -5.12 8.13
CA PRO B 90 16.95 -4.95 7.10
C PRO B 90 16.61 -5.66 5.80
N LYS B 91 16.73 -4.92 4.70
CA LYS B 91 16.58 -5.52 3.38
C LYS B 91 17.75 -6.46 3.12
N VAL B 92 17.49 -7.50 2.32
CA VAL B 92 18.47 -8.55 2.06
C VAL B 92 18.45 -8.90 0.58
N THR B 93 19.56 -9.47 0.12
CA THR B 93 19.66 -9.95 -1.26
C THR B 93 18.91 -11.27 -1.36
N PHE B 94 17.92 -11.32 -2.27
CA PHE B 94 16.94 -12.39 -2.30
C PHE B 94 16.92 -13.02 -3.69
N ASP B 95 17.16 -14.34 -3.75
CA ASP B 95 17.03 -15.11 -4.99
C ASP B 95 16.82 -16.58 -4.66
N PRO B 96 15.71 -17.19 -5.10
CA PRO B 96 15.51 -18.62 -4.80
C PRO B 96 16.53 -19.50 -5.49
N ILE B 97 17.08 -20.46 -4.73
CA ILE B 97 18.02 -21.44 -5.27
C ILE B 97 17.40 -22.83 -5.17
N PRO B 98 17.82 -23.79 -6.01
CA PRO B 98 17.27 -25.15 -5.90
C PRO B 98 17.69 -25.81 -4.59
N ILE B 99 16.74 -26.50 -3.96
CA ILE B 99 16.98 -27.28 -2.76
C ILE B 99 16.64 -28.73 -3.07
N HIS B 100 17.58 -29.63 -2.78
CA HIS B 100 17.33 -31.06 -2.89
C HIS B 100 16.89 -31.61 -1.53
N TYR B 101 15.97 -32.55 -1.55
CA TYR B 101 15.49 -33.21 -0.34
C TYR B 101 15.89 -34.68 -0.37
N CYS B 102 16.59 -35.11 0.66
CA CYS B 102 17.29 -36.39 0.67
C CYS B 102 16.79 -37.25 1.83
N ALA B 103 16.82 -38.60 1.61
CA ALA B 103 16.40 -39.53 2.64
C ALA B 103 17.61 -40.01 3.45
N PRO B 104 17.49 -40.09 4.78
CA PRO B 104 18.63 -40.54 5.58
C PRO B 104 18.89 -42.04 5.44
N ALA B 105 19.94 -42.53 6.10
CA ALA B 105 20.28 -43.94 6.01
C ALA B 105 19.13 -44.80 6.55
N GLY B 106 18.96 -45.97 5.94
CA GLY B 106 17.82 -46.82 6.24
C GLY B 106 16.54 -46.41 5.54
N TYR B 107 16.55 -45.29 4.82
CA TYR B 107 15.39 -44.82 4.07
C TYR B 107 15.81 -44.49 2.65
N ALA B 108 14.84 -44.49 1.75
CA ALA B 108 15.05 -44.11 0.36
C ALA B 108 13.82 -43.35 -0.13
N ILE B 109 13.99 -42.64 -1.24
CA ILE B 109 12.92 -41.87 -1.86
C ILE B 109 12.54 -42.57 -3.15
N LEU B 110 11.23 -42.72 -3.39
CA LEU B 110 10.71 -43.35 -4.58
C LEU B 110 10.28 -42.27 -5.57
N LYS B 111 10.60 -42.49 -6.84
CA LYS B 111 10.34 -41.53 -7.91
C LYS B 111 9.47 -42.19 -8.96
N CYS B 112 8.26 -41.67 -9.14
CA CYS B 112 7.38 -42.15 -10.20
C CYS B 112 7.91 -41.68 -11.55
N ASN B 113 8.31 -42.63 -12.39
CA ASN B 113 8.84 -42.31 -13.71
C ASN B 113 7.76 -42.22 -14.78
N ASN B 114 6.49 -42.40 -14.40
CA ASN B 114 5.38 -42.24 -15.34
C ASN B 114 5.26 -40.77 -15.72
N LYS B 115 5.33 -40.49 -17.03
CA LYS B 115 5.33 -39.11 -17.49
C LYS B 115 3.97 -38.44 -17.27
N THR B 116 2.88 -39.20 -17.42
CA THR B 116 1.54 -38.65 -17.34
C THR B 116 0.88 -38.86 -15.97
N PHE B 117 1.65 -39.24 -14.97
CA PHE B 117 1.05 -39.48 -13.65
C PHE B 117 0.30 -38.27 -13.13
N ASN B 118 -0.90 -38.51 -12.62
CA ASN B 118 -1.73 -37.45 -12.07
C ASN B 118 -1.40 -37.16 -10.62
N GLY B 119 -0.53 -37.98 -10.05
CA GLY B 119 -0.12 -37.81 -8.68
C GLY B 119 -0.89 -38.63 -7.67
N LYS B 120 -1.99 -39.23 -8.05
CA LYS B 120 -2.73 -40.04 -7.07
C LYS B 120 -3.09 -41.37 -7.72
N GLY B 121 -2.62 -42.46 -7.12
CA GLY B 121 -2.91 -43.79 -7.60
C GLY B 121 -1.66 -44.57 -7.95
N PRO B 122 -1.82 -45.64 -8.74
CA PRO B 122 -0.67 -46.47 -9.08
C PRO B 122 0.21 -45.86 -10.16
N CYS B 123 1.51 -46.15 -10.04
CA CYS B 123 2.52 -45.71 -10.98
C CYS B 123 3.41 -46.90 -11.30
N ASN B 124 3.55 -47.23 -12.58
CA ASN B 124 4.19 -48.50 -12.94
C ASN B 124 5.69 -48.38 -13.17
N ASN B 125 6.17 -47.24 -13.64
CA ASN B 125 7.60 -47.01 -13.82
C ASN B 125 8.13 -46.31 -12.56
N VAL B 126 8.87 -47.05 -11.73
CA VAL B 126 9.35 -46.53 -10.45
C VAL B 126 10.84 -46.75 -10.36
N SER B 127 11.51 -45.86 -9.62
CA SER B 127 12.94 -45.96 -9.36
C SER B 127 13.19 -45.43 -7.97
N THR B 128 14.44 -45.60 -7.51
CA THR B 128 14.85 -45.23 -6.17
C THR B 128 16.03 -44.27 -6.25
N VAL B 129 15.85 -43.06 -5.71
CA VAL B 129 16.90 -42.05 -5.65
C VAL B 129 17.10 -41.67 -4.19
N GLN B 130 18.31 -41.17 -3.90
CA GLN B 130 18.56 -40.68 -2.55
C GLN B 130 18.05 -39.27 -2.34
N CYS B 131 18.01 -38.45 -3.40
CA CYS B 131 17.59 -37.07 -3.30
C CYS B 131 16.68 -36.70 -4.46
N THR B 132 15.75 -35.79 -4.19
CA THR B 132 14.89 -35.24 -5.23
C THR B 132 15.68 -34.27 -6.11
N HIS B 133 15.05 -33.84 -7.19
CA HIS B 133 15.69 -32.89 -8.09
C HIS B 133 15.69 -31.49 -7.48
N GLY B 134 16.40 -30.58 -8.13
CA GLY B 134 16.50 -29.21 -7.66
C GLY B 134 15.17 -28.50 -7.64
N ILE B 135 14.73 -28.16 -6.44
CA ILE B 135 13.46 -27.51 -6.22
C ILE B 135 13.69 -26.12 -5.70
N LYS B 136 13.01 -25.16 -6.27
CA LYS B 136 13.17 -23.79 -5.84
C LYS B 136 12.02 -23.39 -4.93
N PRO B 137 12.38 -22.79 -3.74
CA PRO B 137 11.24 -22.42 -2.88
C PRO B 137 10.65 -21.10 -3.30
N VAL B 138 9.98 -21.10 -4.45
CA VAL B 138 9.36 -19.89 -4.97
C VAL B 138 7.95 -19.77 -4.39
N VAL B 139 7.70 -18.67 -3.69
CA VAL B 139 6.42 -18.40 -3.07
C VAL B 139 5.63 -17.50 -4.01
N SER B 140 4.52 -18.02 -4.53
CA SER B 140 3.70 -17.25 -5.46
C SER B 140 2.28 -17.79 -5.43
N THR B 141 1.39 -17.06 -6.11
CA THR B 141 0.00 -17.43 -6.22
C THR B 141 -0.42 -17.34 -7.68
N GLN B 142 -1.47 -18.09 -8.03
CA GLN B 142 -2.05 -18.09 -9.36
C GLN B 142 -1.12 -18.73 -10.39
N LEU B 143 0.12 -18.24 -10.52
CA LEU B 143 1.08 -18.80 -11.44
C LEU B 143 2.27 -19.35 -10.67
N LEU B 144 2.70 -20.55 -11.05
CA LEU B 144 3.87 -21.20 -10.48
C LEU B 144 5.08 -20.81 -11.30
N LEU B 145 6.13 -20.32 -10.63
CA LEU B 145 7.29 -19.77 -11.30
C LEU B 145 8.52 -20.63 -11.04
N ASN B 146 9.42 -20.64 -12.02
CA ASN B 146 10.74 -21.28 -11.89
C ASN B 146 10.62 -22.75 -11.51
N GLY B 147 9.59 -23.42 -12.02
CA GLY B 147 9.31 -24.79 -11.67
C GLY B 147 9.76 -25.78 -12.74
N SER B 148 9.35 -27.03 -12.53
CA SER B 148 9.63 -28.12 -13.46
C SER B 148 8.39 -28.44 -14.28
N LEU B 149 8.59 -28.81 -15.54
CA LEU B 149 7.49 -29.00 -16.48
C LEU B 149 7.12 -30.46 -16.62
N ALA B 150 5.96 -30.70 -17.22
CA ALA B 150 5.52 -32.04 -17.55
C ALA B 150 6.23 -32.53 -18.82
N GLU B 151 6.45 -33.84 -18.88
CA GLU B 151 7.34 -34.39 -19.92
C GLU B 151 6.66 -34.40 -21.28
N GLU B 152 5.52 -35.08 -21.39
CA GLU B 152 4.89 -35.33 -22.69
C GLU B 152 3.73 -34.40 -22.98
N GLU B 153 2.84 -34.18 -22.02
CA GLU B 153 1.68 -33.33 -22.22
C GLU B 153 1.23 -32.79 -20.88
N ILE B 154 0.39 -31.75 -20.94
CA ILE B 154 -0.12 -31.14 -19.72
C ILE B 154 -0.78 -32.21 -18.86
N VAL B 155 -0.63 -32.06 -17.55
CA VAL B 155 -1.20 -32.97 -16.57
C VAL B 155 -2.01 -32.16 -15.58
N ILE B 156 -3.17 -32.68 -15.22
CA ILE B 156 -4.07 -32.05 -14.26
C ILE B 156 -4.04 -32.86 -12.97
N ARG B 157 -3.87 -32.18 -11.85
CA ARG B 157 -3.71 -32.81 -10.54
C ARG B 157 -4.75 -32.24 -9.59
N SER B 158 -5.58 -33.12 -9.03
CA SER B 158 -6.60 -32.70 -8.07
C SER B 158 -7.00 -33.92 -7.24
N LYS B 159 -7.12 -33.73 -5.94
CA LYS B 159 -7.55 -34.82 -5.07
C LYS B 159 -8.94 -35.31 -5.44
N ASN B 160 -9.81 -34.39 -5.84
CA ASN B 160 -11.14 -34.76 -6.33
C ASN B 160 -11.63 -33.64 -7.24
N LEU B 161 -11.85 -33.96 -8.52
CA LEU B 161 -12.27 -32.94 -9.48
C LEU B 161 -13.70 -32.49 -9.22
N ARG B 162 -14.57 -33.38 -8.79
CA ARG B 162 -15.95 -33.01 -8.51
C ARG B 162 -16.08 -32.19 -7.23
N ASP B 163 -15.05 -32.19 -6.38
CA ASP B 163 -15.07 -31.45 -5.13
C ASP B 163 -14.60 -30.02 -5.44
N ASN B 164 -15.56 -29.09 -5.51
CA ASN B 164 -15.26 -27.75 -5.99
C ASN B 164 -14.18 -27.08 -5.14
N ALA B 165 -14.19 -27.30 -3.83
CA ALA B 165 -13.22 -26.65 -2.95
C ALA B 165 -11.82 -27.22 -3.11
N LYS B 166 -11.63 -28.27 -3.91
CA LYS B 166 -10.32 -28.87 -4.08
C LYS B 166 -9.56 -28.16 -5.19
N ILE B 167 -8.35 -27.70 -4.85
CA ILE B 167 -7.55 -26.95 -5.80
C ILE B 167 -7.12 -27.84 -6.97
N ILE B 168 -6.85 -27.21 -8.10
CA ILE B 168 -6.42 -27.89 -9.31
C ILE B 168 -5.04 -27.37 -9.68
N ILE B 169 -4.01 -28.19 -9.45
CA ILE B 169 -2.64 -27.84 -9.80
C ILE B 169 -2.38 -28.30 -11.23
N VAL B 170 -1.84 -27.40 -12.05
CA VAL B 170 -1.59 -27.67 -13.46
C VAL B 170 -0.08 -27.64 -13.68
N GLN B 171 0.42 -28.62 -14.42
CA GLN B 171 1.82 -28.68 -14.82
C GLN B 171 1.88 -28.55 -16.33
N LEU B 172 2.61 -27.54 -16.81
CA LEU B 172 2.63 -27.24 -18.23
C LEU B 172 3.62 -28.13 -18.97
N GLN B 173 3.44 -28.19 -20.29
CA GLN B 173 4.37 -28.85 -21.19
C GLN B 173 5.36 -27.89 -21.82
N LYS B 174 4.95 -26.64 -22.06
CA LYS B 174 5.81 -25.62 -22.64
C LYS B 174 5.76 -24.40 -21.73
N SER B 175 6.85 -24.12 -21.03
CA SER B 175 6.91 -22.97 -20.14
C SER B 175 6.62 -21.69 -20.91
N VAL B 176 6.01 -20.73 -20.22
CA VAL B 176 5.70 -19.42 -20.77
C VAL B 176 6.48 -18.39 -19.96
N GLU B 177 7.17 -17.50 -20.67
CA GLU B 177 7.99 -16.48 -20.03
C GLU B 177 7.14 -15.28 -19.62
N ILE B 178 7.40 -14.77 -18.42
CA ILE B 178 6.79 -13.55 -17.92
C ILE B 178 7.89 -12.72 -17.28
N VAL B 179 7.93 -11.42 -17.59
CA VAL B 179 8.96 -10.51 -17.11
C VAL B 179 8.25 -9.37 -16.39
N CYS B 180 8.46 -9.29 -15.07
CA CYS B 180 7.91 -8.22 -14.24
C CYS B 180 9.04 -7.30 -13.82
N THR B 181 8.81 -5.99 -13.92
CA THR B 181 9.84 -5.00 -13.63
C THR B 181 9.20 -3.78 -12.99
N ARG B 182 9.94 -3.18 -12.07
CA ARG B 182 9.52 -1.91 -11.51
C ARG B 182 10.57 -0.98 -12.12
N PRO B 183 10.14 -0.04 -12.96
CA PRO B 183 11.10 0.86 -13.63
C PRO B 183 11.89 1.66 -12.60
N ASN B 184 13.09 2.07 -13.00
CA ASN B 184 13.97 2.80 -12.08
C ASN B 184 13.30 4.09 -11.63
N ASN B 185 13.49 4.42 -10.36
CA ASN B 185 12.92 5.64 -9.79
C ASN B 185 13.76 6.86 -10.16
N GLY B 192 8.75 9.86 -9.58
CA GLY B 192 8.10 8.63 -10.02
C GLY B 192 7.38 7.90 -8.92
N ASP B 193 6.31 7.19 -9.29
CA ASP B 193 5.54 6.37 -8.35
C ASP B 193 6.31 5.07 -8.14
N ILE B 194 7.01 4.98 -7.01
CA ILE B 194 7.97 3.90 -6.76
C ILE B 194 7.25 2.60 -6.44
N ARG B 195 5.92 2.63 -6.34
CA ARG B 195 5.17 1.41 -6.09
C ARG B 195 4.57 0.83 -7.36
N GLN B 196 4.63 1.54 -8.48
CA GLN B 196 4.06 1.08 -9.74
C GLN B 196 5.04 0.19 -10.47
N ALA B 197 4.53 -0.91 -11.04
CA ALA B 197 5.33 -1.81 -11.83
C ALA B 197 4.45 -2.47 -12.87
N TYR B 198 5.07 -3.20 -13.80
CA TYR B 198 4.35 -3.84 -14.88
C TYR B 198 4.94 -5.22 -15.13
N CYS B 199 4.13 -6.10 -15.71
CA CYS B 199 4.59 -7.39 -16.21
C CYS B 199 4.22 -7.50 -17.68
N GLN B 200 5.06 -8.19 -18.43
CA GLN B 200 4.84 -8.41 -19.86
C GLN B 200 4.90 -9.90 -20.15
N ILE B 201 3.80 -10.42 -20.70
CA ILE B 201 3.70 -11.83 -21.10
C ILE B 201 3.45 -11.88 -22.60
N SER B 202 4.20 -12.72 -23.30
CA SER B 202 3.99 -12.91 -24.73
C SER B 202 2.56 -13.35 -24.99
N GLY B 203 1.82 -12.55 -25.76
CA GLY B 203 0.44 -12.86 -26.06
C GLY B 203 0.26 -14.17 -26.79
N ARG B 204 0.91 -14.31 -27.94
CA ARG B 204 0.75 -15.52 -28.73
C ARG B 204 1.13 -16.76 -27.93
N ASN B 205 2.30 -16.73 -27.28
CA ASN B 205 2.75 -17.88 -26.53
C ASN B 205 1.81 -18.19 -25.37
N TRP B 206 1.42 -17.17 -24.60
CA TRP B 206 0.49 -17.38 -23.49
C TRP B 206 -0.89 -17.76 -24.01
N SER B 207 -1.41 -16.99 -24.98
CA SER B 207 -2.75 -17.26 -25.50
C SER B 207 -2.87 -18.69 -26.04
N GLU B 208 -1.79 -19.22 -26.63
CA GLU B 208 -1.80 -20.60 -27.07
C GLU B 208 -1.57 -21.56 -25.91
N ALA B 209 -0.77 -21.15 -24.92
CA ALA B 209 -0.60 -21.97 -23.72
C ALA B 209 -1.93 -22.13 -22.99
N VAL B 210 -2.74 -21.07 -22.95
CA VAL B 210 -4.07 -21.17 -22.34
C VAL B 210 -4.92 -22.19 -23.08
N ASN B 211 -4.84 -22.20 -24.40
CA ASN B 211 -5.67 -23.10 -25.19
C ASN B 211 -5.34 -24.56 -24.89
N GLN B 212 -4.06 -24.88 -24.69
CA GLN B 212 -3.67 -26.26 -24.43
C GLN B 212 -4.24 -26.74 -23.10
N VAL B 213 -4.23 -25.89 -22.08
CA VAL B 213 -4.80 -26.26 -20.78
C VAL B 213 -6.30 -26.47 -20.92
N LYS B 214 -6.98 -25.57 -21.64
CA LYS B 214 -8.41 -25.71 -21.87
C LYS B 214 -8.74 -27.08 -22.47
N LYS B 215 -7.91 -27.55 -23.41
CA LYS B 215 -8.16 -28.84 -24.04
C LYS B 215 -8.01 -29.97 -23.04
N LYS B 216 -6.90 -30.01 -22.31
CA LYS B 216 -6.69 -31.06 -21.32
C LYS B 216 -7.75 -31.03 -20.23
N LEU B 217 -8.40 -29.89 -20.00
CA LEU B 217 -9.46 -29.83 -19.00
C LEU B 217 -10.76 -30.42 -19.53
N LYS B 218 -11.02 -30.31 -20.83
CA LYS B 218 -12.23 -30.89 -21.39
C LYS B 218 -12.21 -32.42 -21.34
N GLU B 219 -11.03 -33.02 -21.14
CA GLU B 219 -10.97 -34.47 -21.00
C GLU B 219 -11.65 -34.92 -19.72
N HIS B 220 -11.51 -34.12 -18.65
CA HIS B 220 -12.14 -34.44 -17.37
C HIS B 220 -13.56 -33.90 -17.27
N PHE B 221 -13.95 -32.98 -18.13
CA PHE B 221 -15.32 -32.45 -18.21
C PHE B 221 -15.76 -32.51 -19.67
N PRO B 222 -16.16 -33.69 -20.14
CA PRO B 222 -16.51 -33.82 -21.57
C PRO B 222 -17.81 -33.11 -21.91
N HIS B 223 -17.91 -32.69 -23.18
CA HIS B 223 -19.13 -32.09 -23.71
C HIS B 223 -19.48 -30.78 -23.02
N LYS B 224 -18.48 -30.02 -22.60
CA LYS B 224 -18.70 -28.74 -21.93
C LYS B 224 -17.72 -27.71 -22.47
N ASN B 225 -18.14 -26.44 -22.41
CA ASN B 225 -17.30 -25.34 -22.82
C ASN B 225 -16.40 -24.92 -21.67
N ILE B 226 -15.14 -24.62 -21.98
CA ILE B 226 -14.13 -24.30 -20.97
C ILE B 226 -13.81 -22.82 -21.07
N SER B 227 -13.94 -22.12 -19.94
CA SER B 227 -13.74 -20.68 -19.87
C SER B 227 -12.79 -20.34 -18.74
N PHE B 228 -11.94 -19.34 -18.97
CA PHE B 228 -11.05 -18.79 -17.95
C PHE B 228 -11.52 -17.38 -17.62
N GLN B 229 -11.80 -17.14 -16.33
CA GLN B 229 -12.25 -15.84 -15.87
C GLN B 229 -11.46 -15.43 -14.64
N SER B 230 -11.53 -14.14 -14.33
CA SER B 230 -10.72 -13.57 -13.26
C SER B 230 -11.13 -14.13 -11.90
N SER B 231 -10.33 -13.82 -10.88
CA SER B 231 -10.57 -14.34 -9.54
C SER B 231 -11.89 -13.83 -8.98
N SER B 232 -12.58 -14.70 -8.24
CA SER B 232 -13.86 -14.34 -7.63
C SER B 232 -13.71 -13.35 -6.48
N GLY B 233 -12.51 -13.16 -5.96
CA GLY B 233 -12.25 -12.24 -4.88
C GLY B 233 -11.34 -12.86 -3.85
N GLY B 234 -11.20 -12.16 -2.73
CA GLY B 234 -10.37 -12.57 -1.62
C GLY B 234 -9.30 -11.55 -1.32
N ASP B 235 -8.31 -11.98 -0.54
CA ASP B 235 -7.15 -11.17 -0.26
C ASP B 235 -6.47 -10.78 -1.58
N LEU B 236 -5.75 -9.66 -1.55
CA LEU B 236 -5.02 -9.25 -2.75
C LEU B 236 -3.92 -10.24 -3.10
N GLU B 237 -3.41 -10.97 -2.10
CA GLU B 237 -2.40 -12.00 -2.39
C GLU B 237 -2.91 -13.02 -3.38
N ILE B 238 -4.21 -13.30 -3.36
CA ILE B 238 -4.82 -14.29 -4.24
C ILE B 238 -5.41 -13.65 -5.48
N THR B 239 -6.25 -12.61 -5.31
CA THR B 239 -6.91 -11.98 -6.45
C THR B 239 -5.93 -11.47 -7.49
N THR B 240 -4.65 -11.36 -7.15
CA THR B 240 -3.62 -10.96 -8.10
C THR B 240 -2.50 -12.00 -8.09
N HIS B 241 -1.68 -11.97 -9.14
CA HIS B 241 -0.44 -12.75 -9.16
C HIS B 241 0.51 -12.13 -8.15
N SER B 242 0.64 -12.76 -6.99
CA SER B 242 1.48 -12.25 -5.91
C SER B 242 2.69 -13.14 -5.74
N PHE B 243 3.85 -12.50 -5.60
CA PHE B 243 5.13 -13.19 -5.48
C PHE B 243 6.14 -12.20 -4.92
N ASN B 244 7.32 -12.70 -4.62
CA ASN B 244 8.40 -11.86 -4.11
C ASN B 244 9.56 -11.90 -5.10
N CYS B 245 9.93 -10.74 -5.61
CA CYS B 245 11.03 -10.58 -6.54
C CYS B 245 12.09 -9.70 -5.90
N GLY B 246 13.26 -10.29 -5.60
CA GLY B 246 14.34 -9.52 -5.02
C GLY B 246 13.98 -8.87 -3.70
N GLY B 247 13.25 -9.59 -2.84
CA GLY B 247 12.90 -9.11 -1.52
C GLY B 247 11.71 -8.19 -1.46
N GLU B 248 11.19 -7.73 -2.59
CA GLU B 248 10.04 -6.84 -2.62
C GLU B 248 8.80 -7.62 -3.06
N PHE B 249 7.67 -7.28 -2.44
CA PHE B 249 6.43 -8.04 -2.63
C PHE B 249 5.65 -7.45 -3.79
N PHE B 250 5.41 -8.28 -4.81
CA PHE B 250 4.73 -7.86 -6.03
C PHE B 250 3.27 -8.33 -6.01
N TYR B 251 2.38 -7.45 -6.46
CA TYR B 251 0.96 -7.77 -6.61
C TYR B 251 0.53 -7.29 -7.99
N CYS B 252 0.10 -8.22 -8.84
CA CYS B 252 -0.05 -7.95 -10.27
C CYS B 252 -1.43 -8.40 -10.73
N ASN B 253 -2.27 -7.44 -11.16
CA ASN B 253 -3.55 -7.74 -11.79
C ASN B 253 -3.34 -8.73 -12.93
N THR B 254 -4.04 -9.86 -12.89
CA THR B 254 -3.94 -10.87 -13.93
C THR B 254 -5.18 -10.92 -14.82
N SER B 255 -5.99 -9.87 -14.81
CA SER B 255 -7.17 -9.86 -15.68
C SER B 255 -6.77 -9.90 -17.15
N GLY B 256 -5.60 -9.37 -17.49
CA GLY B 256 -5.17 -9.36 -18.88
C GLY B 256 -4.91 -10.73 -19.46
N LEU B 257 -4.55 -11.71 -18.62
CA LEU B 257 -4.14 -13.02 -19.10
C LEU B 257 -5.15 -14.13 -18.82
N PHE B 258 -5.97 -14.02 -17.77
CA PHE B 258 -7.03 -15.00 -17.53
C PHE B 258 -8.31 -14.54 -18.24
N GLN B 259 -8.26 -14.64 -19.57
CA GLN B 259 -9.34 -14.16 -20.42
C GLN B 259 -9.63 -15.20 -21.50
N ASP B 260 -10.90 -15.27 -21.90
CA ASP B 260 -11.30 -16.26 -22.91
C ASP B 260 -10.82 -15.86 -24.29
N THR B 261 -11.02 -14.60 -24.67
CA THR B 261 -10.54 -14.07 -25.93
C THR B 261 -9.25 -13.32 -25.67
N ILE B 262 -8.13 -13.94 -26.04
CA ILE B 262 -6.80 -13.41 -25.77
C ILE B 262 -6.16 -13.00 -27.09
N SER B 263 -5.56 -11.81 -27.10
CA SER B 263 -4.94 -11.31 -28.32
C SER B 263 -3.57 -11.94 -28.55
N ASN B 264 -3.07 -11.73 -29.77
CA ASN B 264 -1.78 -12.22 -30.24
C ASN B 264 -0.64 -11.26 -29.93
N ALA B 265 -0.93 -10.16 -29.23
CA ALA B 265 0.01 -9.08 -29.02
C ALA B 265 0.58 -9.15 -27.60
N THR B 266 1.48 -8.23 -27.29
CA THR B 266 2.11 -8.20 -25.98
C THR B 266 1.07 -7.84 -24.91
N ILE B 267 1.06 -8.62 -23.84
CA ILE B 267 0.16 -8.41 -22.71
C ILE B 267 0.90 -7.64 -21.64
N MET B 268 0.23 -6.68 -21.01
CA MET B 268 0.83 -5.84 -19.98
C MET B 268 -0.05 -5.90 -18.73
N LEU B 269 0.54 -6.31 -17.62
CA LEU B 269 -0.18 -6.39 -16.36
C LEU B 269 0.23 -5.24 -15.45
N PRO B 270 -0.71 -4.51 -14.86
CA PRO B 270 -0.34 -3.51 -13.85
C PRO B 270 -0.03 -4.17 -12.51
N CYS B 271 1.05 -3.73 -11.88
CA CYS B 271 1.50 -4.29 -10.62
C CYS B 271 1.66 -3.19 -9.57
N ARG B 272 1.88 -3.63 -8.34
CA ARG B 272 2.17 -2.72 -7.24
C ARG B 272 3.09 -3.43 -6.27
N ILE B 273 4.12 -2.72 -5.81
CA ILE B 273 4.88 -3.16 -4.65
C ILE B 273 4.07 -2.87 -3.41
N LYS B 274 3.84 -3.89 -2.59
CA LYS B 274 3.05 -3.73 -1.39
C LYS B 274 3.93 -3.86 -0.15
N GLN B 275 3.76 -2.94 0.82
CA GLN B 275 4.38 -2.99 2.14
C GLN B 275 3.56 -3.80 3.15
N ILE B 276 2.23 -3.74 3.08
CA ILE B 276 1.36 -4.41 4.04
C ILE B 276 0.90 -5.70 3.37
N ILE B 277 1.32 -6.84 3.90
CA ILE B 277 1.07 -8.12 3.27
C ILE B 277 0.40 -9.05 4.27
N ASN B 278 -0.43 -9.95 3.75
CA ASN B 278 -1.00 -11.02 4.57
C ASN B 278 -0.07 -12.22 4.49
N MET B 279 0.40 -12.67 5.64
CA MET B 279 1.38 -13.75 5.68
C MET B 279 0.79 -15.06 5.18
N TRP B 280 1.63 -15.82 4.48
CA TRP B 280 1.34 -17.21 4.13
C TRP B 280 1.94 -18.18 5.15
N GLN B 281 2.87 -17.71 5.96
CA GLN B 281 3.52 -18.57 6.96
C GLN B 281 2.55 -18.88 8.09
N GLU B 282 1.80 -17.89 8.52
CA GLU B 282 0.80 -18.05 9.57
C GLU B 282 -0.26 -16.98 9.38
N VAL B 283 -1.35 -17.12 10.11
CA VAL B 283 -2.47 -16.19 10.01
C VAL B 283 -2.11 -14.91 10.75
N GLY B 284 -1.93 -13.83 10.00
CA GLY B 284 -1.56 -12.56 10.59
C GLY B 284 -1.13 -11.60 9.51
N LYS B 285 -0.71 -10.42 9.94
CA LYS B 285 -0.24 -9.38 9.04
C LYS B 285 1.20 -9.00 9.34
N ALA B 286 1.97 -8.83 8.27
CA ALA B 286 3.35 -8.38 8.35
C ALA B 286 3.50 -7.10 7.55
N ILE B 287 4.26 -6.15 8.08
CA ILE B 287 4.46 -4.85 7.48
C ILE B 287 5.95 -4.66 7.23
N TYR B 288 6.31 -4.40 5.97
CA TYR B 288 7.70 -4.25 5.56
C TYR B 288 7.98 -2.80 5.18
N ALA B 289 9.27 -2.47 5.20
CA ALA B 289 9.70 -1.11 4.89
C ALA B 289 9.61 -0.84 3.40
N PRO B 290 9.66 0.43 2.99
CA PRO B 290 9.44 0.77 1.59
C PRO B 290 10.42 0.05 0.67
N PRO B 291 10.14 0.01 -0.63
CA PRO B 291 10.98 -0.75 -1.56
C PRO B 291 12.33 -0.09 -1.80
N ILE B 292 13.29 -0.91 -2.23
CA ILE B 292 14.65 -0.43 -2.44
C ILE B 292 14.71 0.43 -3.70
N LYS B 293 15.74 1.26 -3.76
CA LYS B 293 15.95 2.11 -4.92
C LYS B 293 16.57 1.31 -6.07
N GLY B 294 16.45 1.86 -7.27
CA GLY B 294 17.00 1.22 -8.45
C GLY B 294 15.99 0.36 -9.17
N GLN B 295 16.45 -0.27 -10.25
CA GLN B 295 15.59 -1.15 -11.04
C GLN B 295 15.48 -2.51 -10.38
N ILE B 296 14.26 -3.05 -10.36
CA ILE B 296 13.95 -4.35 -9.81
C ILE B 296 13.27 -5.17 -10.89
N THR B 297 13.81 -6.37 -11.17
CA THR B 297 13.32 -7.16 -12.27
C THR B 297 13.43 -8.65 -11.95
N CYS B 298 12.42 -9.41 -12.39
CA CYS B 298 12.45 -10.87 -12.33
C CYS B 298 11.84 -11.43 -13.61
N LYS B 299 12.70 -11.99 -14.47
CA LYS B 299 12.23 -12.75 -15.62
C LYS B 299 12.06 -14.21 -15.18
N SER B 300 10.81 -14.63 -15.04
CA SER B 300 10.48 -15.95 -14.51
C SER B 300 9.70 -16.75 -15.53
N ASP B 301 9.69 -18.07 -15.33
CA ASP B 301 9.03 -19.00 -16.24
C ASP B 301 7.80 -19.59 -15.58
N ILE B 302 6.64 -19.40 -16.21
CA ILE B 302 5.41 -20.05 -15.76
C ILE B 302 5.50 -21.53 -16.14
N THR B 303 5.56 -22.39 -15.12
CA THR B 303 5.60 -23.83 -15.34
C THR B 303 4.35 -24.53 -14.81
N GLY B 304 3.36 -23.78 -14.34
CA GLY B 304 2.13 -24.40 -13.87
C GLY B 304 1.13 -23.35 -13.43
N LEU B 305 -0.04 -23.83 -13.03
CA LEU B 305 -1.15 -22.98 -12.66
C LEU B 305 -1.83 -23.53 -11.40
N LEU B 306 -2.50 -22.65 -10.67
CA LEU B 306 -3.29 -23.00 -9.50
C LEU B 306 -4.71 -22.50 -9.74
N LEU B 307 -5.64 -23.42 -9.95
CA LEU B 307 -6.96 -23.09 -10.44
C LEU B 307 -8.04 -23.54 -9.46
N LEU B 308 -9.20 -22.91 -9.60
CA LEU B 308 -10.37 -23.23 -8.78
C LEU B 308 -11.60 -23.14 -9.66
N ARG B 309 -12.35 -24.22 -9.74
CA ARG B 309 -13.51 -24.31 -10.62
C ARG B 309 -14.71 -23.66 -9.95
N ASP B 310 -15.60 -23.10 -10.77
CA ASP B 310 -16.84 -22.53 -10.27
C ASP B 310 -17.86 -23.65 -10.06
N GLY B 311 -18.51 -23.64 -8.90
CA GLY B 311 -19.47 -24.66 -8.53
C GLY B 311 -20.89 -24.26 -8.86
N GLY B 312 -21.82 -25.09 -8.39
CA GLY B 312 -23.24 -24.82 -8.56
C GLY B 312 -23.75 -25.28 -9.91
N ASP B 313 -25.02 -24.95 -10.15
CA ASP B 313 -25.66 -25.31 -11.40
C ASP B 313 -24.93 -24.66 -12.57
N THR B 314 -24.72 -25.44 -13.63
CA THR B 314 -23.94 -24.98 -14.77
C THR B 314 -24.78 -24.06 -15.65
N THR B 315 -24.21 -22.89 -15.99
CA THR B 315 -25.01 -21.83 -16.60
C THR B 315 -25.24 -22.06 -18.09
N ASP B 316 -24.17 -22.27 -18.86
CA ASP B 316 -24.26 -22.31 -20.32
C ASP B 316 -23.56 -23.54 -20.88
N ASN B 317 -23.56 -24.64 -20.12
CA ASN B 317 -22.73 -25.80 -20.43
C ASN B 317 -21.25 -25.41 -20.42
N THR B 318 -20.91 -24.38 -19.66
CA THR B 318 -19.55 -23.85 -19.58
C THR B 318 -19.03 -24.03 -18.16
N GLU B 319 -17.91 -24.73 -18.02
CA GLU B 319 -17.23 -24.86 -16.74
C GLU B 319 -16.23 -23.71 -16.60
N ILE B 320 -16.40 -22.90 -15.56
CA ILE B 320 -15.61 -21.70 -15.36
C ILE B 320 -14.49 -22.02 -14.38
N PHE B 321 -13.26 -21.73 -14.78
CA PHE B 321 -12.08 -21.90 -13.94
C PHE B 321 -11.45 -20.54 -13.68
N ARG B 322 -10.96 -20.34 -12.47
CA ARG B 322 -10.42 -19.06 -12.04
C ARG B 322 -9.05 -19.26 -11.41
N PRO B 323 -8.24 -18.21 -11.35
CA PRO B 323 -6.95 -18.32 -10.66
C PRO B 323 -7.13 -18.32 -9.16
N SER B 324 -6.20 -18.97 -8.47
CA SER B 324 -6.30 -19.10 -7.02
C SER B 324 -4.93 -19.44 -6.44
N GLY B 325 -4.90 -19.59 -5.12
CA GLY B 325 -3.68 -19.87 -4.40
C GLY B 325 -3.84 -19.48 -2.94
N GLY B 326 -2.71 -19.24 -2.28
CA GLY B 326 -2.67 -18.78 -0.91
C GLY B 326 -2.13 -19.80 0.08
N ASP B 327 -2.20 -21.09 -0.24
CA ASP B 327 -1.68 -22.15 0.61
C ASP B 327 -0.41 -22.70 -0.06
N MET B 328 0.75 -22.25 0.42
CA MET B 328 2.01 -22.59 -0.24
C MET B 328 2.29 -24.08 -0.22
N ARG B 329 1.68 -24.84 0.69
CA ARG B 329 1.85 -26.29 0.66
C ARG B 329 1.50 -26.86 -0.70
N ASP B 330 0.52 -26.26 -1.39
CA ASP B 330 0.17 -26.72 -2.73
C ASP B 330 1.29 -26.44 -3.73
N ASN B 331 2.00 -25.31 -3.56
CA ASN B 331 3.11 -25.01 -4.47
C ASN B 331 4.15 -26.12 -4.47
N TRP B 332 4.52 -26.60 -3.28
CA TRP B 332 5.53 -27.64 -3.19
C TRP B 332 5.02 -28.93 -3.82
N ARG B 333 3.73 -29.21 -3.67
CA ARG B 333 3.15 -30.42 -4.26
C ARG B 333 3.42 -30.49 -5.75
N SER B 334 3.31 -29.35 -6.45
CA SER B 334 3.54 -29.34 -7.89
C SER B 334 4.91 -29.91 -8.24
N GLU B 335 5.89 -29.78 -7.34
CA GLU B 335 7.23 -30.30 -7.56
C GLU B 335 7.48 -31.64 -6.89
N LEU B 336 6.70 -32.00 -5.87
CA LEU B 336 6.91 -33.22 -5.10
C LEU B 336 5.89 -34.30 -5.40
N TYR B 337 5.10 -34.15 -6.47
CA TYR B 337 4.09 -35.14 -6.80
C TYR B 337 4.70 -36.52 -7.02
N LYS B 338 5.93 -36.57 -7.54
CA LYS B 338 6.54 -37.83 -7.95
C LYS B 338 7.27 -38.56 -6.83
N TYR B 339 7.43 -37.94 -5.66
CA TYR B 339 8.30 -38.48 -4.63
C TYR B 339 7.51 -38.95 -3.41
N LYS B 340 8.03 -39.99 -2.77
CA LYS B 340 7.48 -40.52 -1.53
C LYS B 340 8.57 -41.28 -0.80
N VAL B 341 8.68 -41.04 0.50
CA VAL B 341 9.75 -41.64 1.31
C VAL B 341 9.33 -43.03 1.75
N VAL B 342 10.29 -43.96 1.77
CA VAL B 342 10.05 -45.34 2.14
C VAL B 342 11.21 -45.85 2.99
N GLU B 343 10.90 -46.77 3.90
CA GLU B 343 11.89 -47.37 4.78
C GLU B 343 12.37 -48.70 4.21
N ILE B 344 13.69 -48.92 4.26
CA ILE B 344 14.26 -50.15 3.74
C ILE B 344 13.74 -51.34 4.53
N LYS B 345 13.42 -52.41 3.80
CA LYS B 345 12.93 -53.65 4.41
C LYS B 345 11.64 -53.38 5.19
N VAL C 2 27.05 18.90 19.66
CA VAL C 2 26.51 19.37 18.38
C VAL C 2 27.53 19.07 17.29
N GLN C 3 27.32 17.99 16.53
CA GLN C 3 28.29 17.54 15.56
C GLN C 3 27.61 16.74 14.47
N LEU C 4 28.21 16.77 13.28
CA LEU C 4 27.86 15.90 12.17
C LEU C 4 29.07 15.05 11.82
N VAL C 5 28.84 13.75 11.67
CA VAL C 5 29.92 12.79 11.44
C VAL C 5 29.63 12.07 10.13
N GLN C 6 30.54 12.18 9.18
CA GLN C 6 30.30 11.76 7.81
C GLN C 6 30.90 10.39 7.53
N SER C 7 30.44 9.79 6.43
CA SER C 7 30.94 8.50 6.00
C SER C 7 32.43 8.58 5.65
N GLY C 8 33.04 7.41 5.46
CA GLY C 8 34.44 7.34 5.10
C GLY C 8 34.65 7.41 3.60
N THR C 9 35.93 7.47 3.22
CA THR C 9 36.29 7.53 1.81
C THR C 9 35.68 6.35 1.06
N ALA C 10 34.99 6.66 -0.03
CA ALA C 10 34.29 5.66 -0.84
C ALA C 10 34.75 5.76 -2.29
N VAL C 11 35.01 4.61 -2.90
CA VAL C 11 35.46 4.53 -4.29
C VAL C 11 34.40 3.76 -5.08
N LYS C 12 34.04 4.29 -6.24
CA LYS C 12 33.04 3.67 -7.10
C LYS C 12 33.46 3.85 -8.55
N ARG C 13 33.12 2.86 -9.38
CA ARG C 13 33.49 2.92 -10.78
C ARG C 13 32.64 3.94 -11.52
N PRO C 14 33.14 4.47 -12.64
CA PRO C 14 32.37 5.47 -13.39
C PRO C 14 31.04 4.89 -13.86
N GLY C 15 29.99 5.71 -13.80
CA GLY C 15 28.66 5.29 -14.15
C GLY C 15 27.92 4.57 -13.04
N ALA C 16 28.56 4.35 -11.89
CA ALA C 16 27.95 3.67 -10.77
C ALA C 16 27.25 4.68 -9.86
N SER C 17 26.80 4.23 -8.70
CA SER C 17 26.10 5.06 -7.72
C SER C 17 26.83 5.00 -6.39
N VAL C 18 26.74 6.09 -5.62
CA VAL C 18 27.47 6.24 -4.37
C VAL C 18 26.55 6.81 -3.30
N ARG C 19 26.93 6.53 -2.04
CA ARG C 19 26.19 6.98 -0.86
C ARG C 19 27.15 7.59 0.16
N VAL C 20 26.71 8.71 0.75
CA VAL C 20 27.41 9.34 1.86
C VAL C 20 26.37 9.63 2.94
N SER C 21 26.80 9.61 4.20
CA SER C 21 25.88 9.79 5.31
C SER C 21 26.50 10.63 6.40
N CYS C 22 25.77 11.64 6.87
CA CYS C 22 26.11 12.38 8.08
C CYS C 22 25.17 11.94 9.20
N GLN C 23 25.70 11.89 10.42
CA GLN C 23 24.91 11.53 11.61
C GLN C 23 24.88 12.72 12.56
N ALA C 24 23.69 13.26 12.78
CA ALA C 24 23.53 14.38 13.69
C ALA C 24 23.51 13.91 15.13
N SER C 25 23.95 14.77 16.04
CA SER C 25 23.94 14.46 17.46
C SER C 25 24.11 15.75 18.24
N GLY C 26 23.46 15.82 19.40
CA GLY C 26 23.60 16.94 20.30
C GLY C 26 22.65 18.09 20.06
N TYR C 27 21.75 17.98 19.08
CA TYR C 27 20.78 19.02 18.82
C TYR C 27 19.53 18.39 18.22
N THR C 28 18.41 19.09 18.35
CA THR C 28 17.15 18.58 17.83
C THR C 28 17.25 18.49 16.31
N PHE C 29 17.24 17.26 15.80
CA PHE C 29 17.55 17.01 14.39
C PHE C 29 16.61 17.76 13.45
N THR C 30 15.35 17.94 13.87
CA THR C 30 14.30 18.37 12.97
C THR C 30 14.23 19.89 12.76
N ASP C 31 15.00 20.67 13.51
CA ASP C 31 14.84 22.13 13.49
C ASP C 31 15.79 22.87 12.56
N TYR C 32 16.78 22.19 11.96
CA TYR C 32 17.80 22.88 11.19
C TYR C 32 18.01 22.21 9.83
N PHE C 33 17.93 23.02 8.77
CA PHE C 33 18.25 22.56 7.43
C PHE C 33 19.68 22.02 7.38
N ILE C 34 19.90 21.05 6.49
CA ILE C 34 21.23 20.56 6.19
C ILE C 34 21.55 20.92 4.74
N TYR C 35 22.62 21.68 4.54
CA TYR C 35 23.13 22.02 3.23
C TYR C 35 24.32 21.13 2.90
N TRP C 36 24.37 20.66 1.65
CA TRP C 36 25.44 19.79 1.19
C TRP C 36 26.34 20.54 0.22
N TRP C 37 27.64 20.39 0.39
CA TRP C 37 28.64 21.01 -0.48
C TRP C 37 29.69 19.99 -0.86
N ARG C 38 30.30 20.21 -2.03
CA ARG C 38 31.46 19.43 -2.45
C ARG C 38 32.50 20.38 -3.02
N GLN C 39 33.78 20.04 -2.81
CA GLN C 39 34.88 20.78 -3.41
C GLN C 39 35.93 19.81 -3.91
N ALA C 40 36.27 19.93 -5.18
CA ALA C 40 37.33 19.15 -5.77
C ALA C 40 38.66 19.69 -5.26
N PRO C 41 39.76 19.01 -5.52
CA PRO C 41 41.05 19.47 -5.00
C PRO C 41 41.44 20.85 -5.49
N GLY C 42 41.96 21.68 -4.60
CA GLY C 42 42.39 23.01 -4.96
C GLY C 42 41.30 23.78 -5.68
N GLN C 43 40.11 23.79 -5.12
CA GLN C 43 39.01 24.47 -5.78
C GLN C 43 37.96 25.00 -4.81
N GLY C 44 37.03 25.80 -5.33
CA GLY C 44 35.96 26.40 -4.57
C GLY C 44 34.82 25.45 -4.23
N LEU C 45 33.93 25.84 -3.32
CA LEU C 45 32.82 24.99 -2.94
C LEU C 45 31.69 25.08 -3.96
N GLU C 46 31.10 23.93 -4.27
CA GLU C 46 29.99 23.81 -5.20
C GLU C 46 28.76 23.35 -4.45
N TRP C 47 27.59 23.90 -4.80
CA TRP C 47 26.35 23.65 -4.09
C TRP C 47 25.71 22.36 -4.59
N LEU C 48 25.48 21.42 -3.69
CA LEU C 48 24.77 20.19 -4.02
C LEU C 48 23.28 20.29 -3.77
N GLY C 49 22.86 21.02 -2.75
CA GLY C 49 21.45 21.16 -2.42
C GLY C 49 21.21 21.17 -0.92
N TRP C 50 19.99 21.45 -0.51
CA TRP C 50 19.62 21.41 0.90
C TRP C 50 18.38 20.54 1.08
N ILE C 51 18.20 20.06 2.31
CA ILE C 51 17.05 19.22 2.66
C ILE C 51 16.46 19.74 3.96
N ASN C 52 15.14 19.64 4.07
CA ASN C 52 14.43 20.03 5.28
C ASN C 52 14.18 18.79 6.14
N PRO C 53 14.88 18.61 7.26
CA PRO C 53 14.67 17.39 8.06
C PRO C 53 13.25 17.20 8.55
N LEU C 54 12.50 18.29 8.74
CA LEU C 54 11.14 18.17 9.27
C LEU C 54 10.21 17.55 8.23
N THR C 55 10.12 18.15 7.05
CA THR C 55 9.15 17.75 6.05
C THR C 55 9.73 16.85 4.97
N SER C 56 11.04 16.62 4.96
CA SER C 56 11.73 15.78 3.99
C SER C 56 11.99 16.51 2.69
N GLN C 57 11.62 17.77 2.55
CA GLN C 57 11.66 18.43 1.26
C GLN C 57 13.10 18.70 0.82
N PRO C 58 13.52 18.22 -0.35
CA PRO C 58 14.83 18.60 -0.89
C PRO C 58 14.75 19.64 -1.99
N SER C 59 15.79 20.45 -2.15
CA SER C 59 15.94 21.34 -3.30
C SER C 59 17.34 21.15 -3.87
N TYR C 60 17.44 21.10 -5.19
CA TYR C 60 18.71 20.86 -5.86
C TYR C 60 18.99 21.96 -6.87
N PRO C 61 20.24 22.12 -7.28
CA PRO C 61 20.56 22.99 -8.41
C PRO C 61 20.27 22.32 -9.74
N SER C 62 20.02 23.15 -10.75
CA SER C 62 19.69 22.63 -12.07
C SER C 62 20.77 21.72 -12.61
N ARG C 63 22.04 22.07 -12.38
CA ARG C 63 23.14 21.31 -12.99
C ARG C 63 23.05 19.82 -12.64
N PHE C 64 22.69 19.49 -11.40
CA PHE C 64 22.64 18.12 -10.93
C PHE C 64 21.24 17.52 -10.96
N GLN C 65 20.27 18.21 -11.56
CA GLN C 65 18.88 17.77 -11.47
C GLN C 65 18.73 16.31 -11.87
N GLY C 66 18.15 15.52 -10.96
CA GLY C 66 17.84 14.13 -11.22
C GLY C 66 19.00 13.17 -11.01
N ARG C 67 20.23 13.65 -11.03
CA ARG C 67 21.37 12.80 -10.78
C ARG C 67 21.64 12.66 -9.29
N LEU C 68 21.20 13.66 -8.51
CA LEU C 68 21.48 13.75 -7.08
C LEU C 68 20.15 13.77 -6.33
N THR C 69 20.08 13.07 -5.20
CA THR C 69 18.88 13.09 -4.37
C THR C 69 19.27 13.03 -2.90
N LEU C 70 18.64 13.87 -2.08
CA LEU C 70 18.89 13.95 -0.65
C LEU C 70 17.73 13.38 0.15
N THR C 71 18.08 12.61 1.17
CA THR C 71 17.10 11.91 2.00
C THR C 71 17.48 12.09 3.47
N ARG C 72 16.51 11.81 4.33
CA ARG C 72 16.65 11.93 5.77
C ARG C 72 16.12 10.68 6.47
N ASP C 73 16.70 10.39 7.64
CA ASP C 73 16.22 9.32 8.51
C ASP C 73 16.19 9.88 9.93
N THR C 74 14.99 10.09 10.45
CA THR C 74 14.82 10.72 11.76
C THR C 74 14.97 9.75 12.91
N PHE C 75 14.74 8.46 12.67
CA PHE C 75 14.93 7.48 13.74
C PHE C 75 16.41 7.29 14.05
N ASP C 76 17.25 7.34 13.02
CA ASP C 76 18.69 7.32 13.19
C ASP C 76 19.27 8.72 13.44
N GLU C 77 18.56 9.77 13.02
CA GLU C 77 19.12 11.12 12.94
C GLU C 77 20.32 11.15 12.00
N MET C 78 20.11 10.62 10.79
CA MET C 78 21.15 10.54 9.77
C MET C 78 20.66 11.15 8.47
N LEU C 79 21.57 11.82 7.77
CA LEU C 79 21.30 12.40 6.46
C LEU C 79 22.09 11.65 5.42
N TYR C 80 21.48 11.45 4.25
CA TYR C 80 22.09 10.70 3.16
C TYR C 80 22.16 11.54 1.90
N MET C 81 23.19 11.27 1.09
CA MET C 81 23.40 11.96 -0.18
C MET C 81 23.71 10.91 -1.25
N ASP C 82 22.77 10.71 -2.17
CA ASP C 82 22.89 9.70 -3.20
C ASP C 82 23.21 10.36 -4.53
N LEU C 83 24.39 10.08 -5.06
CA LEU C 83 24.83 10.59 -6.36
C LEU C 83 25.04 9.42 -7.29
N ARG C 84 24.41 9.51 -8.46
CA ARG C 84 24.41 8.45 -9.47
C ARG C 84 24.94 8.88 -10.82
N GLY C 85 25.18 7.91 -11.70
CA GLY C 85 25.76 8.22 -12.99
C GLY C 85 27.10 8.89 -12.81
N LEU C 86 27.94 8.29 -11.96
CA LEU C 86 29.15 8.96 -11.50
C LEU C 86 30.09 9.25 -12.68
N ARG C 87 30.34 10.53 -12.90
CA ARG C 87 31.28 11.00 -13.90
C ARG C 87 32.68 11.07 -13.30
N SER C 88 33.65 11.50 -14.12
CA SER C 88 35.00 11.68 -13.62
C SER C 88 35.10 12.92 -12.72
N ASP C 89 34.35 13.97 -13.06
CA ASP C 89 34.39 15.20 -12.28
C ASP C 89 33.76 15.05 -10.90
N ASP C 90 33.11 13.92 -10.62
CA ASP C 90 32.51 13.71 -9.31
C ASP C 90 33.53 13.42 -8.23
N THR C 91 34.79 13.18 -8.60
CA THR C 91 35.84 13.00 -7.60
C THR C 91 35.99 14.27 -6.77
N GLY C 92 36.11 14.11 -5.46
CA GLY C 92 36.28 15.24 -4.57
C GLY C 92 35.82 14.93 -3.17
N ILE C 93 35.84 15.97 -2.34
CA ILE C 93 35.48 15.90 -0.93
C ILE C 93 34.08 16.47 -0.76
N TYR C 94 33.21 15.76 -0.04
CA TYR C 94 31.81 16.11 0.12
C TYR C 94 31.52 16.49 1.57
N PHE C 95 31.01 17.71 1.78
CA PHE C 95 30.74 18.24 3.11
C PHE C 95 29.23 18.33 3.34
N CYS C 96 28.83 18.23 4.62
CA CYS C 96 27.49 18.55 5.07
C CYS C 96 27.55 19.54 6.22
N ALA C 97 26.68 20.55 6.16
CA ALA C 97 26.69 21.65 7.12
C ALA C 97 25.29 21.93 7.63
N ARG C 98 25.20 22.39 8.88
CA ARG C 98 23.92 22.71 9.51
C ARG C 98 23.64 24.19 9.34
N ARG C 99 22.49 24.52 8.75
CA ARG C 99 22.04 25.90 8.62
C ARG C 99 21.45 26.35 9.96
N HIS C 100 22.19 27.20 10.68
CA HIS C 100 21.80 27.55 12.05
C HIS C 100 20.59 28.47 12.08
N SER C 101 20.55 29.48 11.21
CA SER C 101 19.57 30.55 11.36
C SER C 101 19.10 31.03 10.00
N ASP C 102 18.11 31.93 10.02
CA ASP C 102 17.65 32.59 8.81
C ASP C 102 18.74 33.47 8.20
N TYR C 103 19.78 33.80 8.97
CA TYR C 103 20.96 34.41 8.39
C TYR C 103 21.65 33.47 7.41
N CYS C 104 21.43 32.17 7.57
CA CYS C 104 22.02 31.13 6.73
C CYS C 104 23.48 30.86 7.06
N ASP C 105 23.91 31.24 8.27
CA ASP C 105 25.21 30.81 8.76
C ASP C 105 25.24 29.30 8.93
N PHE C 106 26.36 28.69 8.54
CA PHE C 106 26.59 27.27 8.74
C PHE C 106 27.63 27.15 9.85
N ASP C 107 27.16 26.79 11.04
CA ASP C 107 28.00 26.76 12.22
C ASP C 107 28.63 25.38 12.43
N ILE C 108 27.88 24.32 12.18
CA ILE C 108 28.32 22.96 12.45
C ILE C 108 28.55 22.28 11.10
N TRP C 109 29.77 21.80 10.89
CA TRP C 109 30.15 21.15 9.65
C TRP C 109 30.63 19.73 9.92
N GLY C 110 30.38 18.85 8.96
CA GLY C 110 31.04 17.57 8.94
C GLY C 110 32.49 17.73 8.51
N SER C 111 33.27 16.68 8.72
CA SER C 111 34.69 16.71 8.38
C SER C 111 34.95 16.29 6.94
N GLY C 112 33.91 16.10 6.15
CA GLY C 112 34.08 15.82 4.72
C GLY C 112 34.17 14.33 4.43
N THR C 113 33.62 13.95 3.28
CA THR C 113 33.70 12.58 2.78
C THR C 113 34.41 12.61 1.43
N GLN C 114 35.59 12.00 1.36
CA GLN C 114 36.32 11.89 0.11
C GLN C 114 35.67 10.82 -0.78
N ILE C 115 35.38 11.18 -2.02
CA ILE C 115 34.85 10.25 -3.01
C ILE C 115 35.84 10.18 -4.16
N ILE C 116 36.10 8.97 -4.65
CA ILE C 116 37.02 8.76 -5.76
C ILE C 116 36.31 7.97 -6.86
N VAL C 117 36.34 8.48 -8.08
CA VAL C 117 35.67 7.85 -9.23
C VAL C 117 36.77 7.18 -10.06
N SER C 118 36.74 5.85 -10.15
CA SER C 118 37.70 5.24 -11.06
C SER C 118 37.39 3.76 -11.21
N SER C 119 37.84 3.21 -12.33
CA SER C 119 37.68 1.78 -12.58
C SER C 119 38.47 1.02 -11.52
N ALA C 120 37.76 0.20 -10.74
CA ALA C 120 38.34 -0.36 -9.53
C ALA C 120 39.57 -1.19 -9.84
N SER C 121 40.64 -0.92 -9.09
CA SER C 121 41.84 -1.73 -9.10
C SER C 121 42.70 -1.34 -7.92
N THR C 122 43.40 -2.33 -7.36
CA THR C 122 44.49 -2.09 -6.43
C THR C 122 45.78 -2.34 -7.16
N LYS C 123 46.77 -1.47 -6.95
CA LYS C 123 47.97 -1.52 -7.77
C LYS C 123 49.17 -1.04 -6.97
N GLY C 124 50.35 -1.55 -7.35
CA GLY C 124 51.59 -1.09 -6.80
C GLY C 124 52.30 -0.19 -7.80
N PRO C 125 52.88 0.90 -7.33
CA PRO C 125 53.50 1.83 -8.26
C PRO C 125 54.67 1.30 -9.04
N SER C 126 54.65 1.48 -10.36
CA SER C 126 55.77 1.06 -11.17
C SER C 126 56.68 2.24 -10.94
N VAL C 127 57.98 2.06 -11.05
CA VAL C 127 58.88 3.17 -10.83
C VAL C 127 59.77 3.53 -12.01
N PHE C 128 59.80 4.82 -12.31
CA PHE C 128 60.60 5.37 -13.39
C PHE C 128 61.39 6.48 -12.73
N PRO C 129 62.70 6.63 -13.16
CA PRO C 129 63.45 7.69 -12.48
C PRO C 129 63.84 8.82 -13.40
N LEU C 130 63.83 10.05 -12.90
CA LEU C 130 64.20 11.17 -13.73
C LEU C 130 65.62 11.61 -13.41
N ALA C 131 66.48 11.45 -14.41
CA ALA C 131 67.89 11.80 -14.31
C ALA C 131 68.13 13.28 -14.45
N PRO C 132 69.33 13.75 -13.94
CA PRO C 132 69.54 15.19 -14.11
C PRO C 132 70.47 15.45 -15.28
N ALA C 143 69.24 18.44 -10.46
CA ALA C 143 68.08 17.83 -9.83
C ALA C 143 67.81 16.45 -10.41
N LEU C 144 67.34 15.55 -9.56
CA LEU C 144 67.06 14.17 -9.95
C LEU C 144 65.93 13.65 -9.06
N GLY C 145 65.25 12.61 -9.52
CA GLY C 145 64.10 12.14 -8.78
C GLY C 145 63.59 10.77 -9.15
N CYS C 146 62.53 10.37 -8.43
CA CYS C 146 61.82 9.12 -8.65
C CYS C 146 60.40 9.41 -9.10
N LEU C 147 59.94 8.65 -10.10
CA LEU C 147 58.60 8.78 -10.68
C LEU C 147 57.74 7.59 -10.27
N VAL C 148 56.74 7.82 -9.42
CA VAL C 148 55.83 6.78 -8.97
C VAL C 148 54.53 6.90 -9.78
N LYS C 149 54.27 5.92 -10.64
CA LYS C 149 53.19 5.99 -11.59
C LYS C 149 52.31 4.75 -11.48
N ASP C 150 51.01 4.96 -11.74
CA ASP C 150 50.03 3.87 -11.80
C ASP C 150 49.99 3.07 -10.50
N TYR C 151 49.63 3.75 -9.41
CA TYR C 151 49.47 3.09 -8.12
C TYR C 151 48.09 3.38 -7.54
N PHE C 152 47.62 2.48 -6.69
CA PHE C 152 46.30 2.59 -6.09
C PHE C 152 46.20 1.73 -4.83
N PRO C 153 45.64 2.27 -3.73
CA PRO C 153 45.18 3.64 -3.48
C PRO C 153 46.23 4.47 -2.76
N GLU C 154 45.82 5.63 -2.25
CA GLU C 154 46.69 6.43 -1.40
C GLU C 154 46.80 5.77 -0.02
N PRO C 155 47.91 6.03 0.71
CA PRO C 155 49.02 6.88 0.28
C PRO C 155 50.23 6.09 -0.16
N VAL C 156 51.24 6.85 -0.56
CA VAL C 156 52.54 6.35 -0.97
C VAL C 156 53.59 7.19 -0.24
N THR C 157 54.58 6.54 0.36
CA THR C 157 55.64 7.24 1.08
C THR C 157 56.97 7.07 0.37
N VAL C 158 57.62 8.19 0.06
CA VAL C 158 58.88 8.20 -0.65
C VAL C 158 59.92 8.96 0.17
N SER C 159 61.03 8.30 0.49
CA SER C 159 62.17 8.92 1.16
C SER C 159 63.44 8.56 0.37
N TRP C 160 64.52 9.30 0.62
CA TRP C 160 65.75 9.10 -0.12
C TRP C 160 66.86 8.56 0.78
N ASN C 161 67.66 7.64 0.25
CA ASN C 161 68.78 7.02 0.96
C ASN C 161 68.35 6.53 2.34
N SER C 162 67.16 5.93 2.41
CA SER C 162 66.68 5.31 3.64
C SER C 162 66.65 6.32 4.79
N GLY C 163 66.25 7.55 4.49
CA GLY C 163 66.19 8.59 5.49
C GLY C 163 67.49 9.33 5.70
N ALA C 164 68.58 8.92 5.05
CA ALA C 164 69.85 9.62 5.19
C ALA C 164 69.76 11.02 4.61
N LEU C 165 69.09 11.16 3.47
CA LEU C 165 68.95 12.45 2.80
C LEU C 165 67.62 13.06 3.24
N THR C 166 67.69 14.13 4.04
CA THR C 166 66.50 14.78 4.59
C THR C 166 66.21 16.12 3.95
N SER C 167 67.24 16.85 3.52
CA SER C 167 67.08 18.21 3.01
C SER C 167 67.11 18.21 1.48
N GLY C 168 66.36 19.17 0.90
CA GLY C 168 66.32 19.33 -0.54
C GLY C 168 65.44 18.36 -1.30
N VAL C 169 64.58 17.61 -0.62
CA VAL C 169 63.74 16.59 -1.24
C VAL C 169 62.31 17.11 -1.33
N HIS C 170 61.68 16.88 -2.47
CA HIS C 170 60.28 17.24 -2.68
C HIS C 170 59.52 16.04 -3.24
N THR C 171 58.59 15.50 -2.44
CA THR C 171 57.65 14.49 -2.89
C THR C 171 56.30 15.17 -3.11
N PHE C 172 55.89 15.29 -4.36
CA PHE C 172 54.73 16.10 -4.70
C PHE C 172 53.44 15.43 -4.22
N PRO C 173 52.34 16.20 -4.15
CA PRO C 173 51.05 15.57 -3.88
C PRO C 173 50.64 14.64 -5.01
N ALA C 174 50.03 13.51 -4.65
CA ALA C 174 49.50 12.59 -5.65
C ALA C 174 48.35 13.24 -6.40
N VAL C 175 48.31 13.01 -7.71
CA VAL C 175 47.22 13.48 -8.56
C VAL C 175 46.64 12.31 -9.31
N LEU C 176 45.31 12.23 -9.34
CA LEU C 176 44.65 11.18 -10.09
C LEU C 176 44.74 11.45 -11.59
N GLN C 177 44.82 10.37 -12.36
CA GLN C 177 45.05 10.43 -13.80
C GLN C 177 43.84 9.90 -14.55
N SER C 178 43.85 10.11 -15.87
CA SER C 178 42.74 9.68 -16.70
C SER C 178 42.40 8.21 -16.52
N SER C 179 43.43 7.36 -16.40
CA SER C 179 43.19 5.93 -16.26
C SER C 179 42.43 5.58 -14.99
N GLY C 180 42.50 6.43 -13.97
CA GLY C 180 41.96 6.14 -12.68
C GLY C 180 42.99 5.70 -11.66
N LEU C 181 44.28 5.88 -11.98
CA LEU C 181 45.38 5.46 -11.13
C LEU C 181 46.17 6.69 -10.73
N TYR C 182 46.49 6.81 -9.44
CA TYR C 182 47.30 7.92 -8.99
C TYR C 182 48.68 7.84 -9.63
N SER C 183 49.26 9.02 -9.90
CA SER C 183 50.61 9.11 -10.44
C SER C 183 51.30 10.27 -9.76
N LEU C 184 52.54 10.02 -9.30
CA LEU C 184 53.29 11.02 -8.55
C LEU C 184 54.77 10.90 -8.89
N SER C 185 55.51 11.97 -8.63
CA SER C 185 56.97 11.98 -8.75
C SER C 185 57.58 12.64 -7.52
N SER C 186 58.75 12.17 -7.13
CA SER C 186 59.49 12.77 -6.04
C SER C 186 60.96 12.85 -6.44
N VAL C 187 61.58 13.99 -6.15
CA VAL C 187 62.99 14.21 -6.43
C VAL C 187 63.54 15.31 -5.55
N VAL C 188 64.86 15.38 -5.45
CA VAL C 188 65.53 16.37 -4.61
C VAL C 188 66.71 17.01 -5.30
N THR C 189 67.05 18.21 -4.87
CA THR C 189 68.19 18.93 -5.40
C THR C 189 69.45 18.30 -4.83
N VAL C 190 70.54 18.32 -5.58
CA VAL C 190 71.78 17.74 -5.10
C VAL C 190 72.94 18.69 -5.36
N PRO C 191 74.10 18.46 -4.64
CA PRO C 191 75.18 19.41 -4.96
C PRO C 191 75.53 19.22 -6.42
N SER C 192 75.68 20.31 -7.14
CA SER C 192 75.97 20.20 -8.56
C SER C 192 77.24 19.39 -8.71
N SER C 193 78.20 19.67 -7.84
CA SER C 193 79.48 18.98 -7.83
C SER C 193 79.28 17.52 -7.50
N SER C 194 78.34 17.26 -6.61
CA SER C 194 78.04 15.90 -6.17
C SER C 194 77.63 14.98 -7.30
N LEU C 195 78.14 13.75 -7.25
CA LEU C 195 77.82 12.77 -8.28
C LEU C 195 78.17 11.37 -7.79
N ILE C 201 69.42 7.41 -3.67
CA ILE C 201 68.45 6.33 -3.88
C ILE C 201 67.16 6.65 -3.13
N CYS C 202 66.04 6.15 -3.66
CA CYS C 202 64.70 6.42 -3.14
C CYS C 202 64.18 5.27 -2.28
N ASN C 203 63.39 5.63 -1.26
CA ASN C 203 62.68 4.66 -0.42
C ASN C 203 61.19 4.82 -0.71
N VAL C 204 60.66 3.98 -1.61
CA VAL C 204 59.27 4.00 -2.01
C VAL C 204 58.52 2.87 -1.32
N ASN C 205 57.61 3.21 -0.42
CA ASN C 205 56.80 2.23 0.30
C ASN C 205 55.33 2.46 -0.03
N HIS C 206 54.69 1.47 -0.64
CA HIS C 206 53.25 1.48 -0.91
C HIS C 206 52.61 0.39 -0.07
N LYS C 207 52.07 0.79 1.08
CA LYS C 207 51.54 -0.19 2.04
C LYS C 207 50.44 -1.07 1.49
N PRO C 208 49.45 -0.56 0.73
CA PRO C 208 48.29 -1.39 0.40
C PRO C 208 48.58 -2.64 -0.43
N SER C 209 49.68 -2.69 -1.18
CA SER C 209 49.95 -3.84 -2.06
C SER C 209 51.29 -4.51 -1.75
N ASN C 210 51.77 -4.39 -0.52
CA ASN C 210 53.01 -5.04 -0.09
C ASN C 210 54.18 -4.71 -1.03
N THR C 211 54.19 -3.51 -1.60
CA THR C 211 55.21 -3.10 -2.55
C THR C 211 56.14 -2.06 -1.91
N LYS C 212 57.38 -2.46 -1.63
CA LYS C 212 58.44 -1.55 -1.21
C LYS C 212 59.59 -1.66 -2.20
N VAL C 213 59.90 -0.56 -2.89
CA VAL C 213 60.92 -0.55 -3.93
C VAL C 213 61.86 0.62 -3.70
N ASP C 214 63.16 0.34 -3.76
CA ASP C 214 64.19 1.37 -3.85
C ASP C 214 64.78 1.31 -5.26
N LYS C 215 64.70 2.42 -5.97
CA LYS C 215 65.18 2.52 -7.35
C LYS C 215 66.40 3.41 -7.42
N ARG C 216 67.32 3.07 -8.31
CA ARG C 216 68.56 3.82 -8.48
C ARG C 216 68.45 4.80 -9.64
N VAL C 217 68.95 6.01 -9.40
CA VAL C 217 68.94 7.09 -10.37
C VAL C 217 70.34 7.19 -10.97
N GLU C 218 70.41 7.16 -12.29
CA GLU C 218 71.69 7.19 -12.97
C GLU C 218 71.71 8.31 -14.00
N ASP D 1 19.20 35.73 -8.89
CA ASP D 1 20.10 35.11 -7.88
C ASP D 1 21.14 36.13 -7.42
N ILE D 2 22.29 35.65 -6.96
CA ILE D 2 23.27 36.48 -6.26
C ILE D 2 24.55 36.54 -7.06
N GLN D 3 25.06 37.75 -7.27
CA GLN D 3 26.34 37.98 -7.93
C GLN D 3 27.41 38.21 -6.86
N MET D 4 28.50 37.47 -6.92
CA MET D 4 29.52 37.63 -5.90
C MET D 4 30.91 37.77 -6.47
N THR D 5 31.63 38.75 -5.94
CA THR D 5 32.98 39.00 -6.37
C THR D 5 33.90 39.06 -5.18
N GLN D 6 35.03 38.38 -5.24
CA GLN D 6 35.99 38.44 -4.15
C GLN D 6 37.34 38.81 -4.70
N SER D 7 38.00 39.74 -4.03
CA SER D 7 39.33 40.16 -4.42
C SER D 7 40.04 40.56 -3.14
N PRO D 8 41.43 40.41 -3.02
CA PRO D 8 42.09 39.87 -4.20
C PRO D 8 41.99 38.35 -4.25
N SER D 9 42.22 37.76 -5.42
CA SER D 9 42.21 36.30 -5.52
C SER D 9 43.30 35.67 -4.66
N SER D 10 44.42 36.36 -4.49
CA SER D 10 45.51 35.89 -3.65
C SER D 10 46.05 37.04 -2.82
N LEU D 11 46.66 36.71 -1.68
CA LEU D 11 47.23 37.69 -0.77
C LEU D 11 48.34 37.06 0.05
N SER D 12 49.31 37.88 0.43
CA SER D 12 50.41 37.44 1.28
C SER D 12 50.64 38.42 2.43
N ALA D 13 50.95 37.89 3.61
CA ALA D 13 51.18 38.70 4.80
C ALA D 13 52.05 37.93 5.77
N SER D 14 52.54 38.63 6.79
CA SER D 14 53.36 38.06 7.85
C SER D 14 52.69 38.29 9.20
N VAL D 15 53.22 37.61 10.23
CA VAL D 15 52.65 37.72 11.56
C VAL D 15 52.67 39.18 12.00
N GLY D 16 51.55 39.64 12.56
CA GLY D 16 51.41 41.02 12.97
C GLY D 16 50.87 41.94 11.90
N ASP D 17 50.79 41.47 10.65
CA ASP D 17 50.29 42.29 9.56
C ASP D 17 48.80 42.56 9.70
N LYS D 18 48.34 43.56 8.97
CA LYS D 18 46.92 43.86 8.85
C LYS D 18 46.43 43.31 7.51
N VAL D 19 45.52 42.36 7.58
CA VAL D 19 44.99 41.73 6.41
C VAL D 19 43.53 42.09 6.28
N THR D 20 43.18 42.54 5.08
CA THR D 20 41.83 42.92 4.80
C THR D 20 41.41 42.18 3.56
N ILE D 21 40.15 41.79 3.52
CA ILE D 21 39.61 41.08 2.40
C ILE D 21 38.26 41.65 2.11
N THR D 22 37.82 41.56 0.87
CA THR D 22 36.52 42.08 0.53
C THR D 22 35.81 41.24 -0.50
N CYS D 23 34.48 41.20 -0.38
CA CYS D 23 33.64 40.51 -1.34
C CYS D 23 32.40 41.37 -1.47
N GLN D 24 31.77 41.37 -2.64
CA GLN D 24 30.62 42.19 -2.90
C GLN D 24 29.47 41.33 -3.35
N THR D 25 28.27 41.67 -2.91
CA THR D 25 27.09 40.91 -3.28
C THR D 25 25.87 41.76 -3.48
N SER D 26 25.12 41.53 -4.55
CA SER D 26 23.92 42.31 -4.77
C SER D 26 22.95 42.00 -3.66
N ALA D 27 22.89 40.72 -3.31
CA ALA D 27 22.01 40.22 -2.25
C ALA D 27 22.62 40.40 -0.87
N GLY D 28 21.77 40.40 0.14
CA GLY D 28 22.20 40.56 1.51
C GLY D 28 22.62 39.28 2.22
N TYR D 29 22.80 39.37 3.53
CA TYR D 29 23.15 38.25 4.38
C TYR D 29 24.45 37.48 4.18
N LEU D 30 25.53 38.20 3.94
CA LEU D 30 26.83 37.58 3.80
C LEU D 30 27.41 37.01 5.09
N ASN D 31 28.22 35.97 4.96
CA ASN D 31 28.87 35.34 6.09
C ASN D 31 30.29 34.97 5.71
N TRP D 32 31.19 34.92 6.68
CA TRP D 32 32.58 34.61 6.42
C TRP D 32 33.01 33.31 7.06
N TYR D 33 33.89 32.59 6.39
CA TYR D 33 34.38 31.30 6.87
C TYR D 33 35.89 31.19 6.67
N GLN D 34 36.51 30.39 7.53
CA GLN D 34 37.94 30.09 7.46
C GLN D 34 38.10 28.62 7.11
N GLN D 35 38.79 28.34 6.01
CA GLN D 35 39.04 26.98 5.58
C GLN D 35 40.54 26.74 5.59
N ARG D 36 41.01 25.94 6.54
CA ARG D 36 42.41 25.58 6.64
C ARG D 36 42.68 24.34 5.80
N ARG D 37 43.96 23.98 5.71
CA ARG D 37 44.37 22.90 4.82
C ARG D 37 43.62 21.62 5.14
N GLY D 38 42.92 21.09 4.14
CA GLY D 38 42.25 19.80 4.27
C GLY D 38 41.25 19.72 5.42
N ARG D 39 40.53 20.80 5.69
CA ARG D 39 39.56 20.81 6.77
C ARG D 39 38.32 21.60 6.37
N ALA D 40 37.20 21.26 6.99
CA ALA D 40 35.94 21.92 6.68
C ALA D 40 35.95 23.35 7.21
N PRO D 41 35.18 24.25 6.57
CA PRO D 41 35.14 25.65 7.02
C PRO D 41 34.76 25.80 8.49
N LYS D 42 35.23 26.90 9.08
CA LYS D 42 34.91 27.30 10.45
C LYS D 42 34.16 28.63 10.38
N LEU D 43 32.95 28.68 10.93
CA LEU D 43 32.19 29.92 10.92
C LEU D 43 32.90 30.96 11.78
N LEU D 44 33.21 32.10 11.17
CA LEU D 44 33.87 33.20 11.87
C LEU D 44 32.94 34.35 12.19
N MET D 45 32.17 34.81 11.21
CA MET D 45 31.24 35.91 11.43
C MET D 45 30.01 35.71 10.56
N TYR D 46 28.84 36.00 11.11
CA TYR D 46 27.59 35.92 10.37
C TYR D 46 26.99 37.30 10.22
N ASP D 47 26.37 37.56 9.08
CA ASP D 47 25.77 38.86 8.72
C ASP D 47 26.83 39.88 8.36
N GLY D 48 28.10 39.49 8.25
CA GLY D 48 29.16 40.39 7.82
C GLY D 48 29.76 41.22 8.93
N SER D 49 28.97 41.52 9.96
CA SER D 49 29.42 42.35 11.07
C SER D 49 29.34 41.65 12.42
N ARG D 50 28.51 40.62 12.55
CA ARG D 50 28.29 39.97 13.84
C ARG D 50 29.24 38.78 13.98
N LEU D 51 29.91 38.70 15.13
CA LEU D 51 30.93 37.70 15.38
C LEU D 51 30.36 36.56 16.22
N VAL D 52 30.70 35.32 15.86
CA VAL D 52 30.18 34.15 16.55
C VAL D 52 31.04 33.84 17.76
N THR D 53 30.39 33.40 18.84
CA THR D 53 31.11 33.07 20.07
C THR D 53 32.19 32.04 19.79
N GLY D 54 33.32 32.19 20.50
CA GLY D 54 34.44 31.29 20.34
C GLY D 54 35.44 31.70 19.28
N VAL D 55 35.30 32.89 18.71
CA VAL D 55 36.21 33.39 17.68
C VAL D 55 36.95 34.59 18.26
N PRO D 56 38.28 34.66 18.15
CA PRO D 56 39.04 35.70 18.83
C PRO D 56 38.63 37.13 18.45
N SER D 57 39.05 38.07 19.29
CA SER D 57 38.80 39.49 19.04
C SER D 57 39.64 40.03 17.89
N ARG D 58 40.69 39.31 17.48
CA ARG D 58 41.49 39.77 16.35
C ARG D 58 40.60 40.00 15.14
N PHE D 59 39.55 39.20 15.01
CA PHE D 59 38.65 39.25 13.87
C PHE D 59 37.54 40.27 14.12
N SER D 60 37.27 41.09 13.11
CA SER D 60 36.13 42.00 13.15
C SER D 60 35.73 42.31 11.72
N GLY D 61 34.44 42.61 11.54
CA GLY D 61 33.95 42.93 10.22
C GLY D 61 33.01 44.11 10.14
N ARG D 62 33.21 44.96 9.14
CA ARG D 62 32.31 46.05 8.85
C ARG D 62 31.99 46.04 7.38
N ARG D 63 30.77 46.44 7.04
CA ARG D 63 30.31 46.48 5.66
C ARG D 63 29.56 47.78 5.43
N TRP D 64 29.74 48.36 4.24
CA TRP D 64 29.01 49.55 3.84
C TRP D 64 28.45 49.33 2.44
N GLY D 65 27.11 49.33 2.35
CA GLY D 65 26.44 49.14 1.09
C GLY D 65 26.61 47.75 0.52
N THR D 66 27.11 47.67 -0.70
CA THR D 66 27.31 46.42 -1.39
C THR D 66 28.73 45.92 -1.24
N GLN D 67 29.41 46.34 -0.18
CA GLN D 67 30.77 45.89 0.07
C GLN D 67 30.94 45.36 1.47
N TYR D 68 31.54 44.18 1.60
CA TYR D 68 31.77 43.59 2.91
C TYR D 68 33.25 43.35 3.11
N ASN D 69 33.78 43.79 4.24
CA ASN D 69 35.21 43.74 4.52
C ASN D 69 35.49 42.81 5.69
N LEU D 70 36.55 42.00 5.59
CA LEU D 70 36.96 41.14 6.66
C LEU D 70 38.33 41.61 7.08
N THR D 71 38.48 41.98 8.34
CA THR D 71 39.77 42.48 8.79
C THR D 71 40.34 41.78 10.01
N ILE D 72 41.63 41.47 9.95
CA ILE D 72 42.32 40.82 11.04
C ILE D 72 43.27 41.81 11.69
N GLY D 73 43.09 42.05 12.98
CA GLY D 73 43.95 42.99 13.67
C GLY D 73 45.41 42.60 13.76
N SER D 74 45.69 41.35 14.13
CA SER D 74 47.09 40.92 14.22
C SER D 74 47.19 39.47 13.78
N LEU D 75 47.71 39.25 12.57
CA LEU D 75 47.80 37.91 12.01
C LEU D 75 48.71 37.03 12.87
N GLN D 76 48.38 35.74 12.90
CA GLN D 76 49.14 34.73 13.63
C GLN D 76 49.28 33.50 12.75
N PRO D 77 50.28 32.66 13.01
CA PRO D 77 50.52 31.49 12.13
C PRO D 77 49.26 30.70 11.81
N GLU D 78 48.33 30.60 12.76
CA GLU D 78 47.11 29.84 12.54
C GLU D 78 46.31 30.38 11.36
N ASP D 79 46.26 31.71 11.21
CA ASP D 79 45.32 32.34 10.29
C ASP D 79 45.65 32.11 8.82
N ILE D 80 46.80 31.54 8.48
CA ILE D 80 47.24 31.47 7.10
C ILE D 80 46.47 30.35 6.39
N ALA D 81 45.29 30.69 5.87
CA ALA D 81 44.48 29.71 5.15
C ALA D 81 43.48 30.45 4.28
N THR D 82 42.71 29.69 3.49
CA THR D 82 41.77 30.26 2.54
C THR D 82 40.51 30.74 3.27
N TYR D 83 40.08 31.96 2.92
CA TYR D 83 38.90 32.59 3.50
C TYR D 83 37.84 32.75 2.42
N TYR D 84 36.61 32.34 2.72
CA TYR D 84 35.50 32.44 1.79
C TYR D 84 34.43 33.36 2.37
N CYS D 85 33.66 33.96 1.47
CA CYS D 85 32.54 34.81 1.82
C CYS D 85 31.33 34.11 1.21
N GLN D 86 30.24 34.00 1.95
CA GLN D 86 29.07 33.29 1.46
C GLN D 86 27.85 34.19 1.59
N VAL D 87 26.85 33.86 0.78
CA VAL D 87 25.49 34.33 1.04
C VAL D 87 24.49 33.32 0.49
N TYR D 88 23.63 32.82 1.37
CA TYR D 88 22.61 31.83 1.00
C TYR D 88 23.33 30.63 0.40
N GLU D 89 22.86 30.08 -0.72
CA GLU D 89 23.40 28.86 -1.29
C GLU D 89 24.67 29.08 -2.10
N PHE D 90 25.19 30.31 -2.15
CA PHE D 90 26.32 30.64 -2.99
C PHE D 90 27.54 30.96 -2.14
N PHE D 91 28.68 30.40 -2.54
CA PHE D 91 29.97 30.67 -1.93
C PHE D 91 30.81 31.50 -2.88
N GLY D 92 31.67 32.36 -2.32
CA GLY D 92 32.52 33.20 -3.12
C GLY D 92 33.59 32.40 -3.85
N PRO D 93 34.40 33.13 -4.70
CA PRO D 93 35.45 32.36 -5.36
C PRO D 93 36.50 31.94 -4.37
N GLY D 94 36.84 32.82 -3.44
CA GLY D 94 37.79 32.51 -2.40
C GLY D 94 39.08 33.30 -2.54
N THR D 95 39.72 33.55 -1.40
CA THR D 95 41.04 34.17 -1.36
C THR D 95 41.93 33.34 -0.44
N ARG D 96 43.15 33.04 -0.90
CA ARG D 96 44.10 32.24 -0.15
C ARG D 96 45.20 33.15 0.39
N LEU D 97 45.47 33.05 1.68
CA LEU D 97 46.49 33.85 2.34
C LEU D 97 47.75 33.02 2.56
N ASP D 98 48.88 33.53 2.09
CA ASP D 98 50.16 32.87 2.19
C ASP D 98 51.14 33.78 2.92
N LEU D 99 52.09 33.20 3.64
CA LEU D 99 53.03 34.01 4.39
C LEU D 99 53.94 34.79 3.45
N LYS D 100 54.26 36.02 3.84
CA LYS D 100 55.09 36.90 3.01
C LYS D 100 56.53 36.39 2.96
N ARG D 101 57.08 36.32 1.75
CA ARG D 101 58.44 35.87 1.52
C ARG D 101 59.04 36.70 0.40
N THR D 102 60.34 36.94 0.48
CA THR D 102 61.00 37.68 -0.59
C THR D 102 60.79 36.95 -1.91
N VAL D 103 60.49 37.71 -2.96
CA VAL D 103 60.12 37.09 -4.23
C VAL D 103 61.28 36.26 -4.73
N ALA D 104 60.96 35.08 -5.26
CA ALA D 104 61.95 34.16 -5.79
C ALA D 104 61.51 33.65 -7.16
N ALA D 105 62.52 33.29 -7.99
CA ALA D 105 62.26 32.77 -9.33
C ALA D 105 62.44 31.25 -9.37
N PRO D 106 61.62 30.55 -10.14
CA PRO D 106 61.70 29.08 -10.15
C PRO D 106 62.96 28.59 -10.85
N SER D 107 63.73 27.76 -10.15
CA SER D 107 64.71 26.93 -10.83
C SER D 107 63.96 25.92 -11.69
N VAL D 108 64.31 25.84 -12.97
CA VAL D 108 63.60 25.01 -13.93
C VAL D 108 64.51 23.85 -14.34
N PHE D 109 63.94 22.66 -14.31
CA PHE D 109 64.63 21.45 -14.68
C PHE D 109 63.67 20.59 -15.46
N ILE D 110 64.19 19.83 -16.40
CA ILE D 110 63.35 18.95 -17.18
C ILE D 110 63.97 17.57 -17.23
N PHE D 111 63.14 16.54 -17.07
CA PHE D 111 63.64 15.19 -17.11
C PHE D 111 62.93 14.41 -18.19
N PRO D 112 63.74 13.75 -19.09
CA PRO D 112 63.04 12.99 -20.13
C PRO D 112 62.56 11.64 -19.64
N PRO D 113 61.63 11.01 -20.45
CA PRO D 113 61.19 9.70 -19.95
C PRO D 113 62.25 8.61 -20.03
N SER D 114 62.25 7.72 -19.04
CA SER D 114 63.19 6.63 -18.97
C SER D 114 62.93 5.58 -20.02
N ASP D 115 63.99 4.91 -20.44
CA ASP D 115 63.90 3.88 -21.46
C ASP D 115 63.03 2.72 -21.02
N GLU D 116 63.13 2.34 -19.76
CA GLU D 116 62.35 1.21 -19.26
C GLU D 116 60.87 1.54 -19.42
N GLN D 117 60.51 2.78 -19.14
CA GLN D 117 59.14 3.25 -19.24
C GLN D 117 58.63 3.18 -20.67
N LEU D 118 59.51 3.53 -21.61
CA LEU D 118 59.14 3.53 -23.03
C LEU D 118 58.74 2.14 -23.48
N LYS D 119 59.41 1.13 -22.96
CA LYS D 119 59.13 -0.26 -23.31
C LYS D 119 57.69 -0.56 -22.92
N SER D 120 57.27 0.03 -21.82
CA SER D 120 55.92 -0.15 -21.28
C SER D 120 54.91 0.31 -22.31
N GLY D 121 55.24 1.37 -23.04
CA GLY D 121 54.34 1.89 -24.05
C GLY D 121 53.74 3.24 -23.73
N THR D 122 54.16 3.82 -22.62
CA THR D 122 53.69 5.14 -22.23
C THR D 122 54.87 6.08 -22.06
N ALA D 123 54.77 7.28 -22.60
CA ALA D 123 55.86 8.25 -22.50
C ALA D 123 55.52 9.36 -21.54
N SER D 124 56.39 9.61 -20.57
CA SER D 124 56.13 10.66 -19.60
C SER D 124 57.26 11.66 -19.46
N VAL D 125 56.98 12.94 -19.67
CA VAL D 125 57.99 13.98 -19.52
C VAL D 125 57.66 14.84 -18.32
N VAL D 126 58.69 15.18 -17.53
CA VAL D 126 58.52 15.93 -16.29
C VAL D 126 59.22 17.27 -16.42
N CYS D 127 58.57 18.33 -15.91
CA CYS D 127 59.15 19.67 -15.81
C CYS D 127 58.95 20.14 -14.38
N LEU D 128 60.05 20.55 -13.74
CA LEU D 128 60.02 20.96 -12.35
C LEU D 128 60.42 22.39 -12.08
N LEU D 129 59.65 23.03 -11.19
CA LEU D 129 59.89 24.40 -10.81
C LEU D 129 60.16 24.27 -9.34
N ASN D 130 61.23 24.88 -8.85
CA ASN D 130 61.58 24.74 -7.44
C ASN D 130 61.78 25.97 -6.58
N ASN D 131 61.20 25.92 -5.40
CA ASN D 131 61.35 26.99 -4.42
C ASN D 131 61.04 28.36 -4.98
N PHE D 132 59.90 28.52 -5.65
CA PHE D 132 59.56 29.80 -6.23
C PHE D 132 58.44 30.45 -5.43
N TYR D 133 58.51 31.76 -5.31
CA TYR D 133 57.45 32.54 -4.67
C TYR D 133 57.22 33.84 -5.46
N PRO D 134 55.95 34.24 -5.65
CA PRO D 134 54.73 33.60 -5.16
C PRO D 134 54.27 32.40 -5.98
N ARG D 135 53.10 31.87 -5.61
CA ARG D 135 52.64 30.61 -6.15
C ARG D 135 52.25 30.71 -7.62
N GLU D 136 51.70 31.86 -8.05
CA GLU D 136 51.16 31.98 -9.39
C GLU D 136 52.25 31.80 -10.46
N ALA D 137 52.14 30.72 -11.23
CA ALA D 137 53.06 30.44 -12.32
C ALA D 137 52.35 29.57 -13.34
N LYS D 138 52.70 29.76 -14.61
CA LYS D 138 52.05 29.08 -15.73
C LYS D 138 53.07 28.28 -16.53
N VAL D 139 52.81 27.00 -16.73
CA VAL D 139 53.62 26.13 -17.57
C VAL D 139 52.78 25.67 -18.75
N GLN D 140 53.40 25.60 -19.92
CA GLN D 140 52.74 25.15 -21.15
C GLN D 140 53.74 24.36 -21.98
N TRP D 141 53.37 23.14 -22.36
CA TRP D 141 54.26 22.28 -23.12
C TRP D 141 54.19 22.58 -24.61
N LYS D 142 55.35 22.58 -25.26
CA LYS D 142 55.46 22.77 -26.70
C LYS D 142 56.21 21.59 -27.31
N VAL D 143 55.58 20.93 -28.27
CA VAL D 143 56.16 19.80 -28.98
C VAL D 143 56.36 20.23 -30.43
N ASP D 144 57.62 20.34 -30.86
CA ASP D 144 57.93 20.79 -32.21
C ASP D 144 57.33 22.16 -32.47
N ASN D 145 57.39 23.03 -31.46
CA ASN D 145 56.82 24.38 -31.55
C ASN D 145 55.30 24.33 -31.72
N ALA D 146 54.66 23.29 -31.18
CA ALA D 146 53.21 23.14 -31.22
C ALA D 146 52.71 23.02 -29.78
N LEU D 147 52.07 24.09 -29.29
CA LEU D 147 51.61 24.10 -27.91
C LEU D 147 50.54 23.03 -27.70
N GLN D 148 50.76 22.16 -26.73
CA GLN D 148 49.90 21.01 -26.49
C GLN D 148 48.93 21.29 -25.34
N SER D 149 47.73 20.74 -25.45
CA SER D 149 46.70 20.88 -24.45
C SER D 149 45.97 19.55 -24.28
N GLY D 150 45.49 19.31 -23.07
CA GLY D 150 44.73 18.11 -22.76
C GLY D 150 45.58 16.89 -22.51
N ASN D 151 46.90 17.03 -22.50
CA ASN D 151 47.84 15.97 -22.20
C ASN D 151 48.75 16.30 -21.02
N SER D 152 48.58 17.46 -20.39
CA SER D 152 49.46 17.93 -19.33
C SER D 152 48.70 17.96 -18.00
N GLN D 153 49.30 17.39 -16.97
CA GLN D 153 48.77 17.47 -15.61
C GLN D 153 49.88 17.94 -14.67
N GLU D 154 49.49 18.57 -13.57
CA GLU D 154 50.47 19.13 -12.64
C GLU D 154 49.95 19.08 -11.22
N SER D 155 50.89 19.13 -10.27
CA SER D 155 50.59 19.18 -8.84
C SER D 155 51.53 20.19 -8.20
N VAL D 156 51.14 20.68 -7.02
CA VAL D 156 51.86 21.76 -6.35
C VAL D 156 52.09 21.42 -4.88
N THR D 157 53.22 21.86 -4.36
CA THR D 157 53.55 21.73 -2.95
C THR D 157 52.85 22.82 -2.14
N GLU D 158 52.77 22.60 -0.84
CA GLU D 158 52.24 23.56 0.09
C GLU D 158 53.47 24.37 0.46
N GLN D 159 53.30 25.50 1.12
CA GLN D 159 54.45 26.32 1.48
C GLN D 159 55.36 25.55 2.39
N ASP D 160 56.67 25.63 2.15
CA ASP D 160 57.63 24.95 2.99
C ASP D 160 57.65 25.74 4.28
N SER D 161 57.88 25.07 5.40
CA SER D 161 57.90 25.76 6.67
C SER D 161 58.98 26.81 6.79
N LYS D 162 60.20 26.48 6.35
CA LYS D 162 61.30 27.41 6.45
C LYS D 162 61.60 28.17 5.17
N ASP D 163 61.63 27.41 4.07
CA ASP D 163 61.94 27.95 2.76
C ASP D 163 60.89 28.93 2.33
N SER D 164 59.64 28.61 2.62
CA SER D 164 58.50 29.43 2.26
C SER D 164 58.37 29.43 0.76
N THR D 165 58.91 28.40 0.13
CA THR D 165 58.86 28.31 -1.31
C THR D 165 58.13 27.10 -1.82
N TYR D 166 57.22 27.32 -2.76
CA TYR D 166 56.45 26.25 -3.37
C TYR D 166 57.27 25.57 -4.44
N SER D 167 56.75 24.45 -4.93
CA SER D 167 57.36 23.70 -6.01
C SER D 167 56.21 23.22 -6.88
N LEU D 168 56.45 23.03 -8.17
CA LEU D 168 55.39 22.61 -9.08
C LEU D 168 55.96 21.62 -10.08
N SER D 169 55.18 20.57 -10.34
CA SER D 169 55.54 19.53 -11.30
C SER D 169 54.46 19.41 -12.36
N SER D 170 54.89 19.29 -13.61
CA SER D 170 53.99 19.08 -14.74
C SER D 170 54.43 17.82 -15.49
N THR D 171 53.48 16.95 -15.77
CA THR D 171 53.77 15.72 -16.45
C THR D 171 52.97 15.65 -17.73
N LEU D 172 53.67 15.35 -18.82
CA LEU D 172 53.03 15.24 -20.12
C LEU D 172 52.99 13.79 -20.49
N THR D 173 51.84 13.30 -20.92
CA THR D 173 51.73 11.91 -21.27
C THR D 173 51.46 11.73 -22.74
N LEU D 174 52.29 10.93 -23.39
CA LEU D 174 52.14 10.68 -24.81
C LEU D 174 52.35 9.22 -25.14
N SER D 175 51.68 8.75 -26.18
CA SER D 175 51.81 7.37 -26.61
C SER D 175 53.22 7.26 -27.13
N LYS D 176 53.79 6.06 -27.08
CA LYS D 176 55.17 5.89 -27.52
C LYS D 176 55.35 6.27 -28.96
N ALA D 177 54.42 5.89 -29.82
CA ALA D 177 54.53 6.20 -31.23
C ALA D 177 54.52 7.70 -31.48
N ASP D 178 53.64 8.40 -30.77
CA ASP D 178 53.52 9.85 -30.90
C ASP D 178 54.80 10.58 -30.47
N TYR D 179 55.45 10.07 -29.44
CA TYR D 179 56.67 10.67 -28.94
C TYR D 179 57.73 10.67 -30.03
N GLU D 180 57.77 9.58 -30.78
CA GLU D 180 58.75 9.41 -31.86
C GLU D 180 58.58 10.44 -32.96
N LYS D 181 57.33 10.78 -33.27
CA LYS D 181 57.03 11.73 -34.34
C LYS D 181 57.63 13.13 -34.16
N HIS D 182 57.64 13.65 -32.94
CA HIS D 182 58.18 14.99 -32.68
C HIS D 182 59.64 14.95 -32.22
N LYS D 183 60.47 15.89 -32.69
CA LYS D 183 61.87 15.86 -32.28
C LYS D 183 62.11 16.57 -30.94
N VAL D 184 61.50 17.74 -30.73
CA VAL D 184 61.84 18.60 -29.60
C VAL D 184 60.68 18.62 -28.61
N TYR D 185 61.01 18.85 -27.34
CA TYR D 185 60.02 18.90 -26.27
C TYR D 185 60.43 19.98 -25.28
N ALA D 186 59.64 21.04 -25.16
CA ALA D 186 60.02 22.23 -24.42
C ALA D 186 58.97 22.62 -23.38
N CYS D 187 59.46 23.11 -22.23
CA CYS D 187 58.63 23.53 -21.11
C CYS D 187 58.84 25.04 -20.87
N GLU D 188 57.82 25.84 -21.17
CA GLU D 188 57.88 27.29 -21.02
C GLU D 188 57.26 27.71 -19.70
N VAL D 189 57.93 28.63 -19.00
CA VAL D 189 57.54 29.06 -17.66
C VAL D 189 57.32 30.57 -17.67
N THR D 190 56.17 31.01 -17.16
CA THR D 190 55.88 32.41 -16.90
C THR D 190 55.83 32.62 -15.39
N HIS D 191 56.51 33.66 -14.90
CA HIS D 191 56.53 33.95 -13.47
C HIS D 191 56.89 35.41 -13.26
N GLN D 192 56.37 36.00 -12.17
CA GLN D 192 56.65 37.40 -11.88
C GLN D 192 58.09 37.63 -11.44
N GLY D 193 58.80 36.57 -11.06
CA GLY D 193 60.20 36.63 -10.71
C GLY D 193 61.11 36.50 -11.90
N LEU D 194 60.55 36.23 -13.06
CA LEU D 194 61.30 36.16 -14.31
C LEU D 194 61.02 37.42 -15.11
N SER D 195 62.08 38.15 -15.43
CA SER D 195 61.92 39.33 -16.28
C SER D 195 61.27 38.95 -17.61
N SER D 196 61.77 37.90 -18.25
CA SER D 196 61.20 37.38 -19.47
C SER D 196 60.90 35.90 -19.31
N PRO D 197 59.92 35.37 -20.04
CA PRO D 197 59.61 33.94 -19.96
C PRO D 197 60.85 33.07 -20.15
N VAL D 198 60.91 31.97 -19.39
CA VAL D 198 62.01 31.02 -19.42
C VAL D 198 61.53 29.73 -20.08
N THR D 199 62.37 29.18 -20.95
CA THR D 199 62.08 27.94 -21.65
C THR D 199 63.28 27.02 -21.50
N LYS D 200 63.05 25.81 -21.00
CA LYS D 200 64.07 24.77 -20.91
C LYS D 200 63.55 23.52 -21.60
N SER D 201 64.39 22.93 -22.44
CA SER D 201 63.97 21.83 -23.28
C SER D 201 65.16 20.92 -23.60
N PHE D 202 64.83 19.72 -24.08
CA PHE D 202 65.80 18.78 -24.62
C PHE D 202 65.36 18.52 -26.05
N ASN D 203 66.22 18.88 -27.00
CA ASN D 203 65.92 18.75 -28.42
C ASN D 203 66.45 17.42 -28.95
N ARG D 204 66.01 16.36 -28.31
CA ARG D 204 66.49 15.01 -28.60
C ARG D 204 65.29 14.08 -28.75
N GLY D 205 65.15 13.47 -29.92
CA GLY D 205 64.22 12.38 -30.06
C GLY D 205 64.50 11.26 -29.09
N GLU D 206 65.79 11.03 -28.82
CA GLU D 206 66.22 10.05 -27.82
C GLU D 206 66.59 10.75 -26.52
N GLN E 1 -19.90 -24.58 23.41
CA GLN E 1 -18.50 -25.05 23.19
C GLN E 1 -18.07 -24.79 21.75
N VAL E 2 -18.49 -25.66 20.84
CA VAL E 2 -18.18 -25.55 19.42
C VAL E 2 -19.44 -25.05 18.72
N GLN E 3 -19.44 -23.77 18.32
CA GLN E 3 -20.66 -23.14 17.84
C GLN E 3 -20.36 -22.08 16.80
N LEU E 4 -21.40 -21.77 16.02
CA LEU E 4 -21.44 -20.60 15.15
C LEU E 4 -22.63 -19.76 15.59
N VAL E 5 -22.42 -18.46 15.75
CA VAL E 5 -23.44 -17.56 16.29
C VAL E 5 -23.66 -16.43 15.28
N GLN E 6 -24.90 -16.31 14.81
CA GLN E 6 -25.23 -15.44 13.69
C GLN E 6 -25.83 -14.12 14.18
N SER E 7 -25.81 -13.13 13.28
CA SER E 7 -26.38 -11.83 13.55
C SER E 7 -27.90 -11.93 13.73
N GLY E 8 -28.51 -10.83 14.20
CA GLY E 8 -29.93 -10.77 14.41
C GLY E 8 -30.72 -10.37 13.16
N THR E 9 -32.04 -10.42 13.29
CA THR E 9 -32.94 -10.07 12.19
C THR E 9 -32.65 -8.67 11.67
N ALA E 10 -32.51 -8.55 10.35
CA ALA E 10 -32.18 -7.29 9.70
C ALA E 10 -33.19 -6.97 8.60
N VAL E 11 -33.60 -5.70 8.54
CA VAL E 11 -34.56 -5.20 7.55
C VAL E 11 -33.87 -4.14 6.69
N LYS E 12 -34.03 -4.25 5.37
CA LYS E 12 -33.43 -3.30 4.44
C LYS E 12 -34.35 -3.05 3.26
N ARG E 13 -34.34 -1.82 2.74
CA ARG E 13 -35.17 -1.46 1.61
C ARG E 13 -34.59 -2.00 0.31
N PRO E 14 -35.43 -2.17 -0.73
CA PRO E 14 -34.93 -2.70 -2.01
C PRO E 14 -33.83 -1.83 -2.60
N GLY E 15 -32.84 -2.49 -3.19
CA GLY E 15 -31.70 -1.82 -3.77
C GLY E 15 -30.60 -1.47 -2.78
N ALA E 16 -30.80 -1.75 -1.50
CA ALA E 16 -29.81 -1.45 -0.48
C ALA E 16 -28.88 -2.66 -0.31
N SER E 17 -28.00 -2.59 0.68
CA SER E 17 -27.06 -3.66 0.99
C SER E 17 -27.20 -4.06 2.44
N VAL E 18 -26.94 -5.34 2.71
CA VAL E 18 -27.10 -5.90 4.05
C VAL E 18 -25.88 -6.74 4.36
N ARG E 19 -25.59 -6.89 5.65
CA ARG E 19 -24.45 -7.69 6.10
C ARG E 19 -24.90 -8.62 7.21
N VAL E 20 -24.40 -9.84 7.18
CA VAL E 20 -24.66 -10.85 8.20
C VAL E 20 -23.31 -11.40 8.66
N SER E 21 -23.25 -11.80 9.92
CA SER E 21 -22.00 -12.27 10.50
C SER E 21 -22.22 -13.46 11.41
N CYS E 22 -21.41 -14.50 11.22
CA CYS E 22 -21.29 -15.60 12.14
C CYS E 22 -19.97 -15.46 12.90
N GLN E 23 -19.97 -15.81 14.19
CA GLN E 23 -18.74 -15.83 14.97
C GLN E 23 -18.48 -17.24 15.45
N ALA E 24 -17.36 -17.80 15.01
CA ALA E 24 -16.96 -19.14 15.37
C ALA E 24 -16.32 -19.16 16.75
N SER E 25 -16.41 -20.31 17.42
CA SER E 25 -15.81 -20.49 18.73
C SER E 25 -15.70 -21.98 19.02
N GLY E 26 -14.65 -22.35 19.74
CA GLY E 26 -14.47 -23.71 20.20
C GLY E 26 -13.72 -24.62 19.25
N TYR E 27 -13.25 -24.11 18.10
CA TYR E 27 -12.49 -24.93 17.16
C TYR E 27 -11.53 -24.03 16.40
N THR E 28 -10.49 -24.66 15.85
CA THR E 28 -9.49 -23.91 15.09
C THR E 28 -10.15 -23.27 13.87
N PHE E 29 -10.21 -21.94 13.87
CA PHE E 29 -11.03 -21.23 12.91
C PHE E 29 -10.61 -21.52 11.47
N THR E 30 -9.30 -21.66 11.22
CA THR E 30 -8.78 -21.72 9.86
C THR E 30 -8.82 -23.12 9.25
N ASP E 31 -9.24 -24.14 10.00
CA ASP E 31 -9.12 -25.51 9.53
C ASP E 31 -10.35 -26.01 8.79
N TYR E 32 -11.46 -25.26 8.79
CA TYR E 32 -12.71 -25.74 8.23
C TYR E 32 -13.36 -24.67 7.35
N PHE E 33 -13.67 -25.05 6.11
CA PHE E 33 -14.45 -24.20 5.22
C PHE E 33 -15.79 -23.85 5.86
N ILE E 34 -16.32 -22.67 5.51
CA ILE E 34 -17.65 -22.25 5.90
C ILE E 34 -18.50 -22.14 4.64
N TYR E 35 -19.60 -22.87 4.61
CA TYR E 35 -20.57 -22.80 3.52
C TYR E 35 -21.76 -21.95 3.95
N TRP E 36 -22.24 -21.10 3.05
CA TRP E 36 -23.36 -20.22 3.31
C TRP E 36 -24.59 -20.69 2.54
N TRP E 37 -25.74 -20.66 3.22
CA TRP E 37 -27.00 -21.07 2.65
C TRP E 37 -28.08 -20.06 2.96
N ARG E 38 -29.08 -19.99 2.08
CA ARG E 38 -30.28 -19.19 2.28
C ARG E 38 -31.50 -20.05 1.95
N GLN E 39 -32.58 -19.86 2.71
CA GLN E 39 -33.82 -20.59 2.46
C GLN E 39 -35.02 -19.67 2.67
N ALA E 40 -35.86 -19.58 1.63
CA ALA E 40 -37.09 -18.83 1.68
C ALA E 40 -38.11 -19.61 2.53
N PRO E 41 -39.26 -19.00 2.81
CA PRO E 41 -40.26 -19.70 3.64
C PRO E 41 -40.78 -20.95 2.94
N GLY E 42 -40.68 -22.07 3.63
CA GLY E 42 -41.22 -23.31 3.10
C GLY E 42 -40.54 -23.77 1.83
N GLN E 43 -39.22 -23.64 1.75
CA GLN E 43 -38.48 -23.98 0.55
C GLN E 43 -37.19 -24.68 0.94
N GLY E 44 -36.47 -25.16 -0.07
CA GLY E 44 -35.20 -25.82 0.14
C GLY E 44 -34.08 -24.83 0.37
N LEU E 45 -32.89 -25.38 0.61
CA LEU E 45 -31.71 -24.57 0.84
C LEU E 45 -31.06 -24.21 -0.50
N GLU E 46 -30.66 -22.94 -0.61
CA GLU E 46 -30.02 -22.42 -1.81
C GLU E 46 -28.59 -22.05 -1.47
N TRP E 47 -27.67 -22.31 -2.39
CA TRP E 47 -26.25 -22.14 -2.13
C TRP E 47 -25.83 -20.70 -2.42
N LEU E 48 -25.28 -20.04 -1.41
CA LEU E 48 -24.72 -18.71 -1.56
C LEU E 48 -23.25 -18.72 -1.92
N GLY E 49 -22.50 -19.71 -1.43
CA GLY E 49 -21.07 -19.80 -1.68
C GLY E 49 -20.32 -20.30 -0.46
N TRP E 50 -19.03 -20.57 -0.62
CA TRP E 50 -18.18 -21.00 0.49
C TRP E 50 -16.97 -20.10 0.59
N ILE E 51 -16.35 -20.14 1.77
CA ILE E 51 -15.16 -19.34 2.08
C ILE E 51 -14.11 -20.24 2.70
N ASN E 52 -12.84 -19.98 2.36
CA ASN E 52 -11.71 -20.66 2.97
C ASN E 52 -11.17 -19.74 4.06
N PRO E 53 -11.43 -20.00 5.34
CA PRO E 53 -10.94 -19.09 6.38
C PRO E 53 -9.44 -18.94 6.38
N LEU E 54 -8.71 -19.94 5.92
CA LEU E 54 -7.25 -19.90 5.92
C LEU E 54 -6.74 -18.89 4.89
N THR E 55 -7.13 -19.06 3.64
CA THR E 55 -6.58 -18.28 2.54
C THR E 55 -7.49 -17.13 2.10
N SER E 56 -8.69 -17.03 2.63
CA SER E 56 -9.66 -15.97 2.34
C SER E 56 -10.37 -16.20 1.01
N GLN E 57 -10.10 -17.30 0.31
CA GLN E 57 -10.60 -17.50 -1.04
C GLN E 57 -12.11 -17.72 -1.00
N PRO E 58 -12.92 -16.93 -1.72
CA PRO E 58 -14.35 -17.24 -1.82
C PRO E 58 -14.69 -17.87 -3.16
N SER E 59 -15.74 -18.70 -3.18
CA SER E 59 -16.32 -19.19 -4.43
C SER E 59 -17.81 -18.96 -4.37
N TYR E 60 -18.38 -18.53 -5.49
CA TYR E 60 -19.79 -18.19 -5.57
C TYR E 60 -20.48 -18.98 -6.68
N PRO E 61 -21.80 -19.12 -6.60
CA PRO E 61 -22.55 -19.65 -7.73
C PRO E 61 -22.79 -18.59 -8.79
N SER E 62 -23.05 -19.05 -10.01
CA SER E 62 -23.22 -18.13 -11.12
C SER E 62 -24.31 -17.10 -10.83
N ARG E 63 -25.41 -17.54 -10.22
CA ARG E 63 -26.56 -16.66 -10.00
C ARG E 63 -26.17 -15.43 -9.19
N PHE E 64 -25.32 -15.61 -8.17
CA PHE E 64 -24.99 -14.55 -7.23
C PHE E 64 -23.68 -13.86 -7.55
N GLN E 65 -23.06 -14.18 -8.69
CA GLN E 65 -21.75 -13.66 -9.02
C GLN E 65 -21.74 -12.13 -8.96
N GLY E 66 -20.84 -11.58 -8.15
CA GLY E 66 -20.64 -10.15 -8.07
C GLY E 66 -21.62 -9.42 -7.20
N ARG E 67 -22.80 -9.99 -6.95
CA ARG E 67 -23.77 -9.37 -6.06
C ARG E 67 -23.50 -9.75 -4.61
N LEU E 68 -22.83 -10.87 -4.37
CA LEU E 68 -22.55 -11.39 -3.03
C LEU E 68 -21.05 -11.48 -2.79
N THR E 69 -20.62 -11.01 -1.63
CA THR E 69 -19.22 -11.05 -1.20
C THR E 69 -19.14 -11.77 0.14
N LEU E 70 -18.16 -12.66 0.28
CA LEU E 70 -17.95 -13.36 1.52
C LEU E 70 -16.54 -13.08 2.03
N THR E 71 -16.42 -12.64 3.27
CA THR E 71 -15.13 -12.33 3.85
C THR E 71 -15.02 -12.85 5.26
N ARG E 72 -13.81 -12.99 5.79
CA ARG E 72 -13.64 -13.46 7.15
C ARG E 72 -12.56 -12.67 7.88
N ASP E 73 -12.70 -12.54 9.19
CA ASP E 73 -11.71 -11.83 9.97
C ASP E 73 -11.07 -12.80 10.97
N THR E 74 -9.79 -13.06 10.80
CA THR E 74 -9.05 -13.98 11.65
C THR E 74 -8.90 -13.55 13.08
N PHE E 75 -8.74 -12.26 13.30
CA PHE E 75 -8.55 -11.76 14.66
C PHE E 75 -9.84 -11.90 15.47
N ASP E 76 -10.98 -11.66 14.84
CA ASP E 76 -12.26 -11.85 15.50
C ASP E 76 -12.74 -13.30 15.45
N GLU E 77 -12.27 -14.08 14.48
CA GLU E 77 -12.86 -15.38 14.17
C GLU E 77 -14.34 -15.18 13.80
N MET E 78 -14.57 -14.24 12.89
CA MET E 78 -15.91 -13.88 12.43
C MET E 78 -15.98 -13.97 10.92
N LEU E 79 -17.12 -14.44 10.43
CA LEU E 79 -17.40 -14.52 9.00
C LEU E 79 -18.50 -13.53 8.64
N TYR E 80 -18.37 -12.92 7.48
CA TYR E 80 -19.32 -11.91 7.02
C TYR E 80 -19.89 -12.32 5.67
N MET E 81 -21.15 -11.91 5.43
CA MET E 81 -21.85 -12.17 4.18
C MET E 81 -22.52 -10.88 3.74
N ASP E 82 -21.98 -10.26 2.68
CA ASP E 82 -22.47 -8.97 2.19
C ASP E 82 -23.23 -9.17 0.88
N LEU E 83 -24.52 -8.87 0.90
CA LEU E 83 -25.39 -8.96 -0.27
C LEU E 83 -25.87 -7.57 -0.62
N ARG E 84 -25.53 -7.10 -1.82
CA ARG E 84 -25.88 -5.75 -2.26
C ARG E 84 -26.90 -5.84 -3.40
N GLY E 85 -27.51 -4.70 -3.71
CA GLY E 85 -28.55 -4.65 -4.71
C GLY E 85 -29.71 -5.57 -4.35
N LEU E 86 -30.19 -5.45 -3.11
CA LEU E 86 -31.13 -6.41 -2.56
C LEU E 86 -32.43 -6.45 -3.36
N ARG E 87 -32.77 -7.64 -3.84
CA ARG E 87 -34.05 -7.85 -4.53
C ARG E 87 -35.15 -8.16 -3.52
N SER E 88 -36.36 -8.37 -4.04
CA SER E 88 -37.48 -8.72 -3.17
C SER E 88 -37.39 -10.18 -2.72
N ASP E 89 -37.01 -11.09 -3.62
CA ASP E 89 -36.90 -12.50 -3.30
C ASP E 89 -35.71 -12.81 -2.39
N ASP E 90 -34.86 -11.83 -2.09
CA ASP E 90 -33.73 -12.05 -1.18
C ASP E 90 -34.18 -12.25 0.25
N THR E 91 -35.46 -12.00 0.55
CA THR E 91 -36.00 -12.30 1.87
C THR E 91 -35.89 -13.78 2.17
N GLY E 92 -35.51 -14.09 3.40
CA GLY E 92 -35.40 -15.47 3.83
C GLY E 92 -34.44 -15.58 5.00
N ILE E 93 -34.16 -16.82 5.36
CA ILE E 93 -33.27 -17.14 6.48
C ILE E 93 -31.91 -17.52 5.90
N TYR E 94 -30.85 -16.94 6.44
CA TYR E 94 -29.50 -17.13 5.93
C TYR E 94 -28.68 -17.90 6.95
N PHE E 95 -28.17 -19.06 6.54
CA PHE E 95 -27.40 -19.94 7.39
C PHE E 95 -25.93 -19.93 6.99
N CYS E 96 -25.07 -20.19 7.97
CA CYS E 96 -23.67 -20.50 7.75
C CYS E 96 -23.37 -21.84 8.38
N ALA E 97 -22.68 -22.70 7.64
CA ALA E 97 -22.44 -24.07 8.07
C ALA E 97 -20.97 -24.40 7.91
N ARG E 98 -20.46 -25.23 8.81
CA ARG E 98 -19.06 -25.63 8.81
C ARG E 98 -18.90 -26.94 8.06
N ARG E 99 -18.05 -26.93 7.04
CA ARG E 99 -17.69 -28.14 6.33
C ARG E 99 -16.69 -28.92 7.18
N HIS E 100 -17.17 -30.01 7.80
CA HIS E 100 -16.35 -30.73 8.76
C HIS E 100 -15.22 -31.50 8.07
N SER E 101 -15.52 -32.11 6.92
CA SER E 101 -14.62 -33.08 6.32
C SER E 101 -14.70 -32.98 4.81
N ASP E 102 -13.83 -33.75 4.15
CA ASP E 102 -13.91 -33.92 2.70
C ASP E 102 -15.19 -34.63 2.28
N TYR E 103 -15.87 -35.29 3.22
CA TYR E 103 -17.22 -35.78 2.94
C TYR E 103 -18.17 -34.62 2.65
N CYS E 104 -17.85 -33.43 3.16
CA CYS E 104 -18.67 -32.23 3.04
C CYS E 104 -19.87 -32.29 3.98
N ASP E 105 -19.78 -33.13 5.02
CA ASP E 105 -20.76 -33.07 6.09
C ASP E 105 -20.66 -31.73 6.81
N PHE E 106 -21.82 -31.16 7.12
CA PHE E 106 -21.94 -29.91 7.86
C PHE E 106 -22.45 -30.27 9.24
N ASP E 107 -21.57 -30.23 10.23
CA ASP E 107 -21.91 -30.67 11.57
C ASP E 107 -22.41 -29.52 12.44
N ILE E 108 -21.80 -28.34 12.33
CA ILE E 108 -22.13 -27.19 13.16
C ILE E 108 -22.78 -26.14 12.28
N TRP E 109 -23.99 -25.74 12.64
CA TRP E 109 -24.76 -24.74 11.91
C TRP E 109 -25.05 -23.53 12.80
N GLY E 110 -25.12 -22.37 12.18
CA GLY E 110 -25.71 -21.22 12.84
C GLY E 110 -27.22 -21.37 12.91
N SER E 111 -27.84 -20.54 13.74
CA SER E 111 -29.28 -20.61 13.93
C SER E 111 -30.05 -19.77 12.92
N GLY E 112 -29.38 -19.21 11.93
CA GLY E 112 -30.04 -18.49 10.86
C GLY E 112 -30.22 -17.01 11.16
N THR E 113 -30.11 -16.18 10.14
CA THR E 113 -30.34 -14.74 10.24
C THR E 113 -31.48 -14.36 9.30
N GLN E 114 -32.57 -13.86 9.87
CA GLN E 114 -33.70 -13.42 9.07
C GLN E 114 -33.37 -12.10 8.39
N ILE E 115 -33.58 -12.05 7.07
CA ILE E 115 -33.44 -10.84 6.28
C ILE E 115 -34.80 -10.51 5.68
N ILE E 116 -35.21 -9.25 5.78
CA ILE E 116 -36.47 -8.79 5.22
C ILE E 116 -36.20 -7.55 4.37
N VAL E 117 -36.68 -7.59 3.13
CA VAL E 117 -36.50 -6.50 2.18
C VAL E 117 -37.85 -5.81 2.05
N SER E 118 -37.94 -4.55 2.48
CA SER E 118 -39.20 -3.83 2.33
C SER E 118 -39.00 -2.36 2.64
N SER E 119 -39.89 -1.53 2.09
CA SER E 119 -39.87 -0.09 2.35
C SER E 119 -40.27 0.23 3.79
N ALA E 120 -41.30 -0.43 4.31
CA ALA E 120 -41.99 0.06 5.49
C ALA E 120 -41.06 0.18 6.69
N SER E 121 -41.36 1.15 7.56
CA SER E 121 -40.58 1.42 8.77
C SER E 121 -41.24 0.87 10.02
N THR E 122 -42.54 1.14 10.22
CA THR E 122 -43.29 0.58 11.34
C THR E 122 -44.75 0.96 11.18
N LYS E 123 -45.64 0.02 11.50
CA LYS E 123 -47.06 0.22 11.26
C LYS E 123 -47.86 -0.57 12.29
N GLY E 124 -49.07 -0.07 12.55
CA GLY E 124 -50.03 -0.78 13.36
C GLY E 124 -51.11 -1.41 12.50
N PRO E 125 -51.51 -2.65 12.81
CA PRO E 125 -52.45 -3.35 11.95
C PRO E 125 -53.83 -2.71 11.92
N SER E 126 -54.45 -2.71 10.75
CA SER E 126 -55.87 -2.43 10.62
C SER E 126 -56.64 -3.73 10.81
N VAL E 127 -57.54 -3.74 11.79
CA VAL E 127 -58.31 -4.94 12.14
C VAL E 127 -59.68 -4.84 11.49
N PHE E 128 -59.99 -5.80 10.62
CA PHE E 128 -61.29 -5.86 9.97
C PHE E 128 -62.01 -7.17 10.32
N PRO E 129 -63.34 -7.15 10.42
CA PRO E 129 -64.08 -8.36 10.81
C PRO E 129 -64.43 -9.27 9.64
N LEU E 130 -64.19 -10.57 9.78
CA LEU E 130 -64.63 -11.55 8.79
C LEU E 130 -65.99 -12.07 9.23
N ALA E 131 -67.04 -11.38 8.78
CA ALA E 131 -68.39 -11.58 9.31
C ALA E 131 -68.89 -13.00 9.02
N PRO E 132 -69.60 -13.64 9.96
CA PRO E 132 -70.27 -14.90 9.66
C PRO E 132 -71.35 -14.71 8.61
N SER E 133 -71.87 -15.83 8.10
CA SER E 133 -73.00 -15.82 7.20
C SER E 133 -73.99 -16.89 7.63
N SER E 134 -75.20 -16.79 7.07
CA SER E 134 -76.29 -17.72 7.36
C SER E 134 -75.82 -19.17 7.43
N THR E 141 -72.63 -25.12 12.16
CA THR E 141 -71.24 -24.69 12.36
C THR E 141 -70.87 -23.56 11.40
N ALA E 142 -70.51 -22.42 11.96
CA ALA E 142 -70.13 -21.25 11.19
C ALA E 142 -68.73 -20.80 11.59
N ALA E 143 -68.19 -19.85 10.83
CA ALA E 143 -66.83 -19.36 11.03
C ALA E 143 -66.80 -17.84 11.01
N LEU E 144 -65.90 -17.29 11.82
CA LEU E 144 -65.74 -15.85 11.92
C LEU E 144 -64.29 -15.54 12.27
N GLY E 145 -63.86 -14.33 11.95
CA GLY E 145 -62.47 -14.01 12.18
C GLY E 145 -62.20 -12.53 12.09
N CYS E 146 -60.94 -12.20 12.35
CA CYS E 146 -60.41 -10.85 12.25
C CYS E 146 -59.31 -10.85 11.20
N LEU E 147 -59.28 -9.80 10.37
CA LEU E 147 -58.24 -9.66 9.37
C LEU E 147 -57.28 -8.58 9.87
N VAL E 148 -56.09 -9.00 10.27
CA VAL E 148 -55.05 -8.12 10.78
C VAL E 148 -54.14 -7.82 9.59
N LYS E 149 -54.22 -6.60 9.07
CA LYS E 149 -53.63 -6.26 7.79
C LYS E 149 -52.77 -5.02 7.89
N ASP E 150 -51.73 -4.99 7.05
CA ASP E 150 -50.86 -3.83 6.88
C ASP E 150 -50.21 -3.41 8.21
N TYR E 151 -49.40 -4.32 8.75
CA TYR E 151 -48.63 -4.03 9.95
C TYR E 151 -47.16 -4.33 9.74
N PHE E 152 -46.33 -3.69 10.57
CA PHE E 152 -44.89 -3.85 10.50
C PHE E 152 -44.23 -3.44 11.81
N PRO E 153 -43.31 -4.26 12.35
CA PRO E 153 -42.86 -5.59 11.93
C PRO E 153 -43.59 -6.72 12.64
N GLU E 154 -43.06 -7.93 12.52
CA GLU E 154 -43.57 -9.06 13.26
C GLU E 154 -43.17 -8.87 14.73
N PRO E 155 -43.95 -9.42 15.67
CA PRO E 155 -45.20 -10.13 15.51
C PRO E 155 -46.41 -9.34 15.95
N VAL E 156 -47.54 -10.02 15.81
CA VAL E 156 -48.85 -9.57 16.22
C VAL E 156 -49.47 -10.74 16.99
N THR E 157 -50.03 -10.48 18.17
CA THR E 157 -50.65 -11.51 18.98
C THR E 157 -52.16 -11.34 18.93
N VAL E 158 -52.85 -12.41 18.55
CA VAL E 158 -54.30 -12.39 18.40
C VAL E 158 -54.88 -13.43 19.35
N SER E 159 -55.77 -12.97 20.22
CA SER E 159 -56.52 -13.83 21.11
C SER E 159 -58.00 -13.48 20.96
N TRP E 160 -58.86 -14.41 21.37
CA TRP E 160 -60.30 -14.23 21.24
C TRP E 160 -60.95 -14.13 22.61
N ASN E 161 -61.90 -13.20 22.72
CA ASN E 161 -62.67 -12.99 23.94
C ASN E 161 -61.74 -12.92 25.16
N SER E 162 -60.60 -12.25 24.98
CA SER E 162 -59.64 -12.02 26.07
C SER E 162 -59.18 -13.34 26.67
N GLY E 163 -58.97 -14.35 25.81
CA GLY E 163 -58.49 -15.64 26.24
C GLY E 163 -59.56 -16.62 26.69
N ALA E 164 -60.82 -16.18 26.79
CA ALA E 164 -61.88 -17.09 27.21
C ALA E 164 -62.13 -18.18 26.16
N LEU E 165 -62.14 -17.81 24.89
CA LEU E 165 -62.37 -18.74 23.78
C LEU E 165 -61.04 -19.19 23.21
N THR E 166 -60.67 -20.45 23.49
CA THR E 166 -59.38 -20.99 23.07
C THR E 166 -59.48 -22.06 21.99
N SER E 167 -60.56 -22.84 21.96
CA SER E 167 -60.65 -23.98 21.07
C SER E 167 -61.39 -23.61 19.79
N GLY E 168 -61.01 -24.26 18.70
CA GLY E 168 -61.58 -23.96 17.40
C GLY E 168 -61.00 -22.71 16.79
N VAL E 169 -59.91 -22.19 17.34
CA VAL E 169 -59.30 -20.94 16.91
C VAL E 169 -58.04 -21.27 16.12
N HIS E 170 -57.87 -20.58 14.99
CA HIS E 170 -56.66 -20.70 14.18
C HIS E 170 -56.17 -19.30 13.88
N THR E 171 -54.99 -18.97 14.39
CA THR E 171 -54.30 -17.72 14.04
C THR E 171 -53.23 -18.08 13.02
N PHE E 172 -53.48 -17.72 11.76
CA PHE E 172 -52.64 -18.20 10.68
C PHE E 172 -51.28 -17.49 10.65
N PRO E 173 -50.30 -18.07 9.97
CA PRO E 173 -49.00 -17.40 9.83
C PRO E 173 -49.10 -16.09 9.06
N ALA E 174 -48.28 -15.12 9.47
CA ALA E 174 -48.19 -13.85 8.79
C ALA E 174 -47.65 -14.05 7.37
N VAL E 175 -48.16 -13.27 6.43
CA VAL E 175 -47.74 -13.31 5.04
C VAL E 175 -47.27 -11.93 4.62
N LEU E 176 -46.11 -11.87 3.99
CA LEU E 176 -45.59 -10.63 3.44
C LEU E 176 -46.32 -10.29 2.15
N GLN E 177 -46.50 -9.00 1.90
CA GLN E 177 -47.34 -8.53 0.81
C GLN E 177 -46.52 -7.74 -0.21
N SER E 178 -47.14 -7.48 -1.35
CA SER E 178 -46.47 -6.74 -2.42
C SER E 178 -45.94 -5.41 -1.90
N SER E 179 -46.72 -4.72 -1.07
CA SER E 179 -46.30 -3.44 -0.52
C SER E 179 -45.11 -3.60 0.42
N GLY E 180 -44.94 -4.78 1.00
CA GLY E 180 -43.95 -5.00 2.03
C GLY E 180 -44.52 -5.04 3.44
N LEU E 181 -45.83 -5.22 3.59
CA LEU E 181 -46.50 -5.20 4.88
C LEU E 181 -47.10 -6.57 5.18
N TYR E 182 -46.86 -7.05 6.40
CA TYR E 182 -47.43 -8.33 6.83
C TYR E 182 -48.95 -8.27 6.86
N SER E 183 -49.57 -9.41 6.55
CA SER E 183 -51.02 -9.56 6.66
C SER E 183 -51.35 -10.97 7.13
N LEU E 184 -52.23 -11.05 8.13
CA LEU E 184 -52.66 -12.33 8.67
C LEU E 184 -54.12 -12.22 9.07
N SER E 185 -54.75 -13.38 9.23
CA SER E 185 -56.12 -13.46 9.72
C SER E 185 -56.20 -14.52 10.81
N SER E 186 -57.09 -14.29 11.77
CA SER E 186 -57.36 -15.23 12.85
C SER E 186 -58.83 -15.60 12.79
N VAL E 187 -59.10 -16.90 12.70
CA VAL E 187 -60.46 -17.39 12.52
C VAL E 187 -60.80 -18.36 13.64
N VAL E 188 -62.10 -18.51 13.88
CA VAL E 188 -62.61 -19.44 14.87
C VAL E 188 -63.95 -19.95 14.37
N THR E 189 -64.18 -21.25 14.56
CA THR E 189 -65.45 -21.87 14.21
C THR E 189 -66.35 -21.96 15.44
N VAL E 190 -67.59 -21.50 15.30
CA VAL E 190 -68.53 -21.44 16.42
C VAL E 190 -69.87 -22.01 15.97
N PRO E 191 -70.71 -22.40 16.93
CA PRO E 191 -72.07 -22.83 16.57
C PRO E 191 -72.89 -21.72 15.95
N SER E 192 -73.64 -22.06 14.90
CA SER E 192 -74.45 -21.07 14.21
C SER E 192 -75.54 -20.50 15.12
N SER E 193 -76.09 -21.31 16.02
CA SER E 193 -77.12 -20.81 16.92
C SER E 193 -76.56 -19.74 17.86
N SER E 194 -75.26 -19.78 18.15
CA SER E 194 -74.70 -18.92 19.17
C SER E 194 -74.60 -17.46 18.75
N LEU E 195 -74.59 -17.18 17.44
CA LEU E 195 -74.20 -15.86 16.96
C LEU E 195 -75.03 -14.76 17.60
N GLY E 196 -76.31 -15.01 17.84
CA GLY E 196 -77.16 -14.03 18.50
C GLY E 196 -76.98 -14.00 20.01
N THR E 197 -76.80 -15.17 20.62
CA THR E 197 -76.76 -15.26 22.08
C THR E 197 -75.40 -14.84 22.64
N GLN E 198 -74.31 -15.20 21.97
CA GLN E 198 -72.97 -15.04 22.47
C GLN E 198 -72.21 -14.01 21.64
N THR E 199 -71.18 -13.41 22.24
CA THR E 199 -70.41 -12.35 21.61
C THR E 199 -68.96 -12.79 21.42
N TYR E 200 -68.40 -12.41 20.28
CA TYR E 200 -67.03 -12.76 19.90
C TYR E 200 -66.26 -11.49 19.59
N ILE E 201 -65.27 -11.18 20.42
CA ILE E 201 -64.39 -10.03 20.22
C ILE E 201 -62.97 -10.56 20.13
N CYS E 202 -62.26 -10.17 19.08
CA CYS E 202 -60.86 -10.56 18.92
C CYS E 202 -59.98 -9.45 19.48
N ASN E 203 -58.89 -9.85 20.13
CA ASN E 203 -57.92 -8.94 20.72
C ASN E 203 -56.65 -8.98 19.87
N VAL E 204 -56.47 -7.96 19.03
CA VAL E 204 -55.31 -7.87 18.14
C VAL E 204 -54.32 -6.94 18.82
N ASN E 205 -53.20 -7.50 19.26
CA ASN E 205 -52.17 -6.75 19.97
C ASN E 205 -50.89 -6.76 19.14
N HIS E 206 -50.45 -5.58 18.72
CA HIS E 206 -49.19 -5.39 18.03
C HIS E 206 -48.28 -4.59 18.96
N LYS E 207 -47.45 -5.29 19.71
CA LYS E 207 -46.60 -4.62 20.70
C LYS E 207 -45.67 -3.58 20.10
N PRO E 208 -45.04 -3.80 18.94
CA PRO E 208 -44.01 -2.85 18.48
C PRO E 208 -44.52 -1.44 18.23
N SER E 209 -45.82 -1.24 17.98
CA SER E 209 -46.36 0.09 17.73
C SER E 209 -47.44 0.46 18.73
N ASN E 210 -47.45 -0.18 19.89
CA ASN E 210 -48.41 0.15 20.96
C ASN E 210 -49.84 0.15 20.44
N THR E 211 -50.14 -0.76 19.51
CA THR E 211 -51.46 -0.85 18.91
C THR E 211 -52.18 -2.03 19.55
N LYS E 212 -53.18 -1.72 20.37
CA LYS E 212 -54.06 -2.71 20.96
C LYS E 212 -55.48 -2.40 20.53
N VAL E 213 -56.12 -3.35 19.84
CA VAL E 213 -57.46 -3.17 19.29
C VAL E 213 -58.32 -4.34 19.70
N ASP E 214 -59.53 -4.05 20.18
CA ASP E 214 -60.58 -5.05 20.35
C ASP E 214 -61.60 -4.84 19.24
N LYS E 215 -61.76 -5.84 18.39
CA LYS E 215 -62.72 -5.79 17.30
C LYS E 215 -63.79 -6.86 17.54
N ARG E 216 -65.04 -6.48 17.32
CA ARG E 216 -66.18 -7.39 17.45
C ARG E 216 -66.65 -7.76 16.05
N VAL E 217 -66.85 -9.05 15.81
CA VAL E 217 -67.34 -9.53 14.52
C VAL E 217 -68.80 -9.95 14.72
N GLU E 218 -69.70 -9.37 13.94
CA GLU E 218 -71.11 -9.67 14.02
C GLU E 218 -71.67 -9.95 12.63
N PRO E 219 -72.78 -10.70 12.54
CA PRO E 219 -73.40 -10.95 11.24
C PRO E 219 -74.23 -9.77 10.74
N ASP F 1 -22.06 -30.93 -13.26
CA ASP F 1 -22.52 -30.83 -11.84
C ASP F 1 -23.17 -32.15 -11.41
N ILE F 2 -24.04 -32.07 -10.41
CA ILE F 2 -24.58 -33.25 -9.74
C ILE F 2 -26.09 -33.29 -9.94
N GLN F 3 -26.60 -34.45 -10.34
CA GLN F 3 -28.03 -34.69 -10.49
C GLN F 3 -28.55 -35.39 -9.25
N MET F 4 -29.62 -34.86 -8.64
CA MET F 4 -30.14 -35.40 -7.40
C MET F 4 -31.64 -35.65 -7.50
N THR F 5 -32.07 -36.79 -6.99
CA THR F 5 -33.49 -37.15 -6.92
C THR F 5 -33.78 -37.65 -5.51
N GLN F 6 -34.83 -37.09 -4.89
CA GLN F 6 -35.30 -37.54 -3.60
C GLN F 6 -36.78 -37.87 -3.70
N SER F 7 -37.19 -38.97 -3.08
CA SER F 7 -38.58 -39.40 -3.11
C SER F 7 -38.95 -40.16 -1.82
N PRO F 8 -40.19 -40.02 -1.35
CA PRO F 8 -41.25 -39.19 -1.94
C PRO F 8 -41.14 -37.72 -1.52
N SER F 9 -41.79 -36.82 -2.25
CA SER F 9 -41.79 -35.42 -1.87
C SER F 9 -42.51 -35.21 -0.54
N SER F 10 -43.53 -36.02 -0.27
CA SER F 10 -44.27 -35.98 0.99
C SER F 10 -44.48 -37.40 1.46
N LEU F 11 -44.64 -37.55 2.78
CA LEU F 11 -44.84 -38.86 3.38
C LEU F 11 -45.58 -38.68 4.69
N SER F 12 -46.40 -39.67 5.04
CA SER F 12 -47.17 -39.65 6.28
C SER F 12 -46.95 -40.95 7.04
N ALA F 13 -46.86 -40.84 8.36
CA ALA F 13 -46.58 -42.00 9.21
C ALA F 13 -47.10 -41.74 10.61
N SER F 14 -47.11 -42.79 11.42
CA SER F 14 -47.53 -42.73 12.82
C SER F 14 -46.40 -43.21 13.72
N VAL F 15 -46.56 -42.96 15.02
CA VAL F 15 -45.55 -43.35 15.99
C VAL F 15 -45.34 -44.86 15.92
N GLY F 16 -44.07 -45.29 15.92
CA GLY F 16 -43.73 -46.69 15.87
C GLY F 16 -43.60 -47.28 14.49
N ASP F 17 -44.02 -46.56 13.44
CA ASP F 17 -43.92 -47.06 12.08
C ASP F 17 -42.46 -47.14 11.64
N LYS F 18 -42.24 -47.91 10.57
CA LYS F 18 -40.96 -47.97 9.87
C LYS F 18 -41.05 -47.04 8.67
N VAL F 19 -40.23 -45.99 8.68
CA VAL F 19 -40.24 -44.97 7.63
C VAL F 19 -38.92 -45.05 6.86
N THR F 20 -39.00 -45.10 5.54
CA THR F 20 -37.84 -45.11 4.66
C THR F 20 -37.98 -44.00 3.63
N ILE F 21 -36.92 -43.22 3.48
CA ILE F 21 -36.82 -42.20 2.44
C ILE F 21 -35.68 -42.63 1.53
N THR F 22 -35.74 -42.17 0.28
CA THR F 22 -34.78 -42.59 -0.72
C THR F 22 -34.33 -41.36 -1.50
N CYS F 23 -33.04 -41.31 -1.83
CA CYS F 23 -32.52 -40.22 -2.65
C CYS F 23 -31.38 -40.75 -3.51
N GLN F 24 -31.32 -40.26 -4.74
CA GLN F 24 -30.41 -40.75 -5.76
C GLN F 24 -29.49 -39.64 -6.24
N THR F 25 -28.25 -40.01 -6.55
CA THR F 25 -27.27 -39.03 -7.00
C THR F 25 -26.14 -39.73 -7.74
N SER F 26 -25.66 -39.09 -8.80
CA SER F 26 -24.43 -39.52 -9.47
C SER F 26 -23.19 -39.01 -8.76
N ALA F 27 -23.37 -38.29 -7.66
CA ALA F 27 -22.30 -37.59 -6.96
C ALA F 27 -21.60 -38.51 -5.96
N GLY F 28 -20.45 -38.03 -5.47
CA GLY F 28 -19.58 -38.88 -4.68
C GLY F 28 -20.12 -39.19 -3.29
N TYR F 29 -20.51 -38.15 -2.55
CA TYR F 29 -20.74 -38.27 -1.12
C TYR F 29 -22.08 -37.67 -0.73
N LEU F 30 -22.98 -38.51 -0.21
CA LEU F 30 -24.33 -38.08 0.15
C LEU F 30 -24.49 -38.08 1.66
N ASN F 31 -25.11 -37.02 2.19
CA ASN F 31 -25.34 -36.86 3.61
C ASN F 31 -26.81 -36.53 3.86
N TRP F 32 -27.29 -36.90 5.05
CA TRP F 32 -28.68 -36.72 5.43
C TRP F 32 -28.78 -35.69 6.56
N TYR F 33 -29.84 -34.86 6.52
CA TYR F 33 -30.06 -33.83 7.53
C TYR F 33 -31.51 -33.83 8.00
N GLN F 34 -31.71 -33.41 9.24
CA GLN F 34 -33.03 -33.24 9.84
C GLN F 34 -33.26 -31.77 10.11
N GLN F 35 -34.30 -31.19 9.51
CA GLN F 35 -34.67 -29.80 9.73
C GLN F 35 -36.09 -29.74 10.28
N ARG F 36 -36.22 -29.36 11.55
CA ARG F 36 -37.53 -29.14 12.15
C ARG F 36 -37.98 -27.71 11.87
N ARG F 37 -39.21 -27.40 12.29
CA ARG F 37 -39.83 -26.12 11.97
C ARG F 37 -38.97 -24.96 12.46
N GLY F 38 -38.62 -24.07 11.53
CA GLY F 38 -37.93 -22.83 11.88
C GLY F 38 -36.63 -23.02 12.61
N ARG F 39 -35.87 -24.06 12.25
CA ARG F 39 -34.59 -24.34 12.90
C ARG F 39 -33.58 -24.81 11.87
N ALA F 40 -32.31 -24.63 12.20
CA ALA F 40 -31.26 -24.97 11.26
C ALA F 40 -31.18 -26.47 11.04
N PRO F 41 -30.75 -26.91 9.85
CA PRO F 41 -30.62 -28.35 9.61
C PRO F 41 -29.71 -29.00 10.65
N LYS F 42 -29.97 -30.27 10.92
CA LYS F 42 -29.17 -31.07 11.85
C LYS F 42 -28.61 -32.26 11.10
N LEU F 43 -27.28 -32.38 11.11
CA LEU F 43 -26.62 -33.51 10.44
C LEU F 43 -26.95 -34.81 11.15
N LEU F 44 -27.47 -35.78 10.39
CA LEU F 44 -27.79 -37.09 10.92
C LEU F 44 -26.78 -38.16 10.51
N MET F 45 -26.45 -38.22 9.22
CA MET F 45 -25.53 -39.23 8.72
C MET F 45 -24.68 -38.65 7.60
N TYR F 46 -23.40 -38.99 7.61
CA TYR F 46 -22.46 -38.60 6.58
C TYR F 46 -21.98 -39.85 5.84
N ASP F 47 -21.78 -39.71 4.54
CA ASP F 47 -21.40 -40.81 3.64
C ASP F 47 -22.58 -41.74 3.36
N GLY F 48 -23.79 -41.36 3.81
CA GLY F 48 -24.99 -42.11 3.51
C GLY F 48 -25.23 -43.25 4.47
N SER F 49 -24.17 -43.80 5.07
CA SER F 49 -24.27 -44.95 5.94
C SER F 49 -23.78 -44.72 7.36
N ARG F 50 -22.95 -43.71 7.60
CA ARG F 50 -22.34 -43.52 8.91
C ARG F 50 -23.14 -42.53 9.74
N LEU F 51 -23.43 -42.93 10.98
CA LEU F 51 -24.27 -42.17 11.89
C LEU F 51 -23.38 -41.39 12.87
N VAL F 52 -23.70 -40.12 13.07
CA VAL F 52 -22.90 -39.24 13.92
C VAL F 52 -23.31 -39.40 15.37
N THR F 53 -22.34 -39.26 16.26
CA THR F 53 -22.60 -39.32 17.69
C THR F 53 -23.69 -38.31 18.06
N GLY F 54 -24.56 -38.70 18.98
CA GLY F 54 -25.65 -37.85 19.40
C GLY F 54 -26.93 -38.02 18.61
N VAL F 55 -27.02 -39.02 17.73
CA VAL F 55 -28.20 -39.30 16.94
C VAL F 55 -28.75 -40.66 17.37
N PRO F 56 -30.03 -40.78 17.66
CA PRO F 56 -30.56 -42.05 18.18
C PRO F 56 -30.29 -43.22 17.23
N SER F 57 -30.40 -44.42 17.79
CA SER F 57 -30.23 -45.63 17.00
C SER F 57 -31.38 -45.87 16.02
N ARG F 58 -32.50 -45.18 16.18
CA ARG F 58 -33.62 -45.32 15.26
C ARG F 58 -33.20 -45.12 13.81
N PHE F 59 -32.23 -44.24 13.57
CA PHE F 59 -31.84 -43.86 12.22
C PHE F 59 -30.80 -44.83 11.67
N SER F 60 -30.94 -45.20 10.41
CA SER F 60 -29.99 -46.07 9.73
C SER F 60 -29.99 -45.74 8.24
N GLY F 61 -28.87 -46.04 7.60
CA GLY F 61 -28.70 -45.75 6.18
C GLY F 61 -28.14 -46.93 5.42
N ARG F 62 -28.70 -47.16 4.24
CA ARG F 62 -28.27 -48.22 3.34
C ARG F 62 -28.07 -47.64 1.94
N ARG F 63 -27.12 -48.23 1.20
CA ARG F 63 -26.82 -47.76 -0.15
C ARG F 63 -26.63 -48.92 -1.11
N TRP F 64 -27.16 -48.75 -2.33
CA TRP F 64 -26.89 -49.64 -3.45
C TRP F 64 -26.63 -48.76 -4.66
N GLY F 65 -25.41 -48.78 -5.18
CA GLY F 65 -25.11 -48.01 -6.37
C GLY F 65 -25.24 -46.53 -6.13
N THR F 66 -26.10 -45.87 -6.92
CA THR F 66 -26.31 -44.44 -6.86
C THR F 66 -27.45 -44.04 -5.94
N GLN F 67 -28.10 -45.00 -5.26
CA GLN F 67 -29.28 -44.74 -4.47
C GLN F 67 -28.95 -44.89 -2.98
N TYR F 68 -29.29 -43.86 -2.20
CA TYR F 68 -29.10 -43.86 -0.76
C TYR F 68 -30.46 -43.84 -0.07
N ASN F 69 -30.53 -44.51 1.07
CA ASN F 69 -31.76 -44.62 1.85
C ASN F 69 -31.52 -44.14 3.26
N LEU F 70 -32.53 -43.48 3.83
CA LEU F 70 -32.59 -43.14 5.24
C LEU F 70 -33.84 -43.77 5.81
N THR F 71 -33.67 -44.58 6.86
CA THR F 71 -34.74 -45.37 7.45
C THR F 71 -34.84 -45.01 8.92
N ILE F 72 -36.00 -44.53 9.34
CA ILE F 72 -36.32 -44.39 10.76
C ILE F 72 -36.95 -45.71 11.17
N GLY F 73 -36.27 -46.45 12.05
CA GLY F 73 -36.74 -47.78 12.44
C GLY F 73 -38.10 -47.74 13.11
N SER F 74 -38.22 -46.94 14.17
CA SER F 74 -39.47 -46.80 14.92
C SER F 74 -39.72 -45.31 15.09
N LEU F 75 -40.67 -44.78 14.33
CA LEU F 75 -40.91 -43.35 14.33
C LEU F 75 -41.30 -42.87 15.72
N GLN F 76 -40.88 -41.64 16.03
CA GLN F 76 -41.18 -41.03 17.32
C GLN F 76 -41.57 -39.57 17.09
N PRO F 77 -42.36 -38.97 17.99
CA PRO F 77 -42.82 -37.59 17.75
C PRO F 77 -41.70 -36.63 17.38
N GLU F 78 -40.50 -36.80 17.95
CA GLU F 78 -39.39 -35.91 17.64
C GLU F 78 -39.09 -35.92 16.15
N ASP F 79 -39.23 -37.10 15.53
CA ASP F 79 -38.77 -37.35 14.17
C ASP F 79 -39.59 -36.65 13.10
N ILE F 80 -40.74 -36.06 13.46
CA ILE F 80 -41.60 -35.40 12.47
C ILE F 80 -40.91 -34.12 12.01
N ALA F 81 -40.30 -34.16 10.84
CA ALA F 81 -39.63 -33.00 10.30
C ALA F 81 -39.24 -33.28 8.86
N THR F 82 -38.77 -32.23 8.18
CA THR F 82 -38.32 -32.35 6.80
C THR F 82 -36.91 -32.89 6.78
N TYR F 83 -36.67 -33.88 5.92
CA TYR F 83 -35.36 -34.53 5.80
C TYR F 83 -34.77 -34.24 4.43
N TYR F 84 -33.50 -33.83 4.42
CA TYR F 84 -32.80 -33.49 3.19
C TYR F 84 -31.63 -34.44 2.96
N CYS F 85 -31.34 -34.67 1.68
CA CYS F 85 -30.13 -35.33 1.23
C CYS F 85 -29.29 -34.33 0.44
N GLN F 86 -27.99 -34.36 0.67
CA GLN F 86 -27.05 -33.42 0.08
C GLN F 86 -25.89 -34.16 -0.55
N VAL F 87 -25.21 -33.47 -1.46
CA VAL F 87 -23.84 -33.84 -1.81
C VAL F 87 -23.10 -32.60 -2.26
N TYR F 88 -21.98 -32.29 -1.60
CA TYR F 88 -21.15 -31.13 -1.92
C TYR F 88 -22.05 -29.90 -1.77
N GLU F 89 -22.04 -28.97 -2.72
CA GLU F 89 -22.76 -27.69 -2.64
C GLU F 89 -24.24 -27.83 -2.97
N PHE F 90 -24.73 -29.04 -3.21
CA PHE F 90 -26.09 -29.24 -3.68
C PHE F 90 -26.94 -29.89 -2.59
N PHE F 91 -28.15 -29.37 -2.39
CA PHE F 91 -29.12 -29.96 -1.48
C PHE F 91 -30.26 -30.59 -2.28
N GLY F 92 -30.79 -31.68 -1.73
CA GLY F 92 -31.88 -32.37 -2.36
C GLY F 92 -33.16 -31.55 -2.32
N PRO F 93 -34.20 -32.08 -2.97
CA PRO F 93 -35.49 -31.38 -2.93
C PRO F 93 -36.17 -31.44 -1.58
N GLY F 94 -36.04 -32.54 -0.86
CA GLY F 94 -36.57 -32.65 0.49
C GLY F 94 -37.80 -33.54 0.57
N THR F 95 -37.99 -34.13 1.74
CA THR F 95 -39.17 -34.95 2.05
C THR F 95 -39.74 -34.48 3.38
N ARG F 96 -41.07 -34.30 3.42
CA ARG F 96 -41.77 -33.81 4.60
C ARG F 96 -42.53 -34.96 5.26
N LEU F 97 -42.38 -35.09 6.57
CA LEU F 97 -43.03 -36.16 7.32
C LEU F 97 -44.29 -35.63 8.00
N ASP F 98 -45.39 -36.35 7.79
CA ASP F 98 -46.70 -35.98 8.27
C ASP F 98 -47.22 -37.06 9.20
N LEU F 99 -47.96 -36.67 10.24
CA LEU F 99 -48.49 -37.68 11.15
C LEU F 99 -49.65 -38.41 10.50
N LYS F 100 -49.78 -39.70 10.82
CA LYS F 100 -50.83 -40.50 10.23
C LYS F 100 -52.18 -40.02 10.73
N ARG F 101 -53.08 -39.72 9.81
CA ARG F 101 -54.40 -39.23 10.16
C ARG F 101 -55.40 -39.73 9.12
N THR F 102 -56.59 -40.09 9.60
CA THR F 102 -57.67 -40.45 8.69
C THR F 102 -58.07 -39.24 7.86
N VAL F 103 -58.44 -39.49 6.60
CA VAL F 103 -58.71 -38.41 5.67
C VAL F 103 -59.81 -37.52 6.22
N ALA F 104 -59.63 -36.21 6.02
CA ALA F 104 -60.63 -35.23 6.40
C ALA F 104 -60.81 -34.28 5.22
N ALA F 105 -62.03 -33.77 5.09
CA ALA F 105 -62.30 -32.84 4.01
C ALA F 105 -62.39 -31.43 4.56
N PRO F 106 -61.92 -30.43 3.83
CA PRO F 106 -61.89 -29.06 4.38
C PRO F 106 -63.29 -28.49 4.51
N SER F 107 -63.64 -28.09 5.73
CA SER F 107 -64.77 -27.20 5.93
C SER F 107 -64.40 -25.84 5.32
N VAL F 108 -65.25 -25.34 4.44
CA VAL F 108 -64.93 -24.16 3.64
C VAL F 108 -65.85 -23.01 4.02
N PHE F 109 -65.28 -21.83 4.22
CA PHE F 109 -66.01 -20.62 4.50
C PHE F 109 -65.40 -19.49 3.68
N ILE F 110 -66.24 -18.54 3.26
CA ILE F 110 -65.78 -17.38 2.51
C ILE F 110 -66.27 -16.12 3.21
N PHE F 111 -65.49 -15.05 3.08
CA PHE F 111 -65.82 -13.78 3.72
C PHE F 111 -65.71 -12.62 2.74
N PRO F 112 -66.72 -11.75 2.68
CA PRO F 112 -66.62 -10.57 1.80
C PRO F 112 -65.74 -9.50 2.43
N PRO F 113 -65.23 -8.57 1.62
CA PRO F 113 -64.46 -7.46 2.19
C PRO F 113 -65.34 -6.63 3.12
N SER F 114 -64.83 -6.37 4.33
CA SER F 114 -65.59 -5.62 5.31
C SER F 114 -65.78 -4.18 4.86
N ASP F 115 -66.84 -3.55 5.35
CA ASP F 115 -67.17 -2.21 4.90
C ASP F 115 -66.23 -1.16 5.45
N GLU F 116 -65.60 -1.42 6.60
CA GLU F 116 -64.56 -0.52 7.09
C GLU F 116 -63.33 -0.59 6.19
N GLN F 117 -63.03 -1.78 5.66
CA GLN F 117 -61.92 -1.93 4.73
C GLN F 117 -62.28 -1.35 3.37
N LEU F 118 -63.53 -1.48 2.94
CA LEU F 118 -63.95 -1.01 1.63
C LEU F 118 -63.92 0.51 1.51
N LYS F 119 -63.75 1.23 2.62
CA LYS F 119 -63.55 2.67 2.59
C LYS F 119 -62.08 3.07 2.52
N SER F 120 -61.17 2.13 2.74
CA SER F 120 -59.74 2.39 2.61
C SER F 120 -59.25 2.30 1.18
N GLY F 121 -60.07 1.83 0.24
CA GLY F 121 -59.69 1.70 -1.15
C GLY F 121 -59.26 0.31 -1.55
N THR F 122 -59.17 -0.62 -0.60
CA THR F 122 -58.73 -1.98 -0.86
C THR F 122 -59.84 -2.95 -0.43
N ALA F 123 -60.04 -3.99 -1.22
CA ALA F 123 -61.03 -5.02 -0.94
C ALA F 123 -60.34 -6.37 -0.91
N SER F 124 -60.48 -7.09 0.20
CA SER F 124 -59.86 -8.40 0.37
C SER F 124 -60.94 -9.43 0.66
N VAL F 125 -61.00 -10.47 -0.17
CA VAL F 125 -61.92 -11.58 0.02
C VAL F 125 -61.09 -12.75 0.56
N VAL F 126 -61.60 -13.41 1.59
CA VAL F 126 -60.86 -14.46 2.28
C VAL F 126 -61.61 -15.78 2.14
N CYS F 127 -60.85 -16.85 1.95
CA CYS F 127 -61.39 -18.20 1.87
C CYS F 127 -60.63 -19.09 2.85
N LEU F 128 -61.38 -19.81 3.69
CA LEU F 128 -60.81 -20.60 4.78
C LEU F 128 -61.15 -22.07 4.60
N LEU F 129 -60.13 -22.92 4.70
CA LEU F 129 -60.34 -24.35 4.64
C LEU F 129 -60.00 -24.74 6.05
N ASN F 130 -60.85 -25.49 6.71
CA ASN F 130 -60.61 -25.82 8.10
C ASN F 130 -60.51 -27.29 8.48
N ASN F 131 -59.48 -27.60 9.27
CA ASN F 131 -59.30 -28.94 9.78
C ASN F 131 -59.34 -30.06 8.74
N PHE F 132 -58.52 -29.94 7.72
CA PHE F 132 -58.48 -30.91 6.64
C PHE F 132 -57.14 -31.66 6.64
N TYR F 133 -57.20 -32.94 6.27
CA TYR F 133 -55.99 -33.73 6.09
C TYR F 133 -56.19 -34.63 4.86
N PRO F 134 -55.14 -34.82 4.03
CA PRO F 134 -53.77 -34.30 4.15
C PRO F 134 -53.59 -32.84 3.72
N ARG F 135 -52.32 -32.43 3.70
CA ARG F 135 -52.00 -31.02 3.48
C ARG F 135 -52.32 -30.60 2.06
N GLU F 136 -52.13 -31.50 1.10
CA GLU F 136 -52.29 -31.16 -0.31
C GLU F 136 -53.73 -30.78 -0.61
N ALA F 137 -53.95 -29.52 -0.96
CA ALA F 137 -55.28 -29.01 -1.29
C ALA F 137 -55.12 -27.85 -2.26
N LYS F 138 -56.11 -27.68 -3.13
CA LYS F 138 -56.07 -26.69 -4.19
C LYS F 138 -57.21 -25.71 -4.02
N VAL F 139 -56.87 -24.42 -3.99
CA VAL F 139 -57.85 -23.33 -3.93
C VAL F 139 -57.73 -22.54 -5.22
N GLN F 140 -58.87 -22.08 -5.74
CA GLN F 140 -58.88 -21.32 -6.99
C GLN F 140 -59.95 -20.24 -6.91
N TRP F 141 -59.53 -19.01 -7.12
CA TRP F 141 -60.43 -17.88 -7.08
C TRP F 141 -60.97 -17.57 -8.45
N LYS F 142 -62.28 -17.54 -8.58
CA LYS F 142 -62.92 -17.23 -9.85
C LYS F 142 -63.92 -16.11 -9.64
N VAL F 143 -63.84 -15.08 -10.46
CA VAL F 143 -64.75 -13.96 -10.37
C VAL F 143 -65.54 -13.88 -11.66
N ASP F 144 -66.86 -13.88 -11.55
CA ASP F 144 -67.71 -13.83 -12.73
C ASP F 144 -67.30 -14.99 -13.61
N ASN F 145 -66.98 -16.09 -12.97
CA ASN F 145 -66.53 -17.29 -13.66
C ASN F 145 -65.31 -16.97 -14.51
N ALA F 146 -64.46 -16.09 -13.99
CA ALA F 146 -63.24 -15.69 -14.66
C ALA F 146 -62.06 -16.05 -13.77
N LEU F 147 -61.07 -16.75 -14.32
CA LEU F 147 -59.89 -17.16 -13.55
C LEU F 147 -59.03 -15.98 -13.13
N GLN F 148 -58.48 -16.08 -11.92
CA GLN F 148 -57.65 -15.02 -11.38
C GLN F 148 -56.31 -15.53 -10.89
N SER F 149 -55.23 -14.84 -11.26
CA SER F 149 -53.90 -15.23 -10.82
C SER F 149 -53.03 -14.02 -10.53
N GLY F 150 -52.10 -14.19 -9.60
CA GLY F 150 -51.16 -13.14 -9.26
C GLY F 150 -51.64 -12.08 -8.31
N ASN F 151 -52.84 -12.22 -7.74
CA ASN F 151 -53.34 -11.30 -6.74
C ASN F 151 -53.68 -11.97 -5.42
N SER F 152 -53.55 -13.29 -5.33
CA SER F 152 -53.94 -14.06 -4.16
C SER F 152 -52.70 -14.70 -3.54
N GLN F 153 -52.57 -14.56 -2.22
CA GLN F 153 -51.53 -15.23 -1.46
C GLN F 153 -52.20 -15.98 -0.30
N GLU F 154 -51.55 -17.03 0.17
CA GLU F 154 -52.16 -17.90 1.17
C GLU F 154 -51.10 -18.44 2.12
N SER F 155 -51.55 -18.83 3.31
CA SER F 155 -50.70 -19.40 4.34
C SER F 155 -51.41 -20.58 4.98
N VAL F 156 -50.62 -21.44 5.63
CA VAL F 156 -51.11 -22.69 6.19
C VAL F 156 -50.60 -22.85 7.61
N THR F 157 -51.43 -23.46 8.46
CA THR F 157 -51.05 -23.78 9.81
C THR F 157 -50.17 -25.03 9.84
N GLU F 158 -49.52 -25.25 10.98
CA GLU F 158 -48.84 -26.50 11.21
C GLU F 158 -49.86 -27.58 11.60
N GLN F 159 -49.40 -28.83 11.65
CA GLN F 159 -50.28 -29.90 12.08
C GLN F 159 -50.73 -29.64 13.51
N ASP F 160 -52.04 -29.63 13.71
CA ASP F 160 -52.58 -29.35 15.04
C ASP F 160 -52.11 -30.40 16.04
N SER F 161 -51.92 -29.96 17.28
CA SER F 161 -51.42 -30.83 18.33
C SER F 161 -52.40 -31.95 18.67
N LYS F 162 -53.70 -31.72 18.58
CA LYS F 162 -54.69 -32.70 19.00
C LYS F 162 -55.28 -33.50 17.84
N ASP F 163 -55.93 -32.83 16.90
CA ASP F 163 -56.61 -33.53 15.80
C ASP F 163 -55.67 -33.91 14.65
N SER F 164 -54.48 -33.32 14.57
CA SER F 164 -53.50 -33.67 13.53
C SER F 164 -54.00 -33.31 12.13
N THR F 165 -54.72 -32.19 12.03
CA THR F 165 -55.26 -31.71 10.77
C THR F 165 -54.80 -30.28 10.52
N TYR F 166 -54.66 -29.92 9.25
CA TYR F 166 -54.28 -28.57 8.89
C TYR F 166 -55.50 -27.68 8.67
N SER F 167 -55.23 -26.38 8.57
CA SER F 167 -56.19 -25.39 8.11
C SER F 167 -55.47 -24.42 7.20
N LEU F 168 -56.20 -23.90 6.21
CA LEU F 168 -55.61 -23.05 5.18
C LEU F 168 -56.51 -21.86 4.90
N SER F 169 -55.90 -20.69 4.76
CA SER F 169 -56.60 -19.46 4.40
C SER F 169 -55.98 -18.87 3.15
N SER F 170 -56.82 -18.40 2.24
CA SER F 170 -56.40 -17.76 1.00
C SER F 170 -57.04 -16.38 0.93
N THR F 171 -56.23 -15.37 0.60
CA THR F 171 -56.67 -13.97 0.61
C THR F 171 -56.58 -13.39 -0.78
N LEU F 172 -57.74 -13.16 -1.40
CA LEU F 172 -57.82 -12.42 -2.65
C LEU F 172 -57.83 -10.93 -2.35
N THR F 173 -56.91 -10.19 -2.95
CA THR F 173 -56.78 -8.76 -2.74
C THR F 173 -57.11 -8.03 -4.03
N LEU F 174 -58.01 -7.05 -3.94
CA LEU F 174 -58.45 -6.25 -5.07
C LEU F 174 -58.52 -4.79 -4.67
N SER F 175 -58.29 -3.91 -5.65
CA SER F 175 -58.56 -2.50 -5.44
C SER F 175 -60.06 -2.27 -5.31
N LYS F 176 -60.41 -1.17 -4.63
CA LYS F 176 -61.82 -0.88 -4.44
C LYS F 176 -62.54 -0.75 -5.78
N ALA F 177 -61.84 -0.27 -6.81
CA ALA F 177 -62.47 -0.05 -8.11
C ALA F 177 -62.75 -1.38 -8.81
N ASP F 178 -61.75 -2.24 -8.92
CA ASP F 178 -61.94 -3.51 -9.62
C ASP F 178 -62.87 -4.44 -8.87
N TYR F 179 -63.06 -4.20 -7.57
CA TYR F 179 -63.99 -5.00 -6.78
C TYR F 179 -65.44 -4.71 -7.15
N GLU F 180 -65.75 -3.45 -7.46
CA GLU F 180 -67.12 -3.07 -7.79
C GLU F 180 -67.54 -3.59 -9.15
N LYS F 181 -66.58 -3.81 -10.05
CA LYS F 181 -66.90 -4.17 -11.42
C LYS F 181 -67.63 -5.50 -11.52
N HIS F 182 -67.35 -6.45 -10.63
CA HIS F 182 -67.82 -7.82 -10.77
C HIS F 182 -68.83 -8.20 -9.69
N LYS F 183 -69.86 -8.94 -10.11
CA LYS F 183 -70.94 -9.35 -9.22
C LYS F 183 -70.57 -10.59 -8.40
N VAL F 184 -69.85 -11.53 -8.99
CA VAL F 184 -69.65 -12.85 -8.42
C VAL F 184 -68.25 -12.97 -7.83
N TYR F 185 -68.15 -13.74 -6.75
CA TYR F 185 -66.86 -14.02 -6.10
C TYR F 185 -66.92 -15.42 -5.52
N ALA F 186 -66.14 -16.33 -6.10
CA ALA F 186 -66.20 -17.74 -5.74
C ALA F 186 -64.82 -18.27 -5.40
N CYS F 187 -64.76 -19.11 -4.37
CA CYS F 187 -63.54 -19.80 -3.95
C CYS F 187 -63.79 -21.29 -4.06
N GLU F 188 -63.17 -21.94 -5.05
CA GLU F 188 -63.33 -23.36 -5.28
C GLU F 188 -62.17 -24.13 -4.67
N VAL F 189 -62.48 -25.24 -4.00
CA VAL F 189 -61.51 -26.05 -3.28
C VAL F 189 -61.51 -27.46 -3.86
N THR F 190 -60.32 -27.96 -4.18
CA THR F 190 -60.12 -29.36 -4.56
C THR F 190 -59.36 -30.07 -3.45
N HIS F 191 -59.82 -31.27 -3.09
CA HIS F 191 -59.19 -32.04 -2.02
C HIS F 191 -59.52 -33.51 -2.23
N GLN F 192 -58.61 -34.39 -1.77
CA GLN F 192 -58.81 -35.82 -1.95
C GLN F 192 -59.94 -36.36 -1.08
N GLY F 193 -60.35 -35.61 -0.07
CA GLY F 193 -61.49 -35.95 0.76
C GLY F 193 -62.80 -35.46 0.20
N LEU F 194 -62.73 -34.70 -0.90
CA LEU F 194 -63.90 -34.19 -1.58
C LEU F 194 -64.08 -34.99 -2.86
N SER F 195 -65.25 -35.62 -3.01
CA SER F 195 -65.56 -36.34 -4.24
C SER F 195 -65.47 -35.41 -5.45
N SER F 196 -66.11 -34.25 -5.36
CA SER F 196 -66.07 -33.25 -6.40
C SER F 196 -65.62 -31.92 -5.84
N PRO F 197 -65.01 -31.06 -6.66
CA PRO F 197 -64.62 -29.74 -6.17
C PRO F 197 -65.78 -29.02 -5.51
N VAL F 198 -65.48 -28.29 -4.43
CA VAL F 198 -66.47 -27.56 -3.65
C VAL F 198 -66.28 -26.07 -3.93
N THR F 199 -67.39 -25.36 -4.11
CA THR F 199 -67.37 -23.93 -4.43
C THR F 199 -68.26 -23.18 -3.46
N LYS F 200 -67.72 -22.11 -2.87
CA LYS F 200 -68.47 -21.20 -2.02
C LYS F 200 -68.36 -19.80 -2.62
N SER F 201 -69.49 -19.09 -2.70
CA SER F 201 -69.48 -17.80 -3.37
C SER F 201 -70.53 -16.88 -2.76
N PHE F 202 -70.30 -15.58 -2.90
CA PHE F 202 -71.23 -14.53 -2.49
C PHE F 202 -71.41 -13.53 -3.63
N ASN F 203 -72.57 -12.88 -3.66
CA ASN F 203 -72.86 -11.87 -4.67
C ASN F 203 -72.52 -10.49 -4.13
N ARG F 204 -71.65 -9.77 -4.85
CA ARG F 204 -71.24 -8.44 -4.42
C ARG F 204 -72.43 -7.51 -4.30
N GLY F 205 -72.34 -6.58 -3.35
CA GLY F 205 -73.39 -5.62 -3.11
C GLY F 205 -74.67 -6.21 -2.56
N GLU F 206 -74.70 -7.51 -2.27
CA GLU F 206 -75.89 -8.17 -1.77
C GLU F 206 -75.93 -8.09 -0.24
C1 NAG G . -14.16 21.62 1.84
C2 NAG G . -14.58 20.37 2.57
C3 NAG G . -15.69 19.68 1.88
C4 NAG G . -16.84 20.59 1.66
C5 NAG G . -16.40 21.84 0.94
C6 NAG G . -17.52 22.77 0.82
C7 NAG G . -12.70 19.40 3.89
C8 NAG G . -11.55 18.45 3.97
N2 NAG G . -13.44 19.47 2.67
O3 NAG G . -16.10 18.53 2.67
O4 NAG G . -17.83 19.99 0.85
O5 NAG G . -15.33 22.50 1.67
O6 NAG G . -17.27 23.94 1.58
O7 NAG G . -13.00 20.12 4.89
C1 NAG G . -18.89 19.47 1.79
C2 NAG G . -20.25 19.75 1.24
C3 NAG G . -21.32 19.19 2.11
C4 NAG G . -21.06 17.78 2.51
C5 NAG G . -19.65 17.61 3.07
C6 NAG G . -19.29 16.25 3.43
C7 NAG G . -20.91 21.84 -0.03
C8 NAG G . -21.04 23.32 -0.07
N2 NAG G . -20.41 21.22 1.15
O3 NAG G . -22.61 19.28 1.44
O4 NAG G . -21.99 17.44 3.51
O5 NAG G . -18.69 18.05 2.07
O6 NAG G . -18.19 16.29 4.31
O7 NAG G . -21.26 21.14 -1.04
C1 BMA G . -22.51 16.11 3.26
C2 BMA G . -22.86 15.50 4.59
C3 BMA G . -23.52 14.20 4.43
C4 BMA G . -24.59 14.19 3.39
C5 BMA G . -24.09 14.78 2.09
C6 BMA G . -25.15 14.83 1.04
O2 BMA G . -23.72 16.38 5.33
O3 BMA G . -24.12 13.88 5.72
O4 BMA G . -24.96 12.83 3.15
O5 BMA G . -23.69 16.15 2.35
O6 BMA G . -26.11 15.74 1.50
C1 MAN G . -23.22 13.06 6.50
C2 MAN G . -24.12 12.09 7.22
C3 MAN G . -24.81 12.73 8.36
C4 MAN G . -23.84 13.41 9.29
C5 MAN G . -23.03 14.45 8.55
C6 MAN G . -22.01 15.04 9.48
O2 MAN G . -23.31 11.02 7.71
O3 MAN G . -25.54 11.71 9.08
O4 MAN G . -24.54 14.05 10.36
O5 MAN G . -22.35 13.85 7.41
O6 MAN G . -21.35 16.11 8.84
C1 MAN G . -23.74 9.72 7.26
C2 MAN G . -23.95 8.88 8.50
C3 MAN G . -22.70 8.33 9.09
C4 MAN G . -21.73 7.83 8.10
C5 MAN G . -21.53 8.84 6.99
C6 MAN G . -20.60 8.31 5.96
O2 MAN G . -24.81 7.77 8.16
O3 MAN G . -23.07 7.21 9.95
O4 MAN G . -20.49 7.57 8.75
O5 MAN G . -22.79 9.13 6.32
O6 MAN G . -21.36 7.67 4.93
C1 MAN G . -27.16 15.91 0.54
C2 MAN G . -28.10 16.92 1.14
C3 MAN G . -28.84 16.38 2.30
C4 MAN G . -29.55 15.12 1.93
C5 MAN G . -28.53 14.10 1.43
C6 MAN G . -29.20 12.81 1.04
O2 MAN G . -29.07 17.28 0.15
O3 MAN G . -29.79 17.41 2.68
O4 MAN G . -30.26 14.60 3.07
O5 MAN G . -27.83 14.62 0.25
O6 MAN G . -29.94 13.04 -0.14
C1 NAG H . 13.16 -17.29 -11.31
C2 NAG H . 13.17 -15.88 -10.71
C3 NAG H . 14.18 -14.99 -11.44
C4 NAG H . 15.52 -15.68 -11.58
C5 NAG H . 15.35 -17.07 -12.16
C6 NAG H . 16.66 -17.85 -12.20
C7 NAG H . 11.17 -14.83 -9.73
C8 NAG H . 9.82 -14.25 -10.02
N2 NAG H . 11.84 -15.30 -10.78
O3 NAG H . 14.33 -13.77 -10.72
O4 NAG H . 16.34 -14.92 -12.47
O5 NAG H . 14.46 -17.81 -11.33
O6 NAG H . 16.49 -19.06 -12.94
O7 NAG H . 11.62 -14.89 -8.59
C1 NAG H . 17.30 -14.30 -11.61
C2 NAG H . 18.52 -14.02 -12.47
C3 NAG H . 19.57 -13.29 -11.64
C4 NAG H . 18.97 -12.05 -11.00
C5 NAG H . 17.70 -12.39 -10.24
C6 NAG H . 16.95 -11.18 -9.72
C7 NAG H . 18.59 -15.83 -14.13
C8 NAG H . 19.28 -17.10 -14.55
N2 NAG H . 19.06 -15.26 -13.01
O3 NAG H . 20.66 -12.93 -12.49
O4 NAG H . 19.91 -11.50 -10.08
O5 NAG H . 16.78 -13.08 -11.11
O6 NAG H . 15.58 -11.46 -9.50
O7 NAG H . 17.66 -15.35 -14.76
C1 BMA H . 20.27 -10.16 -10.46
C2 BMA H . 20.90 -9.52 -9.19
C3 BMA H . 21.60 -8.19 -9.50
C4 BMA H . 22.43 -8.26 -10.79
C5 BMA H . 21.58 -8.83 -11.94
C6 BMA H . 22.35 -8.92 -13.25
O2 BMA H . 21.88 -10.39 -8.65
O3 BMA H . 22.42 -7.81 -8.39
O4 BMA H . 22.92 -6.98 -11.16
O5 BMA H . 21.15 -10.13 -11.57
O6 BMA H . 23.26 -10.02 -13.14
C1 MAN H . 22.30 -6.39 -8.11
C2 MAN H . 23.64 -5.90 -7.49
C3 MAN H . 23.79 -6.43 -6.07
C4 MAN H . 22.56 -6.08 -5.23
C5 MAN H . 21.28 -6.64 -5.90
C6 MAN H . 20.02 -6.22 -5.17
O2 MAN H . 23.67 -4.47 -7.39
O3 MAN H . 24.97 -5.92 -5.46
O4 MAN H . 22.69 -6.65 -3.93
O5 MAN H . 21.19 -6.13 -7.25
O6 MAN H . 19.97 -6.93 -3.93
C1 NAG I . -1.09 47.62 1.85
C2 NAG I . -0.74 49.09 1.60
C3 NAG I . 0.41 49.21 0.61
C4 NAG I . 1.59 48.37 1.04
C5 NAG I . 1.14 46.93 1.28
C6 NAG I . 2.24 46.04 1.81
C7 NAG I . -2.88 50.26 1.93
C8 NAG I . -3.99 51.01 1.27
N2 NAG I . -1.90 49.83 1.14
O3 NAG I . 0.80 50.58 0.51
O4 NAG I . 2.60 48.38 0.04
O5 NAG I . 0.09 46.91 2.24
O6 NAG I . 1.84 44.68 1.88
O7 NAG I . -2.87 50.04 3.14
C1 NAG J . -9.69 49.94 6.08
C2 NAG J . -10.46 51.26 6.08
C3 NAG J . -11.94 51.00 5.87
C4 NAG J . -12.17 50.20 4.60
C5 NAG J . -11.36 48.90 4.66
C6 NAG J . -11.42 48.11 3.38
C7 NAG J . -9.33 52.99 7.40
C8 NAG J . -9.21 53.65 8.74
N2 NAG J . -10.22 52.00 7.31
O3 NAG J . -12.63 52.25 5.78
O4 NAG J . -13.55 49.88 4.45
O5 NAG J . -9.98 49.21 4.88
O6 NAG J . -10.47 47.05 3.37
O7 NAG J . -8.62 53.31 6.46
C1 NAG K . -14.32 27.73 -15.25
C2 NAG K . -15.50 26.75 -15.06
C3 NAG K . -16.82 27.48 -15.26
C4 NAG K . -16.90 28.71 -14.37
C5 NAG K . -15.71 29.61 -14.62
C6 NAG K . -15.64 30.80 -13.70
C7 NAG K . -15.40 24.35 -15.59
C8 NAG K . -15.31 23.33 -16.68
N2 NAG K . -15.39 25.63 -15.99
O3 NAG K . -17.89 26.59 -14.97
O4 NAG K . -18.10 29.44 -14.64
O5 NAG K . -14.51 28.86 -14.39
O6 NAG K . -14.32 31.30 -13.59
O7 NAG K . -15.48 24.04 -14.40
C1 NAG L . 2.98 11.60 -11.31
C2 NAG L . 4.20 10.68 -11.31
C3 NAG L . 4.95 10.79 -12.63
C4 NAG L . 4.00 10.54 -13.80
C5 NAG L . 2.79 11.46 -13.70
C6 NAG L . 1.74 11.18 -14.76
C7 NAG L . 4.84 10.62 -8.93
C8 NAG L . 5.86 11.01 -7.92
N2 NAG L . 5.09 10.99 -10.20
O3 NAG L . 6.02 9.86 -12.65
O4 NAG L . 4.68 10.78 -15.03
O5 NAG L . 2.15 11.30 -12.43
O6 NAG L . 0.43 11.34 -14.22
O7 NAG L . 3.83 9.98 -8.62
C1 NAG M . -6.34 26.27 -25.49
C2 NAG M . -6.89 27.69 -25.56
C3 NAG M . -5.94 28.58 -26.35
C4 NAG M . -4.54 28.52 -25.74
C5 NAG M . -4.07 27.07 -25.61
C6 NAG M . -2.77 26.95 -24.83
C7 NAG M . -9.27 28.28 -25.54
C8 NAG M . -10.58 28.23 -26.27
N2 NAG M . -8.23 27.72 -26.14
O3 NAG M . -6.41 29.92 -26.34
O4 NAG M . -3.62 29.22 -26.57
O5 NAG M . -5.04 26.29 -24.88
O6 NAG M . -2.68 25.67 -24.19
O7 NAG M . -9.18 28.82 -24.44
C1 EDO N . -1.49 14.05 5.28
O1 EDO N . -2.14 15.01 4.44
C2 EDO N . -0.03 14.47 5.51
O2 EDO N . 0.02 15.74 6.17
C1 EDO O . 7.22 1.46 7.27
O1 EDO O . 8.24 2.44 7.05
C2 EDO O . 7.69 0.32 8.17
O2 EDO O . 7.70 0.69 9.55
C1 NAG P . -6.96 -5.33 -12.09
C2 NAG P . -8.40 -4.91 -12.45
C3 NAG P . -9.07 -4.17 -11.28
C4 NAG P . -8.87 -4.92 -9.97
C5 NAG P . -7.41 -5.27 -9.77
C6 NAG P . -7.14 -6.09 -8.52
C7 NAG P . -8.64 -4.56 -14.87
C8 NAG P . -8.62 -3.55 -15.97
N2 NAG P . -8.41 -4.08 -13.64
O3 NAG P . -10.46 -4.04 -11.55
O4 NAG P . -9.32 -4.13 -8.88
O5 NAG P . -6.95 -6.05 -10.88
O6 NAG P . -5.81 -5.92 -8.06
O7 NAG P . -8.86 -5.75 -15.07
C1 NAG Q . 0.75 -43.72 -16.26
C2 NAG Q . 0.41 -45.20 -16.60
C3 NAG Q . -1.09 -45.39 -16.88
C4 NAG Q . -1.94 -44.75 -15.80
C5 NAG Q . -1.57 -43.29 -15.69
C6 NAG Q . -2.36 -42.54 -14.65
C7 NAG Q . 2.52 -45.66 -17.82
C8 NAG Q . 3.11 -46.18 -19.10
N2 NAG Q . 1.18 -45.65 -17.75
O3 NAG Q . -1.36 -46.79 -16.95
O4 NAG Q . -3.32 -44.87 -16.14
O5 NAG Q . -0.19 -43.21 -15.31
O6 NAG Q . -1.86 -41.23 -14.44
O7 NAG Q . 3.22 -45.29 -16.89
C1 NAG R . 10.93 -45.54 -17.22
C2 NAG R . 10.69 -45.54 -18.74
C3 NAG R . 12.02 -45.49 -19.48
C4 NAG R . 12.85 -44.29 -19.01
C5 NAG R . 13.01 -44.34 -17.49
C6 NAG R . 13.72 -43.13 -16.94
C7 NAG R . 8.61 -46.80 -19.04
C8 NAG R . 7.98 -48.08 -19.50
N2 NAG R . 9.93 -46.72 -19.14
O3 NAG R . 11.77 -45.38 -20.88
O4 NAG R . 14.13 -44.31 -19.62
O5 NAG R . 11.72 -44.38 -16.87
O6 NAG R . 14.24 -43.38 -15.64
O7 NAG R . 7.93 -45.88 -18.59
C1 PGE S . -4.55 -21.36 14.18
O1 PGE S . -4.03 -22.57 13.64
C2 PGE S . -4.28 -21.32 15.67
O2 PGE S . -4.76 -20.11 16.21
C3 PGE S . -5.67 -20.28 17.27
C4 PGE S . -5.49 -19.16 18.27
O4 PGE S . -8.87 -16.00 18.58
C6 PGE S . -7.47 -16.06 18.31
C5 PGE S . -6.92 -17.38 18.84
O3 PGE S . -6.19 -18.01 17.81
C1 EDO T . 0.41 -0.12 0.26
O1 EDO T . -0.21 0.63 -0.80
C2 EDO T . 0.57 0.77 1.50
O2 EDO T . -0.42 1.82 1.51
C1 NAG U . 37.26 47.70 2.46
C2 NAG U . 36.90 49.19 2.42
C3 NAG U . 37.45 49.85 1.16
C4 NAG U . 38.93 49.57 1.01
C5 NAG U . 39.21 48.07 1.08
C6 NAG U . 40.67 47.74 1.06
C7 NAG U . 34.78 49.35 3.67
C8 NAG U . 33.31 49.57 3.57
N2 NAG U . 35.46 49.38 2.51
O3 NAG U . 37.22 51.24 1.21
O4 NAG U . 39.40 50.08 -0.24
O5 NAG U . 38.68 47.54 2.31
O6 NAG U . 40.89 46.34 1.17
O7 NAG U . 35.34 49.16 4.74
C1 NAG V . -34.70 -48.03 -0.24
C2 NAG V . -34.39 -49.51 -0.39
C3 NAG V . -35.20 -50.10 -1.54
C4 NAG V . -36.68 -49.84 -1.32
C5 NAG V . -36.94 -48.34 -1.09
C6 NAG V . -38.36 -48.04 -0.69
C7 NAG V . -32.18 -50.30 0.33
C8 NAG V . -30.75 -50.44 -0.03
N2 NAG V . -32.97 -49.73 -0.60
O3 NAG V . -34.95 -51.49 -1.62
O4 NAG V . -37.42 -50.25 -2.46
O5 NAG V . -36.10 -47.86 -0.02
O6 NAG V . -38.49 -46.75 -0.11
O7 NAG V . -32.64 -50.69 1.41
#